data_7STN
#
_entry.id   7STN
#
_cell.length_a   1.00
_cell.length_b   1.00
_cell.length_c   1.00
_cell.angle_alpha   90.00
_cell.angle_beta   90.00
_cell.angle_gamma   90.00
#
_symmetry.space_group_name_H-M   'P 1'
#
loop_
_entity.id
_entity.type
_entity.pdbx_description
1 polymer 'Chitin synthase'
2 non-polymer 1,2-Distearoyl-sn-glycerophosphoethanolamine
3 non-polymer '(2S)-{[(2S,3S,4S)-2-amino-4-hydroxy-4-(5-hydroxypyridin-2-yl)-3-methylbutanoyl]amino}[(2R,3S,4R,5R)-5-(2,4-dioxo-3,4-dihydropyrimidin-1(2H)-yl)-3,4-dihydroxyoxolan-2-yl]acetic acid (non-preferred name)'
#
_entity_poly.entity_id   1
_entity_poly.type   'polypeptide(L)'
_entity_poly.pdbx_seq_one_letter_code
;MSYNNPNNSNSHLRPHAYNNSRRDDSDGDESSIEFLNQRSNTPLTQGTYNYHNTSTNSLNFQQPEPIYRNQTRTSLSDSY
YDHPIFDTSQTQIQPPHDNPFTESYEMTDTSYQGNDHHYRTGQPNHLMNPTYNQAFIPHVYDEEDNDEQEYDQRIQYNQF
QGDHFDLAAISYADDESQSQLDYVPTERVIPEGEEEEEEGETSFEKEPGSETISGPFGEERSFEEPPPQQEVRSKKLTRA
TGLNGHLVLDCPVADELLSKFPDYNPAEKSGGLSREFAFMRYTAVTCGPSNFYRDAYILRPVHYPIPRQTELMIVITMYN
EDDILLGRTLKGVFKNIKYLESKARSSTWGKDSWKKIVVCIVSDGRTKINERAQALLAGLGVYQEGLAKSRVDDKKVQAH
MFEYTTRVGISKVTDDVVKLTTEKVVPVQMLFCLKETNAKKINSHRWCFQAIGQVLDPKIVVLLDCGTQPSGRSLYELWK
EFDRDHRVAGACGEITTSLKKRQMITNPLVYGQNFEYKISNILDKPTESSFGFISVLPGAFSAYRFIALQNDINGVGPLE
KYFKGEFLHSSGELDPNDDEFQMKHLMLKEEAGIFTSNMYLAEDRILCFELVAKRGCNWLLRYCKSARAETDVPEGLAEF
ILQRRRWLNGSFFAAIYSLVHFYKVWTSSHSFGRKIFLHIEFFYQLINLIVSWFSIGSYFLVFRILTTSLGDKALGFAPG
KILSVIFLWLYLASIVTTFVLSFGNKPKGTEKFYVTIVIFFAILMAYMIFAAIFMAVHSIQDIYRSGTRITVSLFFQNSE
FRDLVVATSSTYALYFLASFLYFEPWHMFTSFVQYILLSPSYVNVLNIYAFCNIDDISWGTKGEVGGKSLGEAKLREDGT
FDVSVPISKEQINQSYLDQLEKIRDPAPPEEKVLVTNTEDYYAFIRSMTVLVWMFTNFVVIALVLETGGFNQFVEATDLA
NLKSNRAAVFLTVILWTVAFMALFRFIGCIYYLITRLGREIKASEHATKANSLEVLFQGPDYKDDDDKAHHHHHHHHHH
;
_entity_poly.pdbx_strand_id   A,B
#
loop_
_chem_comp.id
_chem_comp.type
_chem_comp.name
_chem_comp.formula
3PE non-polymer 1,2-Distearoyl-sn-glycerophosphoethanolamine 'C41 H82 N O8 P'
BGI non-polymer '(2S)-{[(2S,3S,4S)-2-amino-4-hydroxy-4-(5-hydroxypyridin-2-yl)-3-methylbutanoyl]amino}[(2R,3S,4R,5R)-5-(2,4-dioxo-3,4-dihydropyrimidin-1(2H)-yl)-3,4-dihydroxyoxolan-2-yl]acetic acid (non-preferred name)' 'C20 H25 N5 O10'
#
# COMPACT_ATOMS: atom_id res chain seq x y z
N ALA A 135 2.97 -45.92 13.36
CA ALA A 135 4.00 -44.98 12.93
C ALA A 135 5.22 -45.72 12.40
N PHE A 136 5.60 -46.78 13.08
CA PHE A 136 6.75 -47.60 12.71
C PHE A 136 6.29 -48.84 11.96
N ILE A 137 6.93 -49.12 10.83
CA ILE A 137 6.60 -50.28 10.02
C ILE A 137 7.86 -50.98 9.56
N ASN A 146 16.08 -50.39 -5.81
CA ASN A 146 17.11 -51.40 -6.03
C ASN A 146 18.48 -50.83 -5.69
N ASP A 147 18.72 -49.58 -6.11
CA ASP A 147 19.97 -48.92 -5.77
C ASP A 147 20.15 -48.80 -4.26
N GLU A 148 19.06 -48.55 -3.54
CA GLU A 148 19.14 -48.49 -2.09
C GLU A 148 19.58 -49.83 -1.50
N GLN A 149 19.12 -50.93 -2.09
CA GLN A 149 19.50 -52.24 -1.58
C GLN A 149 21.01 -52.46 -1.67
N GLU A 150 21.63 -52.02 -2.77
CA GLU A 150 23.07 -52.15 -2.90
C GLU A 150 23.80 -51.50 -1.73
N TYR A 151 23.31 -50.34 -1.28
CA TYR A 151 23.97 -49.65 -0.18
C TYR A 151 23.93 -50.49 1.09
N ASP A 152 22.79 -51.12 1.38
CA ASP A 152 22.66 -51.88 2.62
C ASP A 152 23.64 -53.04 2.67
N GLN A 153 23.90 -53.69 1.54
CA GLN A 153 24.77 -54.87 1.53
C GLN A 153 26.17 -54.52 2.03
N ARG A 154 26.71 -53.39 1.58
CA ARG A 154 28.07 -53.02 1.92
C ARG A 154 28.22 -52.52 3.37
N ILE A 155 27.11 -52.12 4.01
CA ILE A 155 27.15 -51.58 5.36
C ILE A 155 26.97 -52.72 6.36
N GLN A 156 27.88 -52.78 7.34
CA GLN A 156 27.80 -53.83 8.35
C GLN A 156 26.56 -53.68 9.23
N TYR A 157 26.29 -52.46 9.69
CA TYR A 157 25.12 -52.14 10.52
C TYR A 157 25.26 -52.71 11.93
N ASN A 158 26.32 -53.45 12.21
CA ASN A 158 26.52 -54.03 13.54
C ASN A 158 27.34 -53.16 14.46
N GLN A 159 28.18 -52.27 13.92
CA GLN A 159 29.11 -51.45 14.69
C GLN A 159 28.75 -49.98 14.48
N PHE A 160 27.94 -49.42 15.38
CA PHE A 160 27.57 -48.02 15.35
C PHE A 160 27.63 -47.43 16.76
N GLN A 161 28.67 -47.75 17.51
CA GLN A 161 28.84 -47.23 18.85
C GLN A 161 29.28 -45.77 18.79
N GLY A 162 28.61 -44.91 19.55
CA GLY A 162 28.94 -43.50 19.56
C GLY A 162 30.03 -43.15 20.55
N ASP A 163 30.63 -41.99 20.34
CA ASP A 163 31.69 -41.52 21.22
C ASP A 163 31.10 -40.95 22.51
N HIS A 164 31.89 -41.07 23.59
CA HIS A 164 31.46 -40.58 24.88
C HIS A 164 31.70 -39.08 25.01
N PHE A 165 30.72 -38.38 25.57
CA PHE A 165 30.81 -36.94 25.78
C PHE A 165 30.25 -36.58 27.15
N ASP A 166 30.71 -35.46 27.68
CA ASP A 166 30.31 -35.02 29.01
C ASP A 166 28.87 -34.50 28.98
N LEU A 167 28.08 -34.92 29.96
CA LEU A 167 26.68 -34.50 30.06
C LEU A 167 26.55 -33.30 31.00
N ALA A 168 25.35 -32.73 31.01
CA ALA A 168 25.01 -31.62 31.90
C ALA A 168 24.05 -32.13 32.96
N ALA A 169 24.37 -31.89 34.23
CA ALA A 169 23.54 -32.38 35.32
C ALA A 169 22.15 -31.75 35.27
N ILE A 170 21.13 -32.58 35.45
CA ILE A 170 19.73 -32.15 35.49
C ILE A 170 19.11 -32.83 36.71
N SER A 171 18.84 -32.04 37.74
CA SER A 171 18.24 -32.58 38.96
C SER A 171 16.88 -33.20 38.66
N THR A 238 14.04 -27.74 39.59
CA THR A 238 14.92 -28.68 38.90
C THR A 238 16.16 -27.97 38.39
N ARG A 239 17.04 -27.58 39.32
CA ARG A 239 18.25 -26.85 38.95
C ARG A 239 19.13 -27.71 38.05
N ALA A 240 19.63 -27.11 36.97
CA ALA A 240 20.49 -27.80 36.01
C ALA A 240 21.72 -26.93 35.73
N THR A 241 22.86 -27.58 35.57
CA THR A 241 24.11 -26.88 35.29
C THR A 241 24.25 -26.66 33.79
N GLY A 242 24.72 -25.46 33.43
CA GLY A 242 24.91 -25.08 32.03
C GLY A 242 26.39 -24.93 31.72
N LEU A 243 26.78 -25.40 30.54
CA LEU A 243 28.18 -25.33 30.13
C LEU A 243 28.54 -23.90 29.73
N ASN A 244 29.69 -23.44 30.23
CA ASN A 244 30.23 -22.13 29.86
C ASN A 244 29.28 -20.99 30.21
N GLY A 245 28.48 -21.18 31.24
CA GLY A 245 27.55 -20.14 31.65
C GLY A 245 26.33 -19.97 30.78
N HIS A 246 26.11 -20.88 29.83
CA HIS A 246 24.96 -20.83 28.94
C HIS A 246 23.97 -21.92 29.33
N LEU A 247 22.71 -21.72 28.94
CA LEU A 247 21.63 -22.65 29.27
C LEU A 247 21.76 -23.86 28.36
N VAL A 248 22.28 -24.96 28.90
CA VAL A 248 22.46 -26.20 28.17
C VAL A 248 21.87 -27.33 28.99
N LEU A 249 21.06 -28.17 28.36
CA LEU A 249 20.40 -29.29 29.03
C LEU A 249 20.58 -30.54 28.18
N ASP A 250 21.02 -31.63 28.82
CA ASP A 250 21.16 -32.93 28.18
C ASP A 250 20.07 -33.84 28.76
N CYS A 251 18.88 -33.79 28.15
CA CYS A 251 17.75 -34.57 28.63
C CYS A 251 17.75 -35.95 27.99
N PRO A 252 17.12 -36.93 28.63
CA PRO A 252 17.02 -38.27 28.04
C PRO A 252 15.88 -38.36 27.04
N VAL A 253 16.10 -39.20 26.02
CA VAL A 253 15.08 -39.40 25.00
C VAL A 253 14.06 -40.43 25.47
N ALA A 254 12.92 -40.45 24.80
CA ALA A 254 11.87 -41.40 25.15
C ALA A 254 12.39 -42.82 25.10
N ASP A 255 11.98 -43.63 26.09
CA ASP A 255 12.51 -44.99 26.20
C ASP A 255 12.16 -45.84 24.99
N GLU A 256 11.00 -45.60 24.37
CA GLU A 256 10.62 -46.40 23.20
C GLU A 256 11.59 -46.19 22.05
N LEU A 257 12.02 -44.94 21.83
CA LEU A 257 12.98 -44.68 20.76
C LEU A 257 14.28 -45.44 20.99
N LEU A 258 14.75 -45.48 22.24
CA LEU A 258 15.93 -46.28 22.56
C LEU A 258 15.65 -47.76 22.33
N SER A 259 14.46 -48.22 22.70
CA SER A 259 14.14 -49.64 22.57
C SER A 259 14.14 -50.08 21.11
N LYS A 260 13.71 -49.20 20.20
CA LYS A 260 13.69 -49.57 18.79
C LYS A 260 15.06 -50.01 18.28
N PHE A 261 16.13 -49.43 18.82
CA PHE A 261 17.45 -49.70 18.28
C PHE A 261 17.83 -51.16 18.50
N PRO A 262 18.42 -51.83 17.51
CA PRO A 262 18.81 -53.24 17.71
C PRO A 262 19.77 -53.44 18.87
N ASP A 263 20.71 -52.52 19.08
CA ASP A 263 21.69 -52.67 20.14
C ASP A 263 21.09 -52.53 21.53
N TYR A 264 19.84 -52.07 21.63
CA TYR A 264 19.20 -51.91 22.93
C TYR A 264 19.12 -53.25 23.65
N ASN A 265 19.38 -53.23 24.95
CA ASN A 265 19.31 -54.41 25.80
C ASN A 265 18.32 -54.12 26.93
N PRO A 266 17.29 -54.95 27.14
CA PRO A 266 16.36 -54.66 28.24
C PRO A 266 17.03 -54.58 29.60
N ALA A 267 18.05 -55.41 29.84
CA ALA A 267 18.72 -55.40 31.14
C ALA A 267 19.39 -54.06 31.40
N GLU A 268 20.06 -53.50 30.40
CA GLU A 268 20.74 -52.23 30.57
C GLU A 268 19.73 -51.13 30.88
N LYS A 269 20.12 -50.22 31.77
CA LYS A 269 19.24 -49.11 32.13
C LYS A 269 18.94 -48.23 30.91
N SER A 270 19.96 -47.92 30.11
CA SER A 270 19.80 -47.14 28.90
C SER A 270 19.88 -48.01 27.64
N GLY A 271 19.92 -49.34 27.81
CA GLY A 271 20.04 -50.23 26.68
C GLY A 271 21.45 -50.44 26.17
N GLY A 272 22.45 -49.90 26.86
CA GLY A 272 23.82 -50.00 26.42
C GLY A 272 24.21 -49.01 25.34
N LEU A 273 23.33 -48.06 25.02
CA LEU A 273 23.61 -47.08 23.98
C LEU A 273 24.66 -46.09 24.45
N SER A 274 25.35 -45.49 23.48
CA SER A 274 26.35 -44.48 23.78
C SER A 274 25.68 -43.23 24.34
N ARG A 275 26.51 -42.33 24.87
CA ARG A 275 25.99 -41.10 25.47
C ARG A 275 25.26 -40.25 24.43
N GLU A 276 25.81 -40.14 23.23
CA GLU A 276 25.19 -39.30 22.21
C GLU A 276 23.84 -39.85 21.78
N PHE A 277 23.73 -41.18 21.63
CA PHE A 277 22.47 -41.77 21.22
C PHE A 277 21.42 -41.78 22.33
N ALA A 278 21.84 -41.62 23.58
CA ALA A 278 20.93 -41.73 24.71
C ALA A 278 20.33 -40.40 25.12
N PHE A 279 21.09 -39.31 25.01
CA PHE A 279 20.67 -38.01 25.51
C PHE A 279 20.62 -37.00 24.37
N MET A 280 19.59 -36.17 24.37
CA MET A 280 19.44 -35.08 23.41
C MET A 280 19.77 -33.77 24.10
N ARG A 281 20.53 -32.92 23.40
CA ARG A 281 21.06 -31.69 23.96
C ARG A 281 20.27 -30.49 23.44
N TYR A 282 19.94 -29.59 24.36
CA TYR A 282 19.21 -28.36 24.05
C TYR A 282 20.03 -27.17 24.51
N THR A 283 20.14 -26.16 23.64
CA THR A 283 20.86 -24.94 23.94
C THR A 283 19.99 -23.74 23.57
N ALA A 284 20.01 -22.72 24.42
CA ALA A 284 19.29 -21.48 24.18
C ALA A 284 20.31 -20.40 23.81
N VAL A 285 20.12 -19.80 22.63
CA VAL A 285 21.03 -18.80 22.09
C VAL A 285 20.35 -17.44 22.19
N THR A 286 21.02 -16.50 22.85
CA THR A 286 20.49 -15.16 23.06
C THR A 286 21.22 -14.09 22.26
N CYS A 287 22.50 -14.30 21.95
CA CYS A 287 23.30 -13.25 21.33
C CYS A 287 22.87 -12.97 19.90
N GLY A 288 22.72 -14.03 19.09
CA GLY A 288 22.42 -13.87 17.69
C GLY A 288 23.60 -14.27 16.81
N PRO A 289 23.39 -14.23 15.49
CA PRO A 289 24.43 -14.74 14.59
C PRO A 289 25.77 -14.04 14.74
N SER A 290 25.79 -12.73 14.95
CA SER A 290 27.05 -11.99 14.89
C SER A 290 28.00 -12.42 16.00
N ASN A 291 27.48 -12.58 17.23
CA ASN A 291 28.31 -12.85 18.39
C ASN A 291 28.26 -14.32 18.83
N PHE A 292 27.69 -15.20 18.00
CA PHE A 292 27.59 -16.60 18.39
C PHE A 292 28.98 -17.21 18.60
N TYR A 293 29.91 -16.94 17.70
CA TYR A 293 31.26 -17.49 17.85
C TYR A 293 32.03 -16.80 18.97
N ARG A 294 31.84 -15.49 19.12
CA ARG A 294 32.56 -14.76 20.17
C ARG A 294 32.18 -15.30 21.54
N ASP A 295 30.90 -15.54 21.78
CA ASP A 295 30.46 -16.16 23.02
C ASP A 295 30.85 -17.64 23.02
N ALA A 296 30.91 -18.21 24.23
CA ALA A 296 31.35 -19.59 24.41
C ALA A 296 30.20 -20.57 24.15
N TYR A 297 29.65 -20.47 22.94
CA TYR A 297 28.63 -21.41 22.47
C TYR A 297 29.35 -22.55 21.76
N ILE A 298 29.29 -23.75 22.33
CA ILE A 298 29.99 -24.92 21.83
C ILE A 298 28.97 -25.93 21.34
N LEU A 299 29.12 -26.36 20.09
CA LEU A 299 28.27 -27.40 19.53
C LEU A 299 28.84 -28.78 19.87
N ARG A 300 27.94 -29.76 19.97
CA ARG A 300 28.36 -31.08 20.41
C ARG A 300 29.44 -31.70 19.52
N PRO A 301 29.37 -31.60 18.19
CA PRO A 301 30.43 -32.22 17.37
C PRO A 301 31.83 -31.77 17.73
N VAL A 302 32.01 -30.50 18.09
CA VAL A 302 33.32 -29.99 18.48
C VAL A 302 33.59 -30.15 19.97
N HIS A 303 32.63 -30.65 20.74
CA HIS A 303 32.77 -30.78 22.17
C HIS A 303 33.32 -32.13 22.61
N TYR A 304 33.50 -33.07 21.68
CA TYR A 304 34.00 -34.38 22.04
C TYR A 304 35.46 -34.30 22.47
N PRO A 305 35.92 -35.27 23.28
CA PRO A 305 37.34 -35.26 23.66
C PRO A 305 38.27 -35.27 22.47
N ILE A 306 37.91 -36.01 21.42
CA ILE A 306 38.63 -36.00 20.15
C ILE A 306 37.82 -35.15 19.18
N PRO A 307 38.30 -33.96 18.79
CA PRO A 307 37.48 -33.10 17.93
C PRO A 307 37.14 -33.77 16.61
N ARG A 308 35.93 -33.50 16.13
CA ARG A 308 35.45 -34.02 14.85
C ARG A 308 35.48 -32.90 13.82
N GLN A 309 36.08 -33.19 12.66
CA GLN A 309 36.19 -32.22 11.57
C GLN A 309 35.06 -32.47 10.57
N THR A 310 34.27 -31.45 10.31
CA THR A 310 33.14 -31.56 9.40
C THR A 310 33.60 -31.49 7.96
N GLU A 311 33.03 -32.35 7.12
CA GLU A 311 33.35 -32.38 5.70
C GLU A 311 32.22 -31.93 4.80
N LEU A 312 30.97 -31.99 5.28
CA LEU A 312 29.83 -31.67 4.43
C LEU A 312 28.68 -31.25 5.33
N MET A 313 28.34 -29.96 5.32
CA MET A 313 27.24 -29.42 6.12
C MET A 313 26.03 -29.26 5.22
N ILE A 314 24.98 -30.03 5.50
CA ILE A 314 23.77 -30.05 4.68
C ILE A 314 22.74 -29.17 5.38
N VAL A 315 22.55 -27.96 4.86
CA VAL A 315 21.63 -26.99 5.43
C VAL A 315 20.26 -27.17 4.80
N ILE A 316 19.22 -27.14 5.64
CA ILE A 316 17.85 -27.25 5.19
C ILE A 316 17.06 -26.08 5.79
N THR A 317 16.31 -25.39 4.95
CA THR A 317 15.52 -24.23 5.36
C THR A 317 14.04 -24.60 5.31
N MET A 318 13.32 -24.29 6.39
CA MET A 318 11.91 -24.61 6.51
C MET A 318 11.14 -23.39 6.99
N TYR A 319 9.91 -23.26 6.49
CA TYR A 319 9.03 -22.17 6.89
C TYR A 319 7.59 -22.64 6.64
N ASN A 320 6.90 -23.00 7.73
CA ASN A 320 5.51 -23.45 7.68
C ASN A 320 5.26 -24.47 6.57
N GLU A 321 6.25 -25.32 6.33
CA GLU A 321 6.14 -26.35 5.30
C GLU A 321 5.46 -27.59 5.86
N ASP A 322 4.71 -28.27 5.01
CA ASP A 322 4.04 -29.49 5.42
C ASP A 322 5.06 -30.56 5.80
N ASP A 323 4.60 -31.53 6.60
CA ASP A 323 5.47 -32.63 7.00
C ASP A 323 5.90 -33.48 5.82
N ILE A 324 5.11 -33.50 4.74
CA ILE A 324 5.44 -34.33 3.60
C ILE A 324 6.73 -33.85 2.93
N LEU A 325 6.84 -32.54 2.73
CA LEU A 325 8.02 -31.98 2.06
C LEU A 325 9.28 -32.25 2.89
N LEU A 326 9.20 -32.00 4.20
CA LEU A 326 10.35 -32.26 5.06
C LEU A 326 10.69 -33.74 5.07
N GLY A 327 9.67 -34.61 5.08
CA GLY A 327 9.94 -36.03 5.03
C GLY A 327 10.67 -36.44 3.76
N ARG A 328 10.24 -35.90 2.62
CA ARG A 328 10.92 -36.21 1.37
C ARG A 328 12.36 -35.72 1.38
N THR A 329 12.58 -34.49 1.86
CA THR A 329 13.93 -33.95 1.91
C THR A 329 14.83 -34.80 2.80
N LEU A 330 14.32 -35.18 3.97
CA LEU A 330 15.10 -35.97 4.91
C LEU A 330 15.36 -37.37 4.37
N LYS A 331 14.38 -37.94 3.66
CA LYS A 331 14.61 -39.25 3.03
C LYS A 331 15.73 -39.17 2.01
N GLY A 332 15.71 -38.13 1.18
CA GLY A 332 16.79 -37.97 0.21
C GLY A 332 18.15 -37.81 0.87
N VAL A 333 18.21 -36.99 1.91
CA VAL A 333 19.48 -36.76 2.59
C VAL A 333 19.98 -38.05 3.24
N PHE A 334 19.06 -38.80 3.88
CA PHE A 334 19.45 -40.05 4.51
C PHE A 334 19.94 -41.07 3.48
N LYS A 335 19.28 -41.13 2.32
CA LYS A 335 19.74 -42.03 1.27
C LYS A 335 21.13 -41.65 0.79
N ASN A 336 21.38 -40.35 0.62
CA ASN A 336 22.71 -39.92 0.21
C ASN A 336 23.77 -40.29 1.25
N ILE A 337 23.44 -40.09 2.53
CA ILE A 337 24.40 -40.43 3.59
C ILE A 337 24.66 -41.93 3.61
N LYS A 338 23.60 -42.72 3.41
CA LYS A 338 23.78 -44.18 3.37
C LYS A 338 24.67 -44.58 2.22
N TYR A 339 24.48 -43.97 1.05
CA TYR A 339 25.36 -44.28 -0.09
C TYR A 339 26.81 -43.90 0.23
N LEU A 340 27.02 -42.74 0.84
CA LEU A 340 28.37 -42.34 1.19
C LEU A 340 29.00 -43.32 2.16
N GLU A 341 28.23 -43.78 3.15
CA GLU A 341 28.74 -44.78 4.09
C GLU A 341 29.09 -46.08 3.37
N SER A 342 28.25 -46.51 2.43
CA SER A 342 28.46 -47.79 1.77
C SER A 342 29.71 -47.79 0.89
N LYS A 343 30.12 -46.62 0.42
CA LYS A 343 31.28 -46.54 -0.46
C LYS A 343 32.50 -47.16 0.22
N ALA A 344 33.17 -48.06 -0.50
CA ALA A 344 34.28 -48.83 0.06
C ALA A 344 35.63 -48.28 -0.37
N ARG A 345 35.88 -48.21 -1.67
CA ARG A 345 37.19 -47.78 -2.20
C ARG A 345 37.22 -46.25 -2.36
N SER A 346 37.10 -45.57 -1.22
CA SER A 346 37.16 -44.11 -1.17
C SER A 346 38.09 -43.69 -0.05
N SER A 347 39.02 -42.78 -0.36
CA SER A 347 39.96 -42.31 0.65
C SER A 347 39.25 -41.54 1.75
N THR A 348 38.30 -40.69 1.41
CA THR A 348 37.65 -39.82 2.39
C THR A 348 36.38 -40.45 2.95
N TRP A 349 35.60 -41.14 2.13
CA TRP A 349 34.34 -41.72 2.56
C TRP A 349 34.49 -43.20 2.88
N GLY A 350 33.48 -43.75 3.55
CA GLY A 350 33.47 -45.15 3.92
C GLY A 350 33.02 -45.38 5.34
N LYS A 351 33.72 -46.25 6.06
CA LYS A 351 33.38 -46.53 7.44
C LYS A 351 33.46 -45.27 8.28
N ASP A 352 32.46 -45.07 9.13
CA ASP A 352 32.40 -43.90 10.02
C ASP A 352 32.39 -42.59 9.24
N SER A 353 31.75 -42.59 8.07
CA SER A 353 31.63 -41.36 7.30
C SER A 353 30.56 -40.44 7.87
N TRP A 354 29.57 -41.00 8.56
CA TRP A 354 28.49 -40.19 9.12
C TRP A 354 28.99 -39.19 10.16
N LYS A 355 30.18 -39.40 10.71
CA LYS A 355 30.72 -38.47 11.68
C LYS A 355 31.17 -37.15 11.03
N LYS A 356 31.40 -37.15 9.72
CA LYS A 356 31.86 -35.96 9.02
C LYS A 356 30.73 -35.15 8.42
N ILE A 357 29.48 -35.58 8.57
CA ILE A 357 28.33 -34.95 7.94
C ILE A 357 27.39 -34.47 9.03
N VAL A 358 26.98 -33.20 8.95
CA VAL A 358 26.05 -32.60 9.89
C VAL A 358 24.88 -32.03 9.10
N VAL A 359 23.66 -32.35 9.53
CA VAL A 359 22.44 -31.86 8.91
C VAL A 359 21.88 -30.76 9.78
N CYS A 360 21.76 -29.55 9.23
CA CYS A 360 21.26 -28.39 9.94
C CYS A 360 19.91 -27.99 9.37
N ILE A 361 18.90 -27.90 10.22
CA ILE A 361 17.56 -27.49 9.84
C ILE A 361 17.27 -26.17 10.54
N VAL A 362 17.08 -25.12 9.76
CA VAL A 362 16.81 -23.78 10.28
C VAL A 362 15.36 -23.46 9.96
N SER A 363 14.50 -23.50 10.97
CA SER A 363 13.09 -23.18 10.81
C SER A 363 12.88 -21.70 11.11
N ASP A 364 12.14 -21.02 10.24
CA ASP A 364 11.91 -19.58 10.34
C ASP A 364 10.58 -19.35 11.06
N GLY A 365 10.65 -18.84 12.28
CA GLY A 365 9.45 -18.49 13.03
C GLY A 365 9.00 -19.59 13.97
N ARG A 366 9.06 -19.33 15.28
CA ARG A 366 8.60 -20.33 16.25
C ARG A 366 7.10 -20.54 16.16
N THR A 367 6.34 -19.47 15.97
CA THR A 367 4.89 -19.55 15.93
C THR A 367 4.33 -19.86 14.54
N LYS A 368 5.18 -19.88 13.50
CA LYS A 368 4.72 -20.16 12.16
C LYS A 368 5.08 -21.56 11.69
N ILE A 369 5.96 -22.26 12.41
CA ILE A 369 6.32 -23.63 12.02
C ILE A 369 5.09 -24.51 12.06
N ASN A 370 4.93 -25.33 11.02
CA ASN A 370 3.79 -26.24 10.96
C ASN A 370 3.90 -27.28 12.07
N GLU A 371 2.74 -27.63 12.64
CA GLU A 371 2.73 -28.57 13.76
C GLU A 371 3.09 -29.98 13.32
N ARG A 372 2.73 -30.37 12.11
CA ARG A 372 2.99 -31.74 11.66
C ARG A 372 4.48 -31.95 11.39
N ALA A 373 5.14 -30.95 10.81
CA ALA A 373 6.59 -31.03 10.63
C ALA A 373 7.30 -31.09 11.97
N GLN A 374 6.82 -30.32 12.95
CA GLN A 374 7.39 -30.38 14.29
C GLN A 374 7.19 -31.76 14.91
N ALA A 375 6.03 -32.37 14.66
CA ALA A 375 5.80 -33.73 15.14
C ALA A 375 6.75 -34.70 14.47
N LEU A 376 7.03 -34.51 13.17
CA LEU A 376 8.00 -35.35 12.49
C LEU A 376 9.37 -35.22 13.14
N LEU A 377 9.80 -33.99 13.40
CA LEU A 377 11.10 -33.77 14.02
C LEU A 377 11.16 -34.41 15.40
N ALA A 378 10.07 -34.30 16.17
CA ALA A 378 10.02 -34.95 17.47
C ALA A 378 10.11 -36.46 17.33
N GLY A 379 9.43 -37.02 16.32
CA GLY A 379 9.53 -38.45 16.06
C GLY A 379 10.95 -38.87 15.77
N LEU A 380 11.70 -38.04 15.05
CA LEU A 380 13.13 -38.28 14.89
C LEU A 380 13.86 -38.27 16.24
N GLY A 381 13.25 -37.66 17.26
CA GLY A 381 13.87 -37.53 18.56
C GLY A 381 14.65 -36.26 18.78
N VAL A 382 14.75 -35.40 17.76
CA VAL A 382 15.53 -34.17 17.90
C VAL A 382 14.82 -33.19 18.82
N TYR A 383 13.51 -33.03 18.66
CA TYR A 383 12.77 -31.96 19.30
C TYR A 383 11.93 -32.49 20.47
N GLN A 384 11.97 -31.76 21.57
CA GLN A 384 11.10 -31.98 22.72
C GLN A 384 10.48 -30.67 23.15
N GLU A 385 9.20 -30.72 23.54
CA GLU A 385 8.45 -29.48 23.78
C GLU A 385 8.85 -28.80 25.07
N GLY A 386 9.05 -29.56 26.15
CA GLY A 386 9.23 -28.97 27.46
C GLY A 386 10.49 -28.14 27.61
N LEU A 387 11.55 -28.51 26.90
CA LEU A 387 12.85 -27.89 27.14
C LEU A 387 12.84 -26.40 26.84
N ALA A 388 12.16 -25.99 25.77
CA ALA A 388 12.27 -24.62 25.28
C ALA A 388 11.94 -23.61 26.36
N LYS A 389 12.77 -22.58 26.47
CA LYS A 389 12.60 -21.50 27.43
C LYS A 389 12.60 -20.17 26.70
N SER A 390 11.68 -19.28 27.11
CA SER A 390 11.55 -18.00 26.41
C SER A 390 12.68 -17.03 26.74
N ARG A 391 13.07 -16.95 28.02
CA ARG A 391 14.06 -15.99 28.47
C ARG A 391 15.07 -16.66 29.39
N VAL A 392 16.28 -16.11 29.40
CA VAL A 392 17.35 -16.55 30.29
C VAL A 392 18.08 -15.31 30.82
N ASP A 393 18.18 -15.22 32.14
CA ASP A 393 18.91 -14.13 32.78
C ASP A 393 18.42 -12.77 32.29
N ASP A 394 17.11 -12.64 32.15
CA ASP A 394 16.49 -11.40 31.68
C ASP A 394 16.93 -11.04 30.26
N LYS A 395 17.32 -12.04 29.47
CA LYS A 395 17.73 -11.85 28.09
C LYS A 395 16.88 -12.74 27.20
N LYS A 396 16.34 -12.16 26.13
CA LYS A 396 15.49 -12.91 25.22
C LYS A 396 16.31 -13.97 24.48
N VAL A 397 15.68 -15.13 24.25
CA VAL A 397 16.32 -16.22 23.54
C VAL A 397 16.00 -16.07 22.06
N GLN A 398 17.02 -15.76 21.26
CA GLN A 398 16.81 -15.56 19.84
C GLN A 398 16.48 -16.86 19.12
N ALA A 399 17.23 -17.93 19.43
CA ALA A 399 17.08 -19.19 18.73
C ALA A 399 17.16 -20.34 19.72
N HIS A 400 16.54 -21.46 19.34
CA HIS A 400 16.56 -22.69 20.12
C HIS A 400 17.22 -23.77 19.28
N MET A 401 18.28 -24.37 19.80
CA MET A 401 19.06 -25.38 19.09
C MET A 401 18.91 -26.73 19.78
N PHE A 402 18.50 -27.74 19.01
CA PHE A 402 18.41 -29.12 19.49
C PHE A 402 19.41 -29.97 18.72
N GLU A 403 20.22 -30.73 19.45
CA GLU A 403 21.26 -31.56 18.85
C GLU A 403 21.03 -33.01 19.26
N TYR A 404 21.04 -33.91 18.28
CA TYR A 404 20.80 -35.31 18.54
C TYR A 404 21.28 -36.14 17.36
N THR A 405 21.85 -37.31 17.65
CA THR A 405 22.31 -38.26 16.63
C THR A 405 21.21 -39.29 16.45
N THR A 406 20.29 -39.00 15.53
CA THR A 406 19.13 -39.85 15.32
C THR A 406 19.50 -41.10 14.53
N ARG A 407 18.92 -42.23 14.93
CA ARG A 407 19.04 -43.49 14.21
C ARG A 407 17.70 -43.91 13.60
N VAL A 408 16.82 -42.95 13.34
CA VAL A 408 15.49 -43.19 12.80
C VAL A 408 15.49 -42.76 11.34
N GLY A 409 15.06 -43.64 10.46
CA GLY A 409 15.05 -43.37 9.02
C GLY A 409 13.64 -43.44 8.47
N ILE A 410 13.35 -42.57 7.51
CA ILE A 410 12.04 -42.52 6.88
C ILE A 410 11.98 -43.63 5.83
N SER A 411 11.15 -44.65 6.07
CA SER A 411 11.04 -45.75 5.13
C SER A 411 10.38 -45.31 3.83
N LYS A 412 9.28 -44.58 3.93
CA LYS A 412 8.57 -44.12 2.75
C LYS A 412 7.77 -42.87 3.11
N VAL A 413 7.44 -42.09 2.09
CA VAL A 413 6.68 -40.86 2.25
C VAL A 413 5.54 -40.92 1.24
N THR A 414 4.36 -41.32 1.69
CA THR A 414 3.19 -41.39 0.84
C THR A 414 2.66 -39.98 0.58
N ASP A 415 1.54 -39.89 -0.13
CA ASP A 415 0.96 -38.58 -0.42
C ASP A 415 0.40 -37.92 0.84
N ASP A 416 -0.10 -38.72 1.79
CA ASP A 416 -0.79 -38.19 2.95
C ASP A 416 -0.08 -38.43 4.27
N VAL A 417 0.68 -39.53 4.40
CA VAL A 417 1.30 -39.89 5.66
C VAL A 417 2.77 -40.19 5.43
N VAL A 418 3.54 -40.12 6.53
CA VAL A 418 4.96 -40.40 6.54
C VAL A 418 5.22 -41.57 7.47
N LYS A 419 5.94 -42.57 6.98
CA LYS A 419 6.28 -43.76 7.76
C LYS A 419 7.78 -43.80 8.00
N LEU A 420 8.16 -43.92 9.26
CA LEU A 420 9.56 -43.97 9.67
C LEU A 420 9.83 -45.25 10.43
N THR A 421 10.99 -45.85 10.18
CA THR A 421 11.37 -47.12 10.81
C THR A 421 12.85 -47.07 11.18
N THR A 422 13.24 -47.97 12.07
CA THR A 422 14.61 -48.04 12.58
C THR A 422 15.44 -49.14 11.92
N GLU A 423 14.88 -49.86 10.96
CA GLU A 423 15.59 -50.97 10.34
C GLU A 423 16.51 -50.47 9.25
N LYS A 424 17.78 -50.87 9.32
CA LYS A 424 18.79 -50.50 8.32
C LYS A 424 18.87 -48.99 8.15
N VAL A 425 19.15 -48.31 9.26
CA VAL A 425 19.26 -46.85 9.30
C VAL A 425 20.65 -46.49 9.81
N VAL A 426 21.33 -45.62 9.08
CA VAL A 426 22.65 -45.13 9.47
C VAL A 426 22.45 -43.93 10.40
N PRO A 427 23.21 -43.82 11.48
CA PRO A 427 23.06 -42.64 12.35
C PRO A 427 23.36 -41.35 11.60
N VAL A 428 22.59 -40.31 11.92
CA VAL A 428 22.71 -39.01 11.28
C VAL A 428 22.75 -37.94 12.36
N GLN A 429 23.70 -37.01 12.24
CA GLN A 429 23.80 -35.90 13.17
C GLN A 429 22.81 -34.81 12.77
N MET A 430 21.94 -34.43 13.69
CA MET A 430 20.88 -33.47 13.43
C MET A 430 21.05 -32.28 14.35
N LEU A 431 20.98 -31.08 13.78
CA LEU A 431 20.99 -29.83 14.54
C LEU A 431 19.80 -29.00 14.08
N PHE A 432 18.81 -28.87 14.95
CA PHE A 432 17.56 -28.19 14.62
C PHE A 432 17.53 -26.84 15.32
N CYS A 433 17.69 -25.77 14.54
CA CYS A 433 17.74 -24.41 15.06
C CYS A 433 16.40 -23.75 14.79
N LEU A 434 15.58 -23.59 15.84
CA LEU A 434 14.29 -22.96 15.73
C LEU A 434 14.41 -21.49 16.14
N LYS A 435 14.11 -20.59 15.20
CA LYS A 435 14.23 -19.17 15.46
C LYS A 435 12.98 -18.64 16.16
N GLU A 436 13.18 -17.73 17.11
CA GLU A 436 12.06 -17.20 17.89
C GLU A 436 11.12 -16.39 17.00
N THR A 437 11.66 -15.54 16.14
CA THR A 437 10.86 -14.68 15.26
C THR A 437 11.39 -14.80 13.84
N ASN A 438 10.48 -14.68 12.88
CA ASN A 438 10.86 -14.82 11.48
C ASN A 438 11.58 -13.57 11.00
N ALA A 439 12.76 -13.77 10.43
CA ALA A 439 13.57 -12.69 9.88
C ALA A 439 14.04 -13.03 8.47
N LYS A 440 13.23 -13.81 7.75
CA LYS A 440 13.45 -14.12 6.35
C LYS A 440 14.65 -15.04 6.07
N LYS A 441 14.72 -15.49 4.82
CA LYS A 441 15.70 -16.49 4.43
C LYS A 441 17.13 -15.95 4.53
N ILE A 442 17.30 -14.64 4.35
CA ILE A 442 18.63 -14.06 4.50
C ILE A 442 19.10 -14.17 5.94
N ASN A 443 18.20 -13.95 6.90
CA ASN A 443 18.56 -14.16 8.31
C ASN A 443 18.82 -15.63 8.60
N SER A 444 18.04 -16.52 8.00
CA SER A 444 18.31 -17.94 8.15
C SER A 444 19.72 -18.28 7.66
N HIS A 445 20.08 -17.77 6.48
CA HIS A 445 21.40 -18.01 5.93
C HIS A 445 22.50 -17.35 6.76
N ARG A 446 22.21 -16.20 7.38
CA ARG A 446 23.15 -15.61 8.31
C ARG A 446 23.41 -16.54 9.48
N TRP A 447 22.35 -17.14 10.02
CA TRP A 447 22.53 -18.13 11.07
C TRP A 447 23.39 -19.29 10.58
N CYS A 448 23.13 -19.77 9.37
CA CYS A 448 23.87 -20.93 8.86
C CYS A 448 25.35 -20.62 8.68
N PHE A 449 25.67 -19.49 8.03
CA PHE A 449 27.06 -19.19 7.67
C PHE A 449 27.82 -18.48 8.79
N GLN A 450 27.31 -17.33 9.23
CA GLN A 450 28.09 -16.47 10.10
C GLN A 450 28.34 -17.10 11.47
N ALA A 451 27.42 -17.92 11.96
CA ALA A 451 27.47 -18.41 13.33
C ALA A 451 27.81 -19.90 13.43
N ILE A 452 27.01 -20.76 12.81
CA ILE A 452 27.26 -22.20 12.92
C ILE A 452 28.49 -22.59 12.11
N GLY A 453 28.66 -22.00 10.92
CA GLY A 453 29.78 -22.37 10.08
C GLY A 453 31.12 -22.08 10.73
N GLN A 454 31.23 -20.94 11.40
CA GLN A 454 32.50 -20.58 12.05
C GLN A 454 32.86 -21.59 13.13
N VAL A 455 31.88 -22.00 13.94
CA VAL A 455 32.15 -22.98 14.99
C VAL A 455 32.51 -24.33 14.39
N LEU A 456 31.71 -24.79 13.43
CA LEU A 456 31.98 -26.09 12.81
C LEU A 456 33.17 -26.01 11.86
N ASP A 457 33.31 -24.90 11.16
CA ASP A 457 34.37 -24.73 10.16
C ASP A 457 34.32 -25.86 9.12
N PRO A 458 33.19 -26.02 8.43
CA PRO A 458 33.07 -27.13 7.46
C PRO A 458 33.60 -26.76 6.09
N LYS A 459 33.50 -27.70 5.15
CA LYS A 459 33.79 -27.45 3.75
C LYS A 459 32.60 -27.91 2.92
N ILE A 460 32.40 -27.23 1.79
CA ILE A 460 31.34 -27.60 0.86
C ILE A 460 30.00 -27.55 1.57
N VAL A 461 29.55 -26.34 1.93
CA VAL A 461 28.25 -26.18 2.53
C VAL A 461 27.17 -26.37 1.48
N VAL A 462 26.23 -27.29 1.74
CA VAL A 462 25.15 -27.61 0.82
C VAL A 462 23.88 -26.94 1.31
N LEU A 463 23.19 -26.26 0.40
CA LEU A 463 21.95 -25.55 0.71
C LEU A 463 20.78 -26.30 0.08
N LEU A 464 19.75 -26.55 0.89
CA LEU A 464 18.56 -27.25 0.44
C LEU A 464 17.32 -26.51 0.96
N ASP A 465 16.19 -26.78 0.29
CA ASP A 465 14.91 -26.23 0.67
C ASP A 465 13.91 -27.37 0.83
N CYS A 466 12.93 -27.16 1.71
CA CYS A 466 11.91 -28.18 1.93
C CYS A 466 11.17 -28.47 0.62
N GLY A 467 10.89 -29.75 0.40
CA GLY A 467 10.25 -30.20 -0.82
C GLY A 467 11.20 -30.57 -1.94
N THR A 468 12.50 -30.34 -1.77
CA THR A 468 13.50 -30.71 -2.75
C THR A 468 14.12 -32.04 -2.32
N GLN A 469 13.95 -33.08 -3.15
CA GLN A 469 14.40 -34.43 -2.83
C GLN A 469 15.59 -34.78 -3.71
N PRO A 470 16.81 -34.73 -3.20
CA PRO A 470 17.98 -35.09 -4.02
C PRO A 470 17.99 -36.58 -4.33
N SER A 471 18.78 -36.92 -5.36
CA SER A 471 18.87 -38.30 -5.80
C SER A 471 19.69 -39.13 -4.82
N GLY A 472 19.92 -40.40 -5.17
CA GLY A 472 20.63 -41.30 -4.28
C GLY A 472 22.14 -41.08 -4.23
N ARG A 473 22.70 -40.40 -5.21
CA ARG A 473 24.14 -40.17 -5.27
C ARG A 473 24.49 -38.72 -5.62
N SER A 474 23.52 -37.82 -5.50
CA SER A 474 23.72 -36.44 -5.96
C SER A 474 24.76 -35.72 -5.13
N LEU A 475 24.67 -35.84 -3.79
CA LEU A 475 25.61 -35.13 -2.92
C LEU A 475 27.03 -35.60 -3.17
N TYR A 476 27.21 -36.90 -3.42
CA TYR A 476 28.54 -37.39 -3.76
C TYR A 476 29.04 -36.77 -5.06
N GLU A 477 28.16 -36.59 -6.04
CA GLU A 477 28.56 -35.95 -7.28
C GLU A 477 29.01 -34.52 -7.04
N LEU A 478 28.27 -33.77 -6.22
CA LEU A 478 28.68 -32.41 -5.91
C LEU A 478 30.03 -32.38 -5.20
N TRP A 479 30.21 -33.27 -4.22
CA TRP A 479 31.48 -33.30 -3.50
C TRP A 479 32.63 -33.66 -4.44
N LYS A 480 32.40 -34.60 -5.37
CA LYS A 480 33.44 -34.96 -6.32
C LYS A 480 33.76 -33.80 -7.25
N GLU A 481 32.74 -33.04 -7.66
CA GLU A 481 32.98 -31.84 -8.45
C GLU A 481 33.88 -30.88 -7.70
N PHE A 482 33.62 -30.68 -6.41
CA PHE A 482 34.48 -29.80 -5.62
C PHE A 482 35.88 -30.37 -5.47
N ASP A 483 35.99 -31.70 -5.31
CA ASP A 483 37.27 -32.31 -5.00
C ASP A 483 38.20 -32.34 -6.22
N ARG A 484 37.66 -32.66 -7.40
CA ARG A 484 38.50 -32.82 -8.57
C ARG A 484 39.30 -31.55 -8.86
N ASP A 485 38.62 -30.42 -8.94
CA ASP A 485 39.25 -29.14 -9.24
C ASP A 485 39.19 -28.25 -8.02
N HIS A 486 40.36 -27.77 -7.58
CA HIS A 486 40.44 -26.94 -6.38
C HIS A 486 39.99 -25.50 -6.63
N ARG A 487 39.93 -25.08 -7.89
CA ARG A 487 39.50 -23.72 -8.20
C ARG A 487 38.00 -23.53 -8.09
N VAL A 488 37.22 -24.62 -8.11
CA VAL A 488 35.78 -24.50 -8.05
C VAL A 488 35.36 -24.03 -6.66
N ALA A 489 34.50 -23.01 -6.62
CA ALA A 489 34.00 -22.45 -5.36
C ALA A 489 32.52 -22.64 -5.16
N GLY A 490 31.76 -22.92 -6.22
CA GLY A 490 30.34 -23.12 -6.11
C GLY A 490 29.86 -24.11 -7.15
N ALA A 491 28.77 -24.79 -6.86
CA ALA A 491 28.24 -25.80 -7.75
C ALA A 491 26.72 -25.86 -7.63
N CYS A 492 26.08 -26.33 -8.69
CA CYS A 492 24.64 -26.50 -8.73
C CYS A 492 24.31 -27.78 -9.47
N GLY A 493 23.12 -28.32 -9.19
CA GLY A 493 22.67 -29.54 -9.83
C GLY A 493 21.37 -29.37 -10.57
N GLU A 494 21.09 -30.27 -11.51
CA GLU A 494 19.86 -30.20 -12.27
C GLU A 494 18.65 -30.32 -11.36
N ILE A 495 17.67 -29.45 -11.56
CA ILE A 495 16.41 -29.46 -10.80
C ILE A 495 15.31 -29.87 -11.76
N THR A 496 14.45 -30.78 -11.29
CA THR A 496 13.40 -31.37 -12.10
C THR A 496 12.04 -31.13 -11.45
N THR A 497 11.00 -31.17 -12.26
CA THR A 497 9.62 -30.99 -11.83
C THR A 497 8.90 -32.32 -11.84
N SER A 498 8.20 -32.62 -10.75
CA SER A 498 7.48 -33.88 -10.62
C SER A 498 6.20 -33.83 -11.44
N LEU A 499 5.97 -34.91 -12.21
CA LEU A 499 4.78 -35.04 -13.05
C LEU A 499 4.07 -36.36 -12.79
N LYS A 500 4.08 -36.82 -11.54
CA LYS A 500 3.57 -38.15 -11.23
C LYS A 500 2.05 -38.23 -11.42
N LYS A 501 1.32 -37.39 -10.70
CA LYS A 501 -0.15 -37.41 -10.71
C LYS A 501 -0.71 -36.12 -11.29
N ARG A 502 -0.10 -35.63 -12.36
CA ARG A 502 -0.53 -34.40 -13.02
C ARG A 502 -0.66 -34.67 -14.52
N GLN A 503 -1.82 -34.34 -15.06
CA GLN A 503 -2.15 -34.64 -16.45
C GLN A 503 -1.60 -33.56 -17.39
N MET A 504 -1.42 -33.95 -18.65
CA MET A 504 -0.91 -33.00 -19.65
C MET A 504 -1.88 -31.87 -19.90
N ILE A 505 -3.17 -32.17 -19.99
CA ILE A 505 -4.17 -31.16 -20.33
C ILE A 505 -4.74 -30.48 -19.10
N THR A 506 -4.82 -31.19 -17.97
CA THR A 506 -5.44 -30.62 -16.79
C THR A 506 -4.56 -29.56 -16.12
N ASN A 507 -3.23 -29.67 -16.27
CA ASN A 507 -2.27 -28.78 -15.62
C ASN A 507 -1.29 -28.24 -16.66
N PRO A 508 -1.74 -27.33 -17.52
CA PRO A 508 -0.80 -26.73 -18.50
C PRO A 508 0.36 -26.00 -17.84
N LEU A 509 0.12 -25.33 -16.72
CA LEU A 509 1.16 -24.52 -16.10
C LEU A 509 2.33 -25.38 -15.63
N VAL A 510 2.04 -26.54 -15.05
CA VAL A 510 3.09 -27.42 -14.57
C VAL A 510 3.98 -27.86 -15.72
N TYR A 511 3.38 -28.23 -16.85
CA TYR A 511 4.18 -28.69 -17.99
C TYR A 511 4.95 -27.54 -18.61
N GLY A 512 4.38 -26.33 -18.65
CA GLY A 512 5.15 -25.19 -19.10
C GLY A 512 6.38 -24.96 -18.24
N GLN A 513 6.22 -25.04 -16.91
CA GLN A 513 7.35 -24.89 -16.02
C GLN A 513 8.36 -26.01 -16.23
N ASN A 514 7.88 -27.23 -16.49
CA ASN A 514 8.77 -28.34 -16.75
C ASN A 514 9.64 -28.08 -17.98
N PHE A 515 9.00 -27.61 -19.06
CA PHE A 515 9.75 -27.29 -20.27
C PHE A 515 10.76 -26.19 -20.01
N GLU A 516 10.35 -25.16 -19.27
CA GLU A 516 11.27 -24.08 -18.95
C GLU A 516 12.49 -24.60 -18.20
N TYR A 517 12.26 -25.44 -17.18
CA TYR A 517 13.37 -25.96 -16.39
C TYR A 517 14.29 -26.83 -17.24
N LYS A 518 13.71 -27.69 -18.08
CA LYS A 518 14.53 -28.56 -18.92
C LYS A 518 15.39 -27.74 -19.88
N ILE A 519 14.79 -26.75 -20.53
CA ILE A 519 15.54 -25.92 -21.47
C ILE A 519 16.65 -25.17 -20.73
N SER A 520 16.33 -24.64 -19.55
CA SER A 520 17.35 -23.95 -18.76
C SER A 520 18.53 -24.88 -18.49
N ASN A 521 18.25 -26.06 -17.92
CA ASN A 521 19.32 -26.98 -17.55
C ASN A 521 20.09 -27.46 -18.76
N ILE A 522 19.46 -27.49 -19.93
CA ILE A 522 20.13 -28.05 -21.11
C ILE A 522 20.95 -26.99 -21.86
N LEU A 523 20.55 -25.73 -21.83
CA LEU A 523 21.22 -24.70 -22.60
C LEU A 523 21.92 -23.64 -21.75
N ASP A 524 21.25 -23.07 -20.77
CA ASP A 524 21.81 -21.91 -20.08
C ASP A 524 22.92 -22.31 -19.12
N LYS A 525 22.66 -23.28 -18.25
CA LYS A 525 23.67 -23.67 -17.26
C LYS A 525 24.95 -24.21 -17.91
N PRO A 526 24.89 -25.11 -18.89
CA PRO A 526 26.14 -25.63 -19.48
C PRO A 526 27.03 -24.55 -20.07
N THR A 527 26.45 -23.57 -20.77
CA THR A 527 27.26 -22.53 -21.40
C THR A 527 27.96 -21.67 -20.35
N GLU A 528 27.21 -21.23 -19.34
CA GLU A 528 27.80 -20.43 -18.28
C GLU A 528 28.87 -21.20 -17.53
N SER A 529 28.63 -22.50 -17.30
CA SER A 529 29.65 -23.33 -16.67
C SER A 529 30.90 -23.41 -17.53
N SER A 530 30.72 -23.55 -18.84
CA SER A 530 31.87 -23.58 -19.75
C SER A 530 32.67 -22.28 -19.65
N PHE A 531 31.98 -21.15 -19.60
CA PHE A 531 32.68 -19.88 -19.45
C PHE A 531 33.26 -19.68 -18.06
N GLY A 532 32.76 -20.43 -17.06
CA GLY A 532 33.27 -20.33 -15.71
C GLY A 532 32.53 -19.38 -14.80
N PHE A 533 31.46 -18.76 -15.28
CA PHE A 533 30.69 -17.82 -14.48
C PHE A 533 29.20 -18.11 -14.68
N ILE A 534 28.52 -18.49 -13.60
CA ILE A 534 27.10 -18.79 -13.62
C ILE A 534 26.35 -17.62 -13.00
N SER A 535 25.34 -17.12 -13.71
CA SER A 535 24.61 -15.95 -13.23
C SER A 535 23.89 -16.25 -11.92
N VAL A 536 23.24 -17.39 -11.82
CA VAL A 536 22.46 -17.75 -10.65
C VAL A 536 22.71 -19.21 -10.30
N LEU A 537 22.96 -19.48 -9.02
CA LEU A 537 23.01 -20.84 -8.51
C LEU A 537 21.72 -21.12 -7.75
N PRO A 538 20.89 -22.08 -8.19
CA PRO A 538 19.63 -22.32 -7.49
C PRO A 538 19.80 -22.52 -5.99
N GLY A 539 19.15 -21.66 -5.19
CA GLY A 539 19.20 -21.82 -3.76
C GLY A 539 18.59 -23.13 -3.30
N ALA A 540 17.57 -23.62 -4.02
CA ALA A 540 16.95 -24.88 -3.64
C ALA A 540 17.96 -26.02 -3.62
N PHE A 541 18.97 -25.97 -4.49
CA PHE A 541 19.94 -27.07 -4.57
C PHE A 541 21.25 -26.49 -5.12
N SER A 542 22.22 -26.29 -4.23
CA SER A 542 23.53 -25.80 -4.62
C SER A 542 24.51 -26.10 -3.50
N ALA A 543 25.78 -25.77 -3.72
CA ALA A 543 26.83 -25.98 -2.73
C ALA A 543 27.91 -24.94 -2.92
N TYR A 544 28.54 -24.56 -1.80
CA TYR A 544 29.59 -23.55 -1.80
C TYR A 544 30.77 -24.03 -0.96
N ARG A 545 31.97 -23.63 -1.38
CA ARG A 545 33.17 -23.88 -0.60
C ARG A 545 33.31 -22.81 0.47
N PHE A 546 33.43 -23.25 1.72
CA PHE A 546 33.34 -22.31 2.84
C PHE A 546 34.45 -21.28 2.82
N ILE A 547 35.69 -21.71 2.53
CA ILE A 547 36.81 -20.79 2.59
C ILE A 547 36.68 -19.70 1.55
N ALA A 548 36.12 -20.02 0.38
CA ALA A 548 35.98 -19.02 -0.67
C ALA A 548 35.07 -17.87 -0.25
N LEU A 549 34.08 -18.16 0.60
CA LEU A 549 33.11 -17.14 1.00
C LEU A 549 33.63 -16.22 2.10
N GLN A 550 34.74 -16.56 2.75
CA GLN A 550 35.22 -15.77 3.87
C GLN A 550 35.62 -14.38 3.41
N ASN A 551 35.33 -13.39 4.26
CA ASN A 551 35.67 -12.01 3.96
C ASN A 551 37.18 -11.78 4.11
N ASP A 552 37.64 -10.66 3.56
CA ASP A 552 39.04 -10.28 3.69
C ASP A 552 39.29 -9.66 5.06
N ILE A 553 40.58 -9.40 5.34
CA ILE A 553 40.93 -8.77 6.61
C ILE A 553 40.31 -7.38 6.69
N ASN A 554 40.24 -6.67 5.57
CA ASN A 554 39.66 -5.33 5.57
C ASN A 554 38.18 -5.36 5.93
N GLY A 555 37.52 -6.51 5.84
CA GLY A 555 36.12 -6.63 6.17
C GLY A 555 35.18 -6.64 4.98
N VAL A 556 35.71 -6.64 3.76
CA VAL A 556 34.90 -6.66 2.55
C VAL A 556 35.01 -8.03 1.91
N GLY A 557 33.87 -8.62 1.57
CA GLY A 557 33.84 -9.93 0.97
C GLY A 557 32.44 -10.31 0.53
N PRO A 558 32.31 -11.46 -0.14
CA PRO A 558 30.99 -11.87 -0.64
C PRO A 558 29.92 -11.96 0.44
N LEU A 559 30.28 -12.49 1.61
CA LEU A 559 29.29 -12.63 2.68
C LEU A 559 28.83 -11.28 3.20
N GLU A 560 29.75 -10.32 3.30
CA GLU A 560 29.37 -8.97 3.74
C GLU A 560 28.37 -8.35 2.77
N LYS A 561 28.66 -8.45 1.46
CA LYS A 561 27.74 -7.94 0.45
C LYS A 561 26.38 -8.61 0.56
N TYR A 562 26.38 -9.94 0.72
CA TYR A 562 25.12 -10.68 0.77
C TYR A 562 24.30 -10.28 1.99
N PHE A 563 24.96 -10.12 3.15
CA PHE A 563 24.23 -9.83 4.38
C PHE A 563 23.79 -8.39 4.48
N LYS A 564 24.51 -7.46 3.85
CA LYS A 564 24.15 -6.05 3.97
C LYS A 564 22.73 -5.78 3.53
N GLY A 565 22.21 -6.57 2.59
CA GLY A 565 20.86 -6.35 2.10
C GLY A 565 19.81 -6.50 3.19
N GLU A 566 19.98 -7.49 4.06
CA GLU A 566 19.02 -7.70 5.14
C GLU A 566 18.96 -6.47 6.06
N PHE A 567 20.12 -5.92 6.41
CA PHE A 567 20.15 -4.79 7.33
C PHE A 567 19.62 -3.53 6.67
N LEU A 568 20.02 -3.26 5.42
CA LEU A 568 19.62 -2.01 4.78
C LEU A 568 18.14 -2.01 4.43
N HIS A 569 17.61 -3.14 3.96
CA HIS A 569 16.21 -3.23 3.54
C HIS A 569 15.36 -3.66 4.73
N SER A 570 15.11 -2.70 5.61
CA SER A 570 14.26 -2.94 6.77
C SER A 570 13.92 -1.59 7.40
N SER A 571 12.91 -1.60 8.27
CA SER A 571 12.53 -0.40 8.98
C SER A 571 13.67 0.09 9.85
N GLY A 572 13.89 1.40 9.85
CA GLY A 572 14.96 1.98 10.64
C GLY A 572 14.59 2.16 12.10
N GLU A 573 14.14 1.08 12.73
CA GLU A 573 13.76 1.09 14.14
C GLU A 573 14.54 -0.02 14.85
N LEU A 574 15.65 0.35 15.46
CA LEU A 574 16.53 -0.59 16.15
C LEU A 574 16.23 -0.57 17.64
N ASP A 575 16.00 -1.75 18.21
CA ASP A 575 15.76 -1.84 19.64
C ASP A 575 17.08 -1.69 20.39
N PRO A 576 17.19 -0.74 21.33
CA PRO A 576 18.47 -0.56 22.03
C PRO A 576 18.88 -1.77 22.86
N ASN A 577 17.94 -2.66 23.19
CA ASN A 577 18.26 -3.81 24.03
C ASN A 577 18.93 -4.95 23.25
N ASP A 578 18.89 -4.92 21.92
CA ASP A 578 19.56 -5.95 21.15
C ASP A 578 21.07 -5.84 21.32
N ASP A 579 21.72 -7.01 21.44
CA ASP A 579 23.18 -7.02 21.56
C ASP A 579 23.87 -6.71 20.24
N GLU A 580 23.16 -6.83 19.12
CA GLU A 580 23.68 -6.45 17.81
C GLU A 580 23.35 -5.01 17.46
N PHE A 581 22.96 -4.20 18.45
CA PHE A 581 22.57 -2.82 18.18
C PHE A 581 23.72 -2.03 17.58
N GLN A 582 24.94 -2.23 18.09
CA GLN A 582 26.08 -1.48 17.60
C GLN A 582 26.33 -1.77 16.12
N MET A 583 26.30 -3.05 15.73
CA MET A 583 26.57 -3.41 14.35
C MET A 583 25.53 -2.81 13.41
N LYS A 584 24.25 -2.98 13.75
CA LYS A 584 23.19 -2.44 12.89
C LYS A 584 23.26 -0.93 12.81
N HIS A 585 23.50 -0.26 13.95
CA HIS A 585 23.59 1.19 13.96
C HIS A 585 24.76 1.66 13.09
N LEU A 586 25.90 1.00 13.19
CA LEU A 586 27.04 1.38 12.36
C LEU A 586 26.74 1.17 10.88
N MET A 587 26.14 0.03 10.53
CA MET A 587 25.87 -0.26 9.13
C MET A 587 24.88 0.74 8.55
N LEU A 588 23.81 1.05 9.28
CA LEU A 588 22.83 2.00 8.79
C LEU A 588 23.39 3.42 8.74
N LYS A 589 24.26 3.77 9.70
CA LYS A 589 24.84 5.09 9.72
C LYS A 589 25.77 5.32 8.53
N GLU A 590 26.35 4.25 7.99
CA GLU A 590 27.27 4.38 6.87
C GLU A 590 26.53 4.87 5.63
N GLU A 591 27.24 5.63 4.80
CA GLU A 591 26.68 6.15 3.56
C GLU A 591 26.57 5.02 2.55
N ALA A 592 25.36 4.77 2.05
CA ALA A 592 25.09 3.70 1.11
C ALA A 592 24.62 4.28 -0.21
N GLY A 593 25.19 3.79 -1.31
CA GLY A 593 24.81 4.21 -2.63
C GLY A 593 23.60 3.45 -3.13
N ILE A 594 23.31 3.63 -4.42
CA ILE A 594 22.16 2.98 -5.03
C ILE A 594 22.33 1.46 -4.98
N PHE A 595 23.49 0.97 -5.40
CA PHE A 595 23.69 -0.48 -5.50
C PHE A 595 23.70 -1.13 -4.12
N THR A 596 24.41 -0.53 -3.16
CA THR A 596 24.52 -1.14 -1.84
C THR A 596 23.17 -1.21 -1.16
N SER A 597 22.37 -0.15 -1.26
CA SER A 597 21.06 -0.11 -0.62
C SER A 597 20.03 -0.98 -1.31
N ASN A 598 20.29 -1.44 -2.54
CA ASN A 598 19.37 -2.27 -3.28
C ASN A 598 19.87 -3.69 -3.47
N MET A 599 20.86 -4.11 -2.68
CA MET A 599 21.38 -5.47 -2.77
C MET A 599 20.32 -6.52 -2.48
N TYR A 600 19.26 -6.16 -1.75
CA TYR A 600 18.25 -7.14 -1.36
C TYR A 600 17.59 -7.79 -2.56
N LEU A 601 17.61 -7.13 -3.73
CA LEU A 601 17.02 -7.73 -4.92
C LEU A 601 17.83 -8.92 -5.40
N ALA A 602 19.17 -8.79 -5.41
CA ALA A 602 20.01 -9.85 -5.95
C ALA A 602 19.90 -11.13 -5.13
N GLU A 603 19.94 -11.02 -3.82
CA GLU A 603 19.90 -12.19 -2.92
C GLU A 603 21.15 -13.03 -3.23
N ASP A 604 21.03 -14.36 -3.32
CA ASP A 604 22.20 -15.21 -3.49
C ASP A 604 22.96 -14.88 -4.76
N ARG A 605 22.30 -14.31 -5.76
CA ARG A 605 22.93 -14.09 -7.06
C ARG A 605 24.20 -13.25 -6.95
N ILE A 606 24.25 -12.34 -5.98
CA ILE A 606 25.42 -11.47 -5.83
C ILE A 606 26.66 -12.30 -5.50
N LEU A 607 26.47 -13.39 -4.76
CA LEU A 607 27.59 -14.21 -4.32
C LEU A 607 28.39 -14.74 -5.50
N CYS A 608 27.71 -15.14 -6.57
CA CYS A 608 28.40 -15.70 -7.73
C CYS A 608 29.41 -14.71 -8.30
N PHE A 609 28.95 -13.49 -8.59
CA PHE A 609 29.84 -12.48 -9.15
C PHE A 609 30.94 -12.10 -8.15
N GLU A 610 30.58 -11.96 -6.87
CA GLU A 610 31.59 -11.61 -5.88
C GLU A 610 32.66 -12.69 -5.77
N LEU A 611 32.28 -13.96 -5.97
CA LEU A 611 33.25 -15.04 -5.95
C LEU A 611 34.14 -15.04 -7.17
N VAL A 612 33.55 -14.87 -8.36
CA VAL A 612 34.35 -14.98 -9.59
C VAL A 612 35.34 -13.82 -9.68
N ALA A 613 34.87 -12.60 -9.46
CA ALA A 613 35.72 -11.41 -9.61
C ALA A 613 36.28 -10.97 -8.26
N LYS A 614 37.09 -11.84 -7.66
CA LYS A 614 37.76 -11.48 -6.42
C LYS A 614 39.04 -10.69 -6.70
N ARG A 615 39.53 -10.02 -5.66
CA ARG A 615 40.66 -9.11 -5.84
C ARG A 615 41.91 -9.86 -6.28
N GLY A 616 42.20 -10.99 -5.63
CA GLY A 616 43.43 -11.72 -5.92
C GLY A 616 43.26 -13.22 -5.86
N CYS A 617 42.03 -13.70 -5.97
CA CYS A 617 41.73 -15.12 -5.89
C CYS A 617 41.32 -15.66 -7.26
N ASN A 618 41.44 -16.97 -7.41
CA ASN A 618 41.12 -17.69 -8.64
C ASN A 618 40.02 -18.70 -8.31
N TRP A 619 38.77 -18.30 -8.52
CA TRP A 619 37.62 -19.13 -8.24
C TRP A 619 36.77 -19.29 -9.50
N LEU A 620 36.04 -20.40 -9.56
CA LEU A 620 35.16 -20.68 -10.68
C LEU A 620 33.86 -21.30 -10.16
N LEU A 621 32.82 -21.17 -10.98
CA LEU A 621 31.52 -21.76 -10.71
C LEU A 621 31.22 -22.81 -11.77
N ARG A 622 30.76 -23.98 -11.34
CA ARG A 622 30.59 -25.12 -12.23
C ARG A 622 29.22 -25.73 -12.04
N TYR A 623 28.70 -26.32 -13.12
CA TYR A 623 27.41 -27.00 -13.13
C TYR A 623 27.62 -28.46 -13.53
N CYS A 624 27.10 -29.37 -12.72
CA CYS A 624 27.21 -30.80 -12.97
C CYS A 624 25.82 -31.38 -13.21
N LYS A 625 25.67 -32.09 -14.32
CA LYS A 625 24.39 -32.71 -14.66
C LYS A 625 24.19 -34.07 -14.00
N SER A 626 25.24 -34.63 -13.40
CA SER A 626 25.07 -35.90 -12.69
C SER A 626 24.20 -35.74 -11.46
N ALA A 627 24.28 -34.59 -10.79
CA ALA A 627 23.47 -34.32 -9.61
C ALA A 627 22.07 -33.89 -10.05
N ARG A 628 21.05 -34.56 -9.51
CA ARG A 628 19.67 -34.28 -9.83
C ARG A 628 18.85 -34.16 -8.56
N ALA A 629 17.88 -33.24 -8.57
CA ALA A 629 16.99 -33.03 -7.44
C ALA A 629 15.60 -32.72 -7.96
N GLU A 630 14.59 -33.25 -7.28
CA GLU A 630 13.20 -33.09 -7.67
C GLU A 630 12.49 -32.19 -6.67
N THR A 631 11.73 -31.23 -7.20
CA THR A 631 11.04 -30.24 -6.36
C THR A 631 9.60 -30.10 -6.86
N ASP A 632 8.79 -29.43 -6.04
CA ASP A 632 7.39 -29.19 -6.35
C ASP A 632 7.21 -27.76 -6.84
N VAL A 633 6.62 -27.61 -8.02
CA VAL A 633 6.39 -26.29 -8.61
C VAL A 633 5.02 -25.77 -8.16
N PRO A 634 4.81 -24.46 -8.12
CA PRO A 634 3.49 -23.94 -7.72
C PRO A 634 2.44 -24.22 -8.80
N GLU A 635 1.40 -24.95 -8.42
CA GLU A 635 0.34 -25.28 -9.36
C GLU A 635 -0.57 -24.08 -9.61
N GLY A 636 -0.86 -23.30 -8.57
CA GLY A 636 -1.72 -22.15 -8.73
C GLY A 636 -1.05 -21.01 -9.46
N LEU A 637 -1.88 -20.16 -10.06
CA LEU A 637 -1.37 -19.02 -10.81
C LEU A 637 -0.85 -17.92 -9.89
N ALA A 638 -1.56 -17.65 -8.80
CA ALA A 638 -1.13 -16.61 -7.88
C ALA A 638 0.22 -16.95 -7.25
N GLU A 639 0.39 -18.20 -6.81
CA GLU A 639 1.67 -18.62 -6.27
C GLU A 639 2.76 -18.52 -7.32
N PHE A 640 2.44 -18.86 -8.56
CA PHE A 640 3.42 -18.76 -9.65
C PHE A 640 3.88 -17.32 -9.84
N ILE A 641 2.94 -16.37 -9.84
CA ILE A 641 3.28 -14.96 -10.01
C ILE A 641 4.12 -14.47 -8.83
N LEU A 642 3.72 -14.84 -7.62
CA LEU A 642 4.46 -14.42 -6.44
C LEU A 642 5.89 -14.96 -6.47
N GLN A 643 6.05 -16.21 -6.88
CA GLN A 643 7.38 -16.79 -7.00
C GLN A 643 8.21 -16.07 -8.06
N ARG A 644 7.61 -15.78 -9.21
CA ARG A 644 8.37 -15.21 -10.32
C ARG A 644 8.73 -13.75 -10.09
N ARG A 645 8.00 -13.03 -9.24
CA ARG A 645 8.36 -11.65 -8.93
C ARG A 645 9.82 -11.53 -8.53
N ARG A 646 10.20 -12.26 -7.47
CA ARG A 646 11.56 -12.15 -6.95
C ARG A 646 12.60 -12.70 -7.93
N TRP A 647 12.26 -13.76 -8.66
CA TRP A 647 13.18 -14.28 -9.66
C TRP A 647 13.52 -13.21 -10.69
N LEU A 648 12.49 -12.56 -11.25
CA LEU A 648 12.73 -11.54 -12.27
C LEU A 648 13.51 -10.37 -11.70
N ASN A 649 13.11 -9.87 -10.54
CA ASN A 649 13.80 -8.72 -9.96
C ASN A 649 15.26 -9.04 -9.69
N GLY A 650 15.53 -10.21 -9.10
CA GLY A 650 16.90 -10.59 -8.82
C GLY A 650 17.73 -10.75 -10.07
N SER A 651 17.18 -11.39 -11.10
CA SER A 651 17.93 -11.57 -12.33
C SER A 651 18.28 -10.22 -12.95
N PHE A 652 17.31 -9.31 -13.02
CA PHE A 652 17.58 -8.01 -13.62
C PHE A 652 18.64 -7.25 -12.83
N PHE A 653 18.50 -7.19 -11.50
CA PHE A 653 19.45 -6.42 -10.71
C PHE A 653 20.84 -7.05 -10.77
N ALA A 654 20.93 -8.37 -10.71
CA ALA A 654 22.22 -9.03 -10.78
C ALA A 654 22.90 -8.76 -12.12
N ALA A 655 22.13 -8.83 -13.22
CA ALA A 655 22.71 -8.54 -14.52
C ALA A 655 23.24 -7.11 -14.58
N ILE A 656 22.44 -6.15 -14.09
CA ILE A 656 22.87 -4.75 -14.13
C ILE A 656 24.14 -4.56 -13.31
N TYR A 657 24.15 -5.11 -12.09
CA TYR A 657 25.30 -4.94 -11.21
C TYR A 657 26.55 -5.56 -11.80
N SER A 658 26.43 -6.77 -12.35
CA SER A 658 27.60 -7.42 -12.94
C SER A 658 28.11 -6.65 -14.15
N LEU A 659 27.20 -6.17 -15.01
CA LEU A 659 27.64 -5.44 -16.19
C LEU A 659 28.32 -4.13 -15.82
N VAL A 660 27.77 -3.41 -14.84
CA VAL A 660 28.35 -2.12 -14.47
C VAL A 660 29.74 -2.30 -13.87
N HIS A 661 29.93 -3.33 -13.04
CA HIS A 661 31.19 -3.58 -12.35
C HIS A 661 32.02 -4.65 -13.04
N PHE A 662 31.97 -4.72 -14.38
CA PHE A 662 32.73 -5.73 -15.08
C PHE A 662 34.23 -5.54 -14.96
N TYR A 663 34.69 -4.32 -14.67
CA TYR A 663 36.12 -4.05 -14.58
C TYR A 663 36.77 -4.69 -13.36
N LYS A 664 35.99 -5.14 -12.38
CA LYS A 664 36.58 -5.75 -11.19
C LYS A 664 37.32 -7.04 -11.51
N VAL A 665 36.99 -7.70 -12.62
CA VAL A 665 37.64 -8.96 -12.96
C VAL A 665 39.07 -8.76 -13.44
N TRP A 666 39.45 -7.52 -13.78
CA TRP A 666 40.81 -7.28 -14.25
C TRP A 666 41.82 -7.61 -13.16
N THR A 667 41.54 -7.22 -11.92
CA THR A 667 42.48 -7.45 -10.83
C THR A 667 42.50 -8.90 -10.36
N SER A 668 41.48 -9.69 -10.71
CA SER A 668 41.47 -11.09 -10.31
C SER A 668 42.61 -11.85 -10.98
N SER A 669 43.15 -12.82 -10.26
CA SER A 669 44.30 -13.60 -10.74
C SER A 669 43.81 -14.77 -11.58
N HIS A 670 43.34 -14.44 -12.79
CA HIS A 670 42.93 -15.42 -13.78
C HIS A 670 43.88 -15.36 -14.98
N SER A 671 43.89 -16.45 -15.75
CA SER A 671 44.63 -16.47 -17.00
C SER A 671 44.05 -15.45 -17.97
N PHE A 672 44.91 -14.92 -18.84
CA PHE A 672 44.47 -13.87 -19.76
C PHE A 672 43.34 -14.35 -20.65
N GLY A 673 43.46 -15.57 -21.20
CA GLY A 673 42.39 -16.12 -22.00
C GLY A 673 41.09 -16.26 -21.22
N ARG A 674 41.20 -16.63 -19.94
CA ARG A 674 40.01 -16.72 -19.10
C ARG A 674 39.33 -15.37 -19.00
N LYS A 675 40.11 -14.30 -18.82
CA LYS A 675 39.53 -12.96 -18.77
C LYS A 675 38.86 -12.60 -20.10
N ILE A 676 39.50 -12.95 -21.21
CA ILE A 676 38.91 -12.65 -22.52
C ILE A 676 37.56 -13.36 -22.68
N PHE A 677 37.50 -14.63 -22.30
CA PHE A 677 36.26 -15.37 -22.43
C PHE A 677 35.20 -14.87 -21.45
N LEU A 678 35.61 -14.45 -20.26
CA LEU A 678 34.66 -13.85 -19.33
C LEU A 678 34.09 -12.56 -19.91
N HIS A 679 34.92 -11.77 -20.59
CA HIS A 679 34.42 -10.58 -21.25
C HIS A 679 33.44 -10.91 -22.36
N ILE A 680 33.71 -11.98 -23.12
CA ILE A 680 32.76 -12.43 -24.13
C ILE A 680 31.43 -12.77 -23.48
N GLU A 681 31.47 -13.48 -22.36
CA GLU A 681 30.23 -13.82 -21.66
C GLU A 681 29.52 -12.57 -21.16
N PHE A 682 30.28 -11.58 -20.69
CA PHE A 682 29.67 -10.33 -20.26
C PHE A 682 28.97 -9.64 -21.42
N PHE A 683 29.57 -9.65 -22.60
CA PHE A 683 28.92 -9.07 -23.78
C PHE A 683 27.63 -9.81 -24.11
N TYR A 684 27.67 -11.14 -24.04
CA TYR A 684 26.44 -11.91 -24.29
C TYR A 684 25.36 -11.57 -23.28
N GLN A 685 25.73 -11.44 -22.00
CA GLN A 685 24.76 -11.09 -20.98
C GLN A 685 24.21 -9.69 -21.19
N LEU A 686 25.03 -8.76 -21.68
CA LEU A 686 24.54 -7.43 -22.01
C LEU A 686 23.50 -7.51 -23.11
N ILE A 687 23.76 -8.30 -24.15
CA ILE A 687 22.78 -8.45 -25.23
C ILE A 687 21.49 -9.06 -24.69
N ASN A 688 21.61 -10.07 -23.83
CA ASN A 688 20.43 -10.71 -23.27
C ASN A 688 19.63 -9.72 -22.43
N LEU A 689 20.31 -8.89 -21.64
CA LEU A 689 19.62 -7.88 -20.84
C LEU A 689 18.89 -6.88 -21.73
N ILE A 690 19.54 -6.43 -22.80
CA ILE A 690 18.90 -5.49 -23.70
C ILE A 690 17.65 -6.11 -24.32
N VAL A 691 17.75 -7.38 -24.74
CA VAL A 691 16.60 -8.05 -25.33
C VAL A 691 15.47 -8.19 -24.31
N SER A 692 15.82 -8.52 -23.07
CA SER A 692 14.80 -8.76 -22.05
C SER A 692 14.13 -7.46 -21.62
N TRP A 693 14.86 -6.34 -21.65
CA TRP A 693 14.28 -5.07 -21.24
C TRP A 693 13.16 -4.64 -22.20
N PHE A 694 13.33 -4.90 -23.49
CA PHE A 694 12.35 -4.54 -24.51
C PHE A 694 11.45 -5.70 -24.92
N SER A 695 11.17 -6.61 -23.99
CA SER A 695 10.36 -7.78 -24.33
C SER A 695 8.92 -7.40 -24.63
N ILE A 696 8.32 -6.60 -23.76
CA ILE A 696 6.90 -6.27 -23.92
C ILE A 696 6.67 -5.47 -25.19
N GLY A 697 7.53 -4.47 -25.45
CA GLY A 697 7.38 -3.68 -26.66
C GLY A 697 7.57 -4.51 -27.91
N SER A 698 8.57 -5.40 -27.90
CA SER A 698 8.81 -6.25 -29.06
C SER A 698 7.61 -7.17 -29.30
N TYR A 699 7.05 -7.74 -28.24
CA TYR A 699 5.89 -8.61 -28.38
C TYR A 699 4.73 -7.84 -28.99
N PHE A 700 4.47 -6.63 -28.48
CA PHE A 700 3.36 -5.84 -29.02
C PHE A 700 3.59 -5.50 -30.48
N LEU A 701 4.82 -5.12 -30.84
CA LEU A 701 5.12 -4.77 -32.22
C LEU A 701 4.92 -5.96 -33.14
N VAL A 702 5.39 -7.13 -32.73
CA VAL A 702 5.22 -8.33 -33.56
C VAL A 702 3.75 -8.64 -33.73
N PHE A 703 3.00 -8.60 -32.63
CA PHE A 703 1.56 -8.88 -32.71
C PHE A 703 0.87 -7.91 -33.65
N ARG A 704 1.15 -6.62 -33.51
CA ARG A 704 0.49 -5.62 -34.34
C ARG A 704 0.83 -5.82 -35.80
N ILE A 705 2.11 -6.04 -36.11
CA ILE A 705 2.53 -6.21 -37.50
C ILE A 705 1.86 -7.43 -38.11
N LEU A 706 1.89 -8.56 -37.41
CA LEU A 706 1.30 -9.78 -37.95
C LEU A 706 -0.20 -9.64 -38.14
N THR A 707 -0.89 -9.03 -37.18
CA THR A 707 -2.34 -8.89 -37.30
C THR A 707 -2.73 -7.92 -38.40
N THR A 708 -1.98 -6.83 -38.55
CA THR A 708 -2.30 -5.86 -39.60
C THR A 708 -1.96 -6.41 -40.99
N SER A 709 -0.95 -7.27 -41.09
CA SER A 709 -0.61 -7.85 -42.39
C SER A 709 -1.77 -8.62 -42.98
N LEU A 710 -2.58 -9.27 -42.14
CA LEU A 710 -3.75 -9.98 -42.62
C LEU A 710 -4.82 -9.03 -43.16
N GLY A 711 -4.77 -7.75 -42.77
CA GLY A 711 -5.76 -6.80 -43.25
C GLY A 711 -5.56 -6.37 -44.68
N ASP A 712 -4.37 -6.58 -45.23
CA ASP A 712 -4.11 -6.20 -46.61
C ASP A 712 -5.05 -6.94 -47.55
N LYS A 713 -5.58 -6.19 -48.53
CA LYS A 713 -6.50 -6.78 -49.49
C LYS A 713 -5.82 -7.74 -50.46
N ALA A 714 -4.49 -7.75 -50.51
CA ALA A 714 -3.79 -8.62 -51.45
C ALA A 714 -4.09 -10.08 -51.16
N LEU A 715 -4.06 -10.47 -49.88
CA LEU A 715 -4.39 -11.83 -49.48
C LEU A 715 -5.87 -11.93 -49.18
N GLY A 716 -6.47 -13.07 -49.51
CA GLY A 716 -7.90 -13.26 -49.40
C GLY A 716 -8.37 -13.71 -48.03
N PHE A 717 -8.33 -12.81 -47.06
CA PHE A 717 -8.84 -13.08 -45.71
C PHE A 717 -9.77 -11.93 -45.32
N ALA A 718 -11.07 -12.22 -45.22
CA ALA A 718 -12.04 -11.16 -44.99
C ALA A 718 -12.02 -10.67 -43.55
N PRO A 719 -12.17 -11.53 -42.52
CA PRO A 719 -12.30 -11.04 -41.15
C PRO A 719 -11.02 -10.45 -40.56
N GLY A 720 -9.98 -10.29 -41.38
CA GLY A 720 -8.70 -9.85 -40.85
C GLY A 720 -8.78 -8.52 -40.11
N LYS A 721 -9.44 -7.54 -40.72
CA LYS A 721 -9.46 -6.18 -40.15
C LYS A 721 -10.21 -6.16 -38.82
N ILE A 722 -11.41 -6.73 -38.79
CA ILE A 722 -12.22 -6.70 -37.57
C ILE A 722 -11.51 -7.46 -36.46
N LEU A 723 -10.94 -8.62 -36.78
CA LEU A 723 -10.20 -9.39 -35.78
C LEU A 723 -9.02 -8.59 -35.26
N SER A 724 -8.28 -7.92 -36.15
CA SER A 724 -7.14 -7.13 -35.69
C SER A 724 -7.58 -6.02 -34.74
N VAL A 725 -8.67 -5.33 -35.07
CA VAL A 725 -9.15 -4.25 -34.22
C VAL A 725 -9.56 -4.79 -32.85
N ILE A 726 -10.33 -5.88 -32.85
CA ILE A 726 -10.80 -6.45 -31.59
C ILE A 726 -9.62 -6.90 -30.74
N PHE A 727 -8.64 -7.55 -31.36
CA PHE A 727 -7.47 -8.02 -30.61
C PHE A 727 -6.67 -6.86 -30.06
N LEU A 728 -6.54 -5.77 -30.83
CA LEU A 728 -5.85 -4.59 -30.31
C LEU A 728 -6.55 -4.05 -29.07
N TRP A 729 -7.87 -3.92 -29.14
CA TRP A 729 -8.61 -3.40 -27.99
C TRP A 729 -8.46 -4.31 -26.78
N LEU A 730 -8.58 -5.63 -26.99
CA LEU A 730 -8.44 -6.56 -25.88
C LEU A 730 -7.03 -6.53 -25.30
N TYR A 731 -6.02 -6.40 -26.16
CA TYR A 731 -4.64 -6.32 -25.68
C TYR A 731 -4.44 -5.10 -24.80
N LEU A 732 -4.92 -3.93 -25.26
CA LEU A 732 -4.78 -2.73 -24.46
C LEU A 732 -5.51 -2.86 -23.13
N ALA A 733 -6.73 -3.40 -23.16
CA ALA A 733 -7.49 -3.56 -21.92
C ALA A 733 -6.76 -4.49 -20.96
N SER A 734 -6.22 -5.60 -21.47
CA SER A 734 -5.51 -6.53 -20.61
C SER A 734 -4.28 -5.89 -19.98
N ILE A 735 -3.52 -5.13 -20.77
CA ILE A 735 -2.32 -4.48 -20.25
C ILE A 735 -2.69 -3.49 -19.14
N VAL A 736 -3.71 -2.67 -19.40
CA VAL A 736 -4.10 -1.66 -18.41
C VAL A 736 -4.61 -2.33 -17.14
N THR A 737 -5.44 -3.36 -17.28
CA THR A 737 -5.95 -4.06 -16.11
C THR A 737 -4.82 -4.72 -15.33
N THR A 738 -3.84 -5.29 -16.03
CA THR A 738 -2.70 -5.90 -15.36
C THR A 738 -1.93 -4.87 -14.54
N PHE A 739 -1.68 -3.71 -15.14
CA PHE A 739 -0.98 -2.65 -14.39
C PHE A 739 -1.76 -2.24 -13.16
N VAL A 740 -3.07 -2.02 -13.31
CA VAL A 740 -3.89 -1.55 -12.20
C VAL A 740 -3.90 -2.58 -11.08
N LEU A 741 -4.09 -3.85 -11.43
CA LEU A 741 -4.14 -4.90 -10.41
C LEU A 741 -2.78 -5.07 -9.74
N SER A 742 -1.69 -4.96 -10.52
CA SER A 742 -0.35 -5.08 -9.93
C SER A 742 -0.11 -3.99 -8.90
N PHE A 743 -0.52 -2.76 -9.21
CA PHE A 743 -0.31 -1.67 -8.27
C PHE A 743 -1.26 -1.76 -7.07
N GLY A 744 -2.50 -2.16 -7.29
CA GLY A 744 -3.52 -2.05 -6.26
C GLY A 744 -3.77 -3.27 -5.40
N ASN A 745 -4.07 -4.40 -6.04
CA ASN A 745 -4.59 -5.58 -5.35
C ASN A 745 -3.51 -6.63 -5.19
N LYS A 746 -3.88 -7.72 -4.51
CA LYS A 746 -3.01 -8.86 -4.28
C LYS A 746 -3.35 -10.01 -5.22
N PRO A 747 -2.36 -10.78 -5.69
CA PRO A 747 -2.69 -11.84 -6.66
C PRO A 747 -3.69 -12.87 -6.14
N LYS A 748 -3.61 -13.22 -4.85
CA LYS A 748 -4.49 -14.26 -4.33
C LYS A 748 -5.95 -13.84 -4.41
N GLY A 749 -6.23 -12.57 -4.18
CA GLY A 749 -7.59 -12.07 -4.26
C GLY A 749 -8.15 -12.11 -5.68
N THR A 750 -7.52 -11.38 -6.59
CA THR A 750 -8.00 -11.26 -7.97
C THR A 750 -7.25 -12.22 -8.89
N GLU A 751 -7.43 -13.52 -8.64
CA GLU A 751 -6.80 -14.54 -9.48
C GLU A 751 -7.54 -14.73 -10.80
N LYS A 752 -8.87 -14.59 -10.79
CA LYS A 752 -9.65 -14.86 -12.00
C LYS A 752 -9.31 -13.87 -13.11
N PHE A 753 -9.03 -12.61 -12.77
CA PHE A 753 -8.60 -11.65 -13.78
C PHE A 753 -7.34 -12.13 -14.48
N TYR A 754 -6.36 -12.58 -13.69
CA TYR A 754 -5.11 -13.06 -14.27
C TYR A 754 -5.35 -14.30 -15.13
N VAL A 755 -6.23 -15.20 -14.67
CA VAL A 755 -6.53 -16.41 -15.45
C VAL A 755 -7.11 -16.02 -16.80
N THR A 756 -8.07 -15.09 -16.80
CA THR A 756 -8.69 -14.64 -18.04
C THR A 756 -7.67 -14.00 -18.96
N ILE A 757 -6.78 -13.17 -18.40
CA ILE A 757 -5.76 -12.50 -19.21
C ILE A 757 -4.83 -13.54 -19.84
N VAL A 758 -4.43 -14.55 -19.07
CA VAL A 758 -3.55 -15.58 -19.59
C VAL A 758 -4.22 -16.35 -20.70
N ILE A 759 -5.49 -16.69 -20.53
CA ILE A 759 -6.23 -17.41 -21.57
C ILE A 759 -6.29 -16.57 -22.85
N PHE A 760 -6.60 -15.29 -22.70
CA PHE A 760 -6.67 -14.41 -23.87
C PHE A 760 -5.32 -14.35 -24.58
N PHE A 761 -4.23 -14.24 -23.82
CA PHE A 761 -2.92 -14.18 -24.46
C PHE A 761 -2.57 -15.48 -25.15
N ALA A 762 -2.96 -16.62 -24.59
CA ALA A 762 -2.75 -17.89 -25.29
C ALA A 762 -3.49 -17.91 -26.62
N ILE A 763 -4.75 -17.49 -26.61
CA ILE A 763 -5.53 -17.45 -27.85
C ILE A 763 -4.87 -16.51 -28.85
N LEU A 764 -4.39 -15.36 -28.38
CA LEU A 764 -3.74 -14.40 -29.27
C LEU A 764 -2.47 -14.98 -29.86
N MET A 765 -1.69 -15.72 -29.07
CA MET A 765 -0.49 -16.35 -29.60
C MET A 765 -0.83 -17.35 -30.67
N ALA A 766 -1.89 -18.15 -30.46
CA ALA A 766 -2.32 -19.08 -31.49
C ALA A 766 -2.69 -18.34 -32.77
N TYR A 767 -3.42 -17.24 -32.65
CA TYR A 767 -3.80 -16.47 -33.83
C TYR A 767 -2.58 -15.89 -34.53
N MET A 768 -1.59 -15.42 -33.76
CA MET A 768 -0.38 -14.88 -34.36
C MET A 768 0.37 -15.95 -35.14
N ILE A 769 0.46 -17.16 -34.58
CA ILE A 769 1.12 -18.25 -35.30
C ILE A 769 0.38 -18.56 -36.59
N PHE A 770 -0.95 -18.60 -36.53
CA PHE A 770 -1.72 -18.84 -37.74
C PHE A 770 -1.47 -17.77 -38.78
N ALA A 771 -1.44 -16.50 -38.35
CA ALA A 771 -1.21 -15.41 -39.29
C ALA A 771 0.16 -15.52 -39.94
N ALA A 772 1.19 -15.85 -39.15
CA ALA A 772 2.53 -15.99 -39.72
C ALA A 772 2.56 -17.12 -40.74
N ILE A 773 1.93 -18.26 -40.43
CA ILE A 773 1.92 -19.37 -41.38
C ILE A 773 1.19 -18.97 -42.66
N PHE A 774 0.06 -18.28 -42.51
CA PHE A 774 -0.70 -17.85 -43.68
C PHE A 774 0.13 -16.91 -44.55
N MET A 775 0.82 -15.96 -43.93
CA MET A 775 1.64 -15.02 -44.69
C MET A 775 2.76 -15.73 -45.42
N ALA A 776 3.42 -16.69 -44.76
CA ALA A 776 4.50 -17.42 -45.41
C ALA A 776 3.97 -18.23 -46.60
N VAL A 777 2.82 -18.89 -46.43
CA VAL A 777 2.26 -19.67 -47.51
C VAL A 777 1.88 -18.76 -48.68
N HIS A 778 1.30 -17.60 -48.39
CA HIS A 778 0.95 -16.67 -49.46
C HIS A 778 2.21 -16.18 -50.19
N SER A 779 3.28 -15.92 -49.46
CA SER A 779 4.51 -15.48 -50.10
C SER A 779 5.07 -16.57 -51.01
N ILE A 780 5.04 -17.82 -50.56
CA ILE A 780 5.52 -18.92 -51.40
C ILE A 780 4.66 -19.04 -52.66
N GLN A 781 3.34 -18.93 -52.49
CA GLN A 781 2.45 -19.03 -53.65
C GLN A 781 2.71 -17.90 -54.64
N ASP A 782 2.97 -16.69 -54.13
CA ASP A 782 3.32 -15.58 -55.03
C ASP A 782 4.64 -15.83 -55.73
N ILE A 783 5.60 -16.43 -55.02
CA ILE A 783 6.87 -16.79 -55.64
C ILE A 783 6.63 -17.72 -56.82
N TYR A 784 5.80 -18.74 -56.61
CA TYR A 784 5.49 -19.66 -57.70
C TYR A 784 4.75 -18.96 -58.83
N ARG A 785 3.83 -18.06 -58.48
CA ARG A 785 3.06 -17.34 -59.49
C ARG A 785 3.96 -16.49 -60.37
N SER A 786 4.99 -15.86 -59.78
CA SER A 786 5.85 -14.97 -60.55
C SER A 786 6.46 -15.66 -61.76
N GLY A 787 6.71 -16.97 -61.66
CA GLY A 787 7.27 -17.71 -62.77
C GLY A 787 8.78 -17.57 -62.87
N THR A 788 9.29 -17.89 -64.04
CA THR A 788 10.72 -17.85 -64.33
C THR A 788 11.50 -18.89 -63.54
N ARG A 789 10.85 -19.98 -63.14
CA ARG A 789 11.49 -21.05 -62.38
C ARG A 789 11.67 -20.63 -60.92
N ILE A 790 12.18 -21.53 -60.09
CA ILE A 790 12.40 -21.26 -58.68
C ILE A 790 13.78 -21.78 -58.29
N THR A 791 14.47 -21.04 -57.44
CA THR A 791 15.76 -21.44 -56.91
C THR A 791 15.79 -21.17 -55.41
N VAL A 792 16.68 -21.87 -54.72
CA VAL A 792 16.84 -21.66 -53.28
C VAL A 792 17.22 -20.21 -53.00
N SER A 793 17.96 -19.59 -53.92
CA SER A 793 18.33 -18.20 -53.73
C SER A 793 17.10 -17.31 -53.67
N LEU A 794 16.13 -17.55 -54.57
CA LEU A 794 14.90 -16.75 -54.53
C LEU A 794 14.15 -16.96 -53.22
N PHE A 795 14.08 -18.20 -52.74
CA PHE A 795 13.41 -18.47 -51.48
C PHE A 795 14.08 -17.73 -50.32
N PHE A 796 15.41 -17.73 -50.29
CA PHE A 796 16.12 -17.02 -49.24
C PHE A 796 16.18 -15.52 -49.47
N GLN A 797 15.74 -15.04 -50.63
CA GLN A 797 15.68 -13.61 -50.90
C GLN A 797 14.37 -12.97 -50.47
N ASN A 798 13.33 -13.76 -50.29
CA ASN A 798 12.04 -13.23 -49.86
C ASN A 798 12.06 -12.96 -48.37
N SER A 799 11.89 -11.69 -47.99
CA SER A 799 11.98 -11.32 -46.58
C SER A 799 10.90 -12.00 -45.76
N GLU A 800 9.67 -12.05 -46.27
CA GLU A 800 8.57 -12.64 -45.52
C GLU A 800 8.88 -14.09 -45.16
N PHE A 801 9.05 -14.94 -46.18
CA PHE A 801 9.29 -16.35 -45.94
C PHE A 801 10.53 -16.55 -45.07
N ARG A 802 11.63 -15.90 -45.43
CA ARG A 802 12.88 -16.06 -44.70
C ARG A 802 12.65 -15.76 -43.23
N ASP A 803 12.31 -14.51 -42.91
CA ASP A 803 12.18 -14.09 -41.53
C ASP A 803 11.19 -14.96 -40.76
N LEU A 804 10.01 -15.20 -41.34
CA LEU A 804 8.95 -15.85 -40.58
C LEU A 804 9.25 -17.33 -40.34
N VAL A 805 9.82 -18.03 -41.33
CA VAL A 805 9.92 -19.48 -41.29
C VAL A 805 11.33 -19.94 -40.92
N VAL A 806 12.34 -19.44 -41.64
CA VAL A 806 13.68 -20.01 -41.50
C VAL A 806 14.21 -19.81 -40.08
N ALA A 807 14.05 -18.61 -39.55
CA ALA A 807 14.59 -18.32 -38.21
C ALA A 807 13.93 -19.17 -37.14
N THR A 808 12.60 -19.22 -37.16
CA THR A 808 11.88 -20.01 -36.16
C THR A 808 12.21 -21.49 -36.28
N SER A 809 12.27 -21.99 -37.52
CA SER A 809 12.59 -23.40 -37.72
C SER A 809 14.00 -23.70 -37.24
N SER A 810 14.95 -22.81 -37.49
CA SER A 810 16.31 -23.01 -37.02
C SER A 810 16.37 -23.03 -35.50
N THR A 811 15.66 -22.12 -34.84
CA THR A 811 15.63 -22.11 -33.39
C THR A 811 15.06 -23.41 -32.84
N TYR A 812 13.94 -23.86 -33.42
CA TYR A 812 13.33 -25.10 -32.97
C TYR A 812 14.25 -26.29 -33.21
N ALA A 813 14.94 -26.32 -34.34
CA ALA A 813 15.86 -27.41 -34.63
C ALA A 813 17.02 -27.42 -33.66
N LEU A 814 17.55 -26.24 -33.32
CA LEU A 814 18.62 -26.18 -32.33
C LEU A 814 18.15 -26.70 -30.98
N TYR A 815 16.94 -26.30 -30.55
CA TYR A 815 16.40 -26.80 -29.30
C TYR A 815 16.22 -28.32 -29.34
N PHE A 816 15.71 -28.83 -30.46
CA PHE A 816 15.47 -30.27 -30.60
C PHE A 816 16.78 -31.04 -30.52
N LEU A 817 17.81 -30.58 -31.24
CA LEU A 817 19.10 -31.24 -31.21
C LEU A 817 19.71 -31.20 -29.81
N ALA A 818 19.63 -30.04 -29.14
CA ALA A 818 20.16 -29.94 -27.79
C ALA A 818 19.45 -30.91 -26.85
N SER A 819 18.12 -31.03 -26.97
CA SER A 819 17.39 -31.98 -26.14
C SER A 819 17.81 -33.41 -26.44
N PHE A 820 17.96 -33.75 -27.72
CA PHE A 820 18.30 -35.12 -28.08
C PHE A 820 19.70 -35.49 -27.57
N LEU A 821 20.67 -34.59 -27.73
CA LEU A 821 22.04 -34.93 -27.35
C LEU A 821 22.19 -35.14 -25.85
N TYR A 822 21.28 -34.61 -25.04
CA TYR A 822 21.29 -34.82 -23.60
C TYR A 822 20.40 -35.99 -23.16
N PHE A 823 19.84 -36.74 -24.11
CA PHE A 823 19.03 -37.92 -23.82
C PHE A 823 17.83 -37.55 -22.95
N GLU A 824 17.25 -36.38 -23.21
CA GLU A 824 16.03 -35.92 -22.54
C GLU A 824 15.09 -35.33 -23.59
N PRO A 825 14.53 -36.19 -24.46
CA PRO A 825 13.76 -35.67 -25.60
C PRO A 825 12.28 -35.45 -25.32
N TRP A 826 11.76 -36.04 -24.24
CA TRP A 826 10.32 -36.07 -24.04
C TRP A 826 9.75 -34.67 -23.87
N HIS A 827 10.47 -33.79 -23.16
CA HIS A 827 9.94 -32.46 -22.89
C HIS A 827 9.73 -31.66 -24.17
N MET A 828 10.37 -32.05 -25.28
CA MET A 828 10.15 -31.37 -26.55
C MET A 828 8.80 -31.72 -27.16
N PHE A 829 8.16 -32.78 -26.69
CA PHE A 829 6.85 -33.20 -27.18
C PHE A 829 5.75 -32.95 -26.16
N THR A 830 5.94 -33.42 -24.93
CA THR A 830 4.86 -33.37 -23.94
C THR A 830 4.54 -31.94 -23.53
N SER A 831 5.56 -31.11 -23.32
CA SER A 831 5.38 -29.82 -22.66
C SER A 831 5.76 -28.63 -23.54
N PHE A 832 5.96 -28.83 -24.84
CA PHE A 832 6.35 -27.72 -25.70
C PHE A 832 5.19 -26.77 -25.96
N VAL A 833 4.01 -27.32 -26.27
CA VAL A 833 2.87 -26.50 -26.68
C VAL A 833 2.46 -25.57 -25.54
N GLN A 834 2.42 -26.09 -24.31
CA GLN A 834 2.01 -25.27 -23.19
C GLN A 834 2.96 -24.08 -23.01
N TYR A 835 4.27 -24.32 -23.09
CA TYR A 835 5.23 -23.24 -22.95
C TYR A 835 5.07 -22.22 -24.07
N ILE A 836 4.87 -22.68 -25.31
CA ILE A 836 4.70 -21.76 -26.41
C ILE A 836 3.47 -20.89 -26.20
N LEU A 837 2.38 -21.49 -25.74
CA LEU A 837 1.15 -20.71 -25.53
C LEU A 837 1.28 -19.77 -24.34
N LEU A 838 2.08 -20.13 -23.33
CA LEU A 838 2.20 -19.31 -22.14
C LEU A 838 3.27 -18.22 -22.24
N SER A 839 4.16 -18.32 -23.23
CA SER A 839 5.24 -17.32 -23.34
C SER A 839 4.75 -15.88 -23.31
N PRO A 840 3.73 -15.47 -24.05
CA PRO A 840 3.28 -14.08 -23.95
C PRO A 840 2.85 -13.72 -22.54
N SER A 841 2.24 -14.65 -21.80
CA SER A 841 1.93 -14.40 -20.40
C SER A 841 3.19 -14.20 -19.59
N TYR A 842 4.20 -15.04 -19.81
CA TYR A 842 5.48 -14.86 -19.14
C TYR A 842 6.00 -13.44 -19.34
N VAL A 843 5.98 -12.97 -20.59
CA VAL A 843 6.55 -11.66 -20.88
C VAL A 843 5.71 -10.55 -20.27
N ASN A 844 4.39 -10.62 -20.40
CA ASN A 844 3.55 -9.50 -20.00
C ASN A 844 3.24 -9.53 -18.50
N VAL A 845 2.52 -10.55 -18.05
CA VAL A 845 1.93 -10.51 -16.70
C VAL A 845 3.02 -10.57 -15.64
N LEU A 846 3.92 -11.56 -15.77
CA LEU A 846 4.97 -11.71 -14.76
C LEU A 846 5.87 -10.49 -14.71
N ASN A 847 6.27 -9.98 -15.87
CA ASN A 847 7.17 -8.84 -15.91
C ASN A 847 6.50 -7.59 -15.34
N ILE A 848 5.24 -7.35 -15.68
CA ILE A 848 4.53 -6.18 -15.16
C ILE A 848 4.41 -6.28 -13.65
N TYR A 849 4.01 -7.45 -13.14
CA TYR A 849 3.87 -7.59 -11.70
C TYR A 849 5.20 -7.43 -10.99
N ALA A 850 6.27 -8.00 -11.57
CA ALA A 850 7.58 -7.90 -10.95
C ALA A 850 8.06 -6.45 -10.89
N PHE A 851 7.89 -5.70 -11.98
CA PHE A 851 8.39 -4.32 -11.99
C PHE A 851 7.52 -3.40 -11.14
N CYS A 852 6.20 -3.65 -11.09
CA CYS A 852 5.34 -2.82 -10.27
C CYS A 852 5.57 -3.04 -8.78
N ASN A 853 6.11 -4.19 -8.39
CA ASN A 853 6.32 -4.54 -6.99
C ASN A 853 7.79 -4.76 -6.69
N ILE A 854 8.65 -3.88 -7.21
CA ILE A 854 10.08 -3.98 -6.91
C ILE A 854 10.32 -3.84 -5.41
N ASP A 855 9.67 -2.85 -4.80
CA ASP A 855 9.78 -2.66 -3.36
C ASP A 855 8.94 -3.71 -2.64
N ASP A 856 9.54 -4.38 -1.66
CA ASP A 856 8.88 -5.39 -0.85
C ASP A 856 8.76 -4.83 0.57
N ILE A 857 7.69 -4.08 0.81
CA ILE A 857 7.50 -3.40 2.10
C ILE A 857 6.77 -4.39 3.00
N SER A 858 7.53 -5.28 3.63
CA SER A 858 6.94 -6.23 4.57
C SER A 858 6.59 -5.55 5.89
N TRP A 859 7.42 -4.62 6.33
CA TRP A 859 7.20 -3.95 7.61
C TRP A 859 6.04 -2.97 7.52
N GLY A 860 5.43 -2.70 8.67
CA GLY A 860 4.28 -1.82 8.75
C GLY A 860 4.67 -0.37 8.87
N THR A 861 3.77 0.43 9.44
CA THR A 861 3.95 1.86 9.59
C THR A 861 4.21 2.18 11.06
N LYS A 862 5.28 2.94 11.31
CA LYS A 862 5.67 3.35 12.67
C LYS A 862 5.80 2.08 13.52
N GLY A 863 5.19 2.02 14.70
CA GLY A 863 5.28 0.84 15.54
C GLY A 863 4.21 0.80 16.61
N LYS A 868 1.98 6.50 29.29
CA LYS A 868 1.84 6.68 30.74
C LYS A 868 0.40 6.97 31.11
N SER A 869 -0.26 5.99 31.74
CA SER A 869 -1.65 6.18 32.16
C SER A 869 -1.74 7.33 33.14
N LEU A 870 -2.73 8.20 32.93
CA LEU A 870 -2.89 9.37 33.78
C LEU A 870 -3.19 8.98 35.22
N GLY A 871 -4.04 7.99 35.42
CA GLY A 871 -4.39 7.57 36.76
C GLY A 871 -5.36 6.42 36.72
N GLU A 872 -5.74 5.96 37.91
CA GLU A 872 -6.67 4.84 38.07
C GLU A 872 -7.53 5.10 39.29
N ALA A 873 -8.84 5.21 39.08
CA ALA A 873 -9.80 5.41 40.16
C ALA A 873 -10.51 4.09 40.42
N LYS A 874 -10.47 3.64 41.67
CA LYS A 874 -11.09 2.39 42.08
C LYS A 874 -12.18 2.67 43.12
N LEU A 875 -13.38 2.17 42.86
CA LEU A 875 -14.47 2.36 43.80
C LEU A 875 -14.21 1.57 45.07
N ARG A 876 -14.41 2.21 46.22
CA ARG A 876 -14.19 1.59 47.51
C ARG A 876 -15.48 0.92 47.98
N GLU A 877 -15.49 0.48 49.24
CA GLU A 877 -16.71 -0.12 49.78
C GLU A 877 -17.86 0.89 49.79
N ASP A 878 -17.58 2.12 50.17
CA ASP A 878 -18.58 3.18 50.11
C ASP A 878 -18.72 3.70 48.69
N GLY A 879 -19.69 4.59 48.49
CA GLY A 879 -19.95 5.14 47.17
C GLY A 879 -18.85 6.06 46.67
N THR A 880 -18.00 6.56 47.57
CA THR A 880 -16.94 7.47 47.16
C THR A 880 -15.92 6.75 46.30
N PHE A 881 -15.35 7.50 45.34
CA PHE A 881 -14.32 6.98 44.45
C PHE A 881 -12.96 7.51 44.90
N ASP A 882 -11.98 6.62 44.99
CA ASP A 882 -10.64 7.00 45.40
C ASP A 882 -9.91 7.67 44.24
N VAL A 883 -9.58 8.95 44.41
CA VAL A 883 -8.94 9.74 43.36
C VAL A 883 -7.79 10.52 43.98
N SER A 884 -6.87 10.96 43.12
CA SER A 884 -5.74 11.79 43.50
C SER A 884 -5.72 13.01 42.58
N VAL A 885 -6.24 14.13 43.07
CA VAL A 885 -6.32 15.36 42.29
C VAL A 885 -5.74 16.50 43.12
N PRO A 886 -5.26 17.55 42.46
CA PRO A 886 -4.69 18.67 43.22
C PRO A 886 -5.72 19.30 44.16
N ILE A 887 -5.26 19.68 45.34
CA ILE A 887 -6.10 20.26 46.37
C ILE A 887 -5.58 21.63 46.81
N SER A 888 -4.26 21.74 47.03
CA SER A 888 -3.70 22.98 47.55
C SER A 888 -3.87 24.11 46.54
N LYS A 889 -4.09 25.31 47.07
CA LYS A 889 -4.19 26.50 46.23
C LYS A 889 -2.89 26.76 45.49
N GLU A 890 -1.76 26.53 46.16
CA GLU A 890 -0.46 26.89 45.59
C GLU A 890 -0.19 26.12 44.30
N GLN A 891 -0.46 24.81 44.31
CA GLN A 891 -0.16 24.01 43.12
C GLN A 891 -1.09 24.37 41.96
N ILE A 892 -2.36 24.66 42.26
CA ILE A 892 -3.29 25.07 41.22
C ILE A 892 -2.82 26.37 40.57
N ASN A 893 -2.43 27.34 41.41
CA ASN A 893 -1.94 28.61 40.87
C ASN A 893 -0.67 28.40 40.05
N GLN A 894 0.23 27.53 40.54
CA GLN A 894 1.46 27.26 39.80
C GLN A 894 1.16 26.64 38.44
N SER A 895 0.22 25.70 38.39
CA SER A 895 -0.14 25.08 37.12
C SER A 895 -0.75 26.11 36.16
N TYR A 896 -1.63 26.97 36.68
CA TYR A 896 -2.23 28.00 35.83
C TYR A 896 -1.15 28.93 35.27
N LEU A 897 -0.20 29.35 36.12
CA LEU A 897 0.88 30.20 35.65
C LEU A 897 1.75 29.48 34.63
N ASP A 898 1.99 28.19 34.83
CA ASP A 898 2.77 27.42 33.87
C ASP A 898 2.08 27.38 32.52
N GLN A 899 0.76 27.18 32.51
CA GLN A 899 0.03 27.18 31.25
C GLN A 899 0.09 28.56 30.58
N LEU A 900 -0.06 29.62 31.38
CA LEU A 900 0.03 30.97 30.82
C LEU A 900 1.38 31.20 30.18
N GLU A 901 2.46 30.80 30.86
CA GLU A 901 3.80 30.97 30.30
C GLU A 901 3.97 30.11 29.05
N LYS A 902 3.42 28.89 29.05
CA LYS A 902 3.55 28.02 27.90
C LYS A 902 2.91 28.65 26.67
N ILE A 903 1.74 29.25 26.83
CA ILE A 903 1.06 29.83 25.66
C ILE A 903 1.54 31.25 25.35
N ARG A 904 2.18 31.93 26.29
CA ARG A 904 2.51 33.34 26.15
C ARG A 904 3.76 33.59 25.29
N ASP A 905 4.23 32.60 24.54
CA ASP A 905 5.43 32.75 23.74
C ASP A 905 5.15 32.38 22.29
N PRO A 906 5.92 32.94 21.35
CA PRO A 906 5.71 32.61 19.93
C PRO A 906 6.16 31.20 19.61
N ALA A 907 5.64 30.69 18.49
CA ALA A 907 5.95 29.33 18.07
C ALA A 907 7.31 29.30 17.39
N PRO A 908 8.26 28.50 17.86
CA PRO A 908 9.56 28.40 17.18
C PRO A 908 9.45 27.51 15.95
N PRO A 909 10.30 27.72 14.94
CA PRO A 909 10.27 26.86 13.75
C PRO A 909 10.64 25.43 14.09
N GLU A 910 9.96 24.49 13.43
CA GLU A 910 10.23 23.07 13.66
C GLU A 910 11.65 22.71 13.23
N GLU A 911 11.94 22.84 11.94
CA GLU A 911 13.27 22.52 11.39
C GLU A 911 13.71 21.11 11.81
N LYS A 912 12.78 20.15 11.68
CA LYS A 912 13.08 18.78 12.09
C LYS A 912 14.22 18.19 11.28
N VAL A 913 14.13 18.27 9.96
CA VAL A 913 15.16 17.74 9.07
C VAL A 913 15.38 16.26 9.38
N LEU A 914 14.30 15.54 9.66
CA LEU A 914 14.40 14.14 10.02
C LEU A 914 14.80 13.30 8.80
N VAL A 915 15.47 12.17 9.07
CA VAL A 915 15.88 11.27 8.01
C VAL A 915 14.67 10.64 7.33
N THR A 916 13.58 10.45 8.08
CA THR A 916 12.36 9.87 7.54
C THR A 916 12.49 8.35 7.40
N ASN A 917 11.47 7.71 6.86
CA ASN A 917 11.43 6.26 6.76
C ASN A 917 11.93 5.79 5.41
N THR A 918 12.39 4.53 5.38
CA THR A 918 13.00 3.96 4.18
C THR A 918 11.97 3.50 3.15
N GLU A 919 10.74 3.21 3.57
CA GLU A 919 9.74 2.71 2.62
C GLU A 919 9.50 3.71 1.50
N ASP A 920 9.52 5.00 1.82
CA ASP A 920 9.36 6.02 0.79
C ASP A 920 10.47 5.93 -0.25
N TYR A 921 11.70 5.67 0.20
CA TYR A 921 12.83 5.57 -0.71
C TYR A 921 12.64 4.44 -1.71
N TYR A 922 12.24 3.27 -1.23
CA TYR A 922 12.08 2.12 -2.12
C TYR A 922 10.87 2.32 -3.04
N ALA A 923 9.80 2.92 -2.53
CA ALA A 923 8.67 3.24 -3.39
C ALA A 923 9.08 4.18 -4.52
N PHE A 924 9.88 5.20 -4.18
CA PHE A 924 10.37 6.12 -5.19
C PHE A 924 11.24 5.40 -6.22
N ILE A 925 12.11 4.51 -5.76
CA ILE A 925 12.97 3.77 -6.69
C ILE A 925 12.13 2.95 -7.65
N ARG A 926 11.13 2.24 -7.12
CA ARG A 926 10.28 1.42 -7.98
C ARG A 926 9.50 2.28 -8.98
N SER A 927 8.98 3.42 -8.53
CA SER A 927 8.25 4.30 -9.43
C SER A 927 9.15 4.78 -10.57
N MET A 928 10.37 5.22 -10.23
CA MET A 928 11.29 5.67 -11.27
C MET A 928 11.61 4.56 -12.25
N THR A 929 11.84 3.35 -11.73
CA THR A 929 12.17 2.23 -12.60
C THR A 929 11.04 1.95 -13.59
N VAL A 930 9.81 1.87 -13.09
CA VAL A 930 8.68 1.55 -13.97
C VAL A 930 8.48 2.67 -14.99
N LEU A 931 8.65 3.92 -14.57
CA LEU A 931 8.49 5.03 -15.50
C LEU A 931 9.52 4.98 -16.62
N VAL A 932 10.79 4.73 -16.28
CA VAL A 932 11.82 4.64 -17.30
C VAL A 932 11.53 3.48 -18.26
N TRP A 933 11.13 2.34 -17.71
CA TRP A 933 10.78 1.19 -18.53
C TRP A 933 9.69 1.55 -19.55
N MET A 934 8.61 2.16 -19.06
CA MET A 934 7.52 2.57 -19.94
C MET A 934 8.02 3.51 -21.02
N PHE A 935 8.80 4.52 -20.62
CA PHE A 935 9.24 5.53 -21.58
C PHE A 935 10.07 4.90 -22.69
N THR A 936 11.03 4.04 -22.34
CA THR A 936 11.88 3.43 -23.36
C THR A 936 11.06 2.54 -24.29
N ASN A 937 10.18 1.71 -23.73
CA ASN A 937 9.39 0.83 -24.57
C ASN A 937 8.50 1.63 -25.53
N PHE A 938 7.87 2.70 -25.03
CA PHE A 938 7.02 3.50 -25.90
C PHE A 938 7.82 4.22 -26.96
N VAL A 939 9.03 4.68 -26.63
CA VAL A 939 9.88 5.31 -27.65
C VAL A 939 10.18 4.33 -28.77
N VAL A 940 10.53 3.10 -28.41
CA VAL A 940 10.82 2.10 -29.44
C VAL A 940 9.58 1.84 -30.29
N ILE A 941 8.42 1.69 -29.64
CA ILE A 941 7.20 1.40 -30.39
C ILE A 941 6.86 2.55 -31.33
N ALA A 942 6.98 3.79 -30.86
CA ALA A 942 6.68 4.94 -31.70
C ALA A 942 7.62 5.01 -32.89
N LEU A 943 8.91 4.73 -32.66
CA LEU A 943 9.87 4.73 -33.77
C LEU A 943 9.48 3.69 -34.80
N VAL A 944 9.07 2.49 -34.39
CA VAL A 944 8.81 1.37 -35.35
C VAL A 944 7.51 1.57 -36.13
N LEU A 945 6.37 1.74 -35.45
CA LEU A 945 5.03 1.82 -36.10
C LEU A 945 4.59 3.26 -36.42
N GLU A 946 5.39 4.28 -36.10
CA GLU A 946 5.01 5.70 -36.30
C GLU A 946 3.66 5.94 -35.60
N THR A 947 3.57 5.51 -34.34
CA THR A 947 2.36 5.52 -33.48
C THR A 947 2.04 6.91 -32.93
N GLY A 948 3.02 7.72 -32.40
CA GLY A 948 2.89 9.03 -31.79
C GLY A 948 2.68 10.12 -32.81
N GLY A 949 3.36 11.25 -32.62
CA GLY A 949 3.26 12.36 -33.54
C GLY A 949 4.11 12.24 -34.78
N PHE A 950 4.87 11.15 -34.93
CA PHE A 950 5.73 10.99 -36.08
C PHE A 950 4.93 10.92 -37.37
N ASN A 951 3.70 10.40 -37.32
CA ASN A 951 2.87 10.31 -38.52
C ASN A 951 2.58 11.68 -39.11
N GLN A 952 2.67 12.76 -38.31
CA GLN A 952 2.43 14.09 -38.85
C GLN A 952 3.53 14.52 -39.81
N PHE A 953 4.75 14.02 -39.64
CA PHE A 953 5.87 14.42 -40.47
C PHE A 953 5.89 13.70 -41.82
N VAL A 954 4.93 12.83 -42.09
CA VAL A 954 4.86 12.13 -43.37
C VAL A 954 3.52 12.47 -44.04
N GLU A 955 3.29 11.92 -45.23
CA GLU A 955 2.12 12.22 -46.03
C GLU A 955 1.15 11.05 -46.01
N ALA A 956 0.05 11.19 -46.74
CA ALA A 956 -1.00 10.18 -46.74
C ALA A 956 -0.49 8.85 -47.27
N THR A 957 0.30 8.88 -48.34
CA THR A 957 0.71 7.66 -49.02
C THR A 957 2.06 7.12 -48.52
N ASP A 958 3.01 8.01 -48.22
CA ASP A 958 4.33 7.56 -47.81
C ASP A 958 4.29 6.87 -46.46
N LEU A 959 3.32 7.20 -45.61
CA LEU A 959 3.28 6.63 -44.26
C LEU A 959 3.16 5.11 -44.33
N ALA A 960 2.27 4.60 -45.20
CA ALA A 960 2.06 3.16 -45.26
C ALA A 960 3.34 2.42 -45.66
N ASN A 961 3.99 2.88 -46.72
CA ASN A 961 5.21 2.21 -47.19
C ASN A 961 6.32 2.29 -46.16
N LEU A 962 6.50 3.47 -45.55
CA LEU A 962 7.55 3.62 -44.55
C LEU A 962 7.29 2.72 -43.35
N LYS A 963 6.03 2.66 -42.90
CA LYS A 963 5.68 1.78 -41.78
C LYS A 963 5.94 0.33 -42.13
N SER A 964 5.59 -0.09 -43.35
CA SER A 964 5.83 -1.47 -43.75
C SER A 964 7.31 -1.79 -43.75
N ASN A 965 8.13 -0.90 -44.29
CA ASN A 965 9.57 -1.13 -44.33
C ASN A 965 10.14 -1.24 -42.93
N ARG A 966 9.75 -0.31 -42.05
CA ARG A 966 10.27 -0.35 -40.67
C ARG A 966 9.83 -1.61 -39.96
N ALA A 967 8.57 -2.04 -40.16
CA ALA A 967 8.09 -3.26 -39.53
C ALA A 967 8.87 -4.48 -40.02
N ALA A 968 9.14 -4.56 -41.32
CA ALA A 968 9.92 -5.68 -41.84
C ALA A 968 11.32 -5.71 -41.23
N VAL A 969 11.96 -4.53 -41.16
CA VAL A 969 13.30 -4.47 -40.58
C VAL A 969 13.27 -4.92 -39.13
N PHE A 970 12.29 -4.45 -38.36
CA PHE A 970 12.19 -4.84 -36.96
C PHE A 970 11.98 -6.34 -36.82
N LEU A 971 11.11 -6.92 -37.64
CA LEU A 971 10.84 -8.34 -37.54
C LEU A 971 12.11 -9.16 -37.81
N THR A 972 12.80 -8.83 -38.91
CA THR A 972 14.01 -9.59 -39.21
C THR A 972 15.04 -9.44 -38.10
N VAL A 973 15.20 -8.21 -37.58
CA VAL A 973 16.19 -7.98 -36.54
C VAL A 973 15.89 -8.84 -35.32
N ILE A 974 14.65 -8.79 -34.83
CA ILE A 974 14.32 -9.49 -33.59
C ILE A 974 14.43 -11.00 -33.78
N LEU A 975 13.89 -11.52 -34.89
CA LEU A 975 13.91 -12.96 -35.09
C LEU A 975 15.34 -13.47 -35.21
N TRP A 976 16.19 -12.76 -35.96
CA TRP A 976 17.56 -13.22 -36.12
C TRP A 976 18.38 -13.04 -34.85
N THR A 977 18.06 -12.03 -34.03
CA THR A 977 18.71 -11.93 -32.73
C THR A 977 18.39 -13.14 -31.87
N VAL A 978 17.12 -13.53 -31.84
CA VAL A 978 16.74 -14.72 -31.07
C VAL A 978 17.46 -15.96 -31.60
N ALA A 979 17.49 -16.11 -32.93
CA ALA A 979 18.13 -17.29 -33.52
C ALA A 979 19.61 -17.33 -33.19
N PHE A 980 20.30 -16.18 -33.26
CA PHE A 980 21.73 -16.15 -32.98
C PHE A 980 22.00 -16.44 -31.51
N MET A 981 21.16 -15.94 -30.60
CA MET A 981 21.34 -16.30 -29.19
C MET A 981 21.17 -17.79 -28.98
N ALA A 982 20.17 -18.39 -29.64
CA ALA A 982 19.97 -19.82 -29.54
C ALA A 982 21.20 -20.58 -30.05
N LEU A 983 21.76 -20.14 -31.17
CA LEU A 983 22.96 -20.79 -31.70
C LEU A 983 24.13 -20.67 -30.73
N PHE A 984 24.31 -19.49 -30.13
CA PHE A 984 25.37 -19.30 -29.16
C PHE A 984 25.25 -20.29 -28.01
N ARG A 985 24.04 -20.40 -27.44
CA ARG A 985 23.82 -21.32 -26.33
C ARG A 985 24.04 -22.77 -26.76
N PHE A 986 23.61 -23.12 -27.97
CA PHE A 986 23.79 -24.49 -28.47
C PHE A 986 25.27 -24.84 -28.55
N ILE A 987 26.07 -23.95 -29.11
CA ILE A 987 27.51 -24.19 -29.23
C ILE A 987 28.12 -24.33 -27.84
N GLY A 988 27.68 -23.48 -26.90
CA GLY A 988 28.19 -23.56 -25.54
C GLY A 988 27.89 -24.90 -24.90
N CYS A 989 26.68 -25.40 -25.05
CA CYS A 989 26.34 -26.68 -24.45
C CYS A 989 27.08 -27.84 -25.13
N ILE A 990 27.28 -27.73 -26.44
CA ILE A 990 28.07 -28.74 -27.14
C ILE A 990 29.46 -28.80 -26.56
N TYR A 991 30.08 -27.64 -26.35
CA TYR A 991 31.40 -27.62 -25.74
C TYR A 991 31.37 -28.18 -24.32
N TYR A 992 30.31 -27.90 -23.57
CA TYR A 992 30.22 -28.43 -22.21
C TYR A 992 30.18 -29.95 -22.22
N LEU A 993 29.38 -30.52 -23.12
CA LEU A 993 29.29 -31.97 -23.23
C LEU A 993 30.65 -32.57 -23.59
N ILE A 994 31.32 -31.97 -24.58
CA ILE A 994 32.60 -32.52 -25.04
C ILE A 994 33.62 -32.48 -23.91
N THR A 995 33.73 -31.34 -23.22
CA THR A 995 34.74 -31.22 -22.17
C THR A 995 34.41 -32.13 -20.99
N ARG A 996 33.13 -32.27 -20.64
CA ARG A 996 32.77 -33.17 -19.55
C ARG A 996 33.11 -34.62 -19.90
N LEU A 997 32.83 -35.04 -21.15
CA LEU A 997 33.18 -36.39 -21.55
C LEU A 997 34.68 -36.60 -21.50
N GLY A 998 35.45 -35.63 -22.01
CA GLY A 998 36.90 -35.74 -21.95
C GLY A 998 37.42 -35.83 -20.54
N ARG A 999 36.86 -35.02 -19.63
CA ARG A 999 37.27 -35.08 -18.23
C ARG A 999 36.93 -36.42 -17.61
N GLU A 1000 35.75 -36.97 -17.96
CA GLU A 1000 35.38 -38.27 -17.43
C GLU A 1000 36.35 -39.35 -17.89
N ILE A 1001 36.78 -39.29 -19.16
CA ILE A 1001 37.76 -40.25 -19.64
C ILE A 1001 39.04 -40.15 -18.83
N LYS A 1002 39.49 -38.92 -18.58
CA LYS A 1002 40.70 -38.70 -17.79
C LYS A 1002 40.54 -39.27 -16.38
N ALA B 135 0.24 37.75 29.51
CA ALA B 135 -0.86 37.01 28.92
C ALA B 135 -2.12 37.86 28.87
N PHE B 136 -2.38 38.59 29.96
CA PHE B 136 -3.54 39.45 30.06
C PHE B 136 -3.16 40.89 29.76
N ILE B 137 -3.95 41.55 28.92
CA ILE B 137 -3.70 42.94 28.56
C ILE B 137 -5.00 43.72 28.57
N ASN B 146 -15.36 48.56 15.40
CA ASN B 146 -16.39 49.55 15.71
C ASN B 146 -17.71 48.86 16.01
N ASP B 147 -18.04 47.85 15.21
CA ASP B 147 -19.26 47.08 15.46
C ASP B 147 -19.21 46.41 16.83
N GLU B 148 -18.03 45.95 17.25
CA GLU B 148 -17.91 45.35 18.57
C GLU B 148 -18.22 46.37 19.67
N GLN B 149 -17.82 47.62 19.46
CA GLN B 149 -18.09 48.65 20.46
C GLN B 149 -19.59 48.84 20.68
N GLU B 150 -20.37 48.81 19.59
CA GLU B 150 -21.82 48.95 19.73
C GLU B 150 -22.38 47.89 20.67
N TYR B 151 -21.86 46.66 20.59
CA TYR B 151 -22.38 45.60 21.45
C TYR B 151 -22.14 45.91 22.92
N ASP B 152 -20.95 46.43 23.25
CA ASP B 152 -20.62 46.68 24.65
C ASP B 152 -21.55 47.73 25.27
N GLN B 153 -21.95 48.73 24.49
CA GLN B 153 -22.78 49.80 25.04
C GLN B 153 -24.10 49.26 25.57
N ARG B 154 -24.74 48.36 24.82
CA ARG B 154 -26.05 47.85 25.21
C ARG B 154 -25.99 46.87 26.37
N ILE B 155 -24.81 46.28 26.65
CA ILE B 155 -24.68 45.28 27.70
C ILE B 155 -24.33 45.98 29.01
N GLN B 156 -25.07 45.65 30.08
CA GLN B 156 -24.82 46.27 31.37
C GLN B 156 -23.48 45.84 31.95
N TYR B 157 -23.17 44.55 31.89
CA TYR B 157 -21.91 43.98 32.36
C TYR B 157 -21.82 43.98 33.89
N ASN B 158 -22.82 44.54 34.57
CA ASN B 158 -22.80 44.59 36.03
C ASN B 158 -23.50 43.41 36.68
N GLN B 159 -24.43 42.77 35.97
CA GLN B 159 -25.26 41.69 36.53
C GLN B 159 -24.99 40.42 35.73
N PHE B 160 -24.07 39.59 36.24
CA PHE B 160 -23.75 38.31 35.65
C PHE B 160 -23.61 37.24 36.74
N GLN B 161 -24.53 37.25 37.70
CA GLN B 161 -24.52 36.25 38.76
C GLN B 161 -25.01 34.91 38.24
N GLY B 162 -24.26 33.85 38.53
CA GLY B 162 -24.62 32.53 38.06
C GLY B 162 -25.57 31.81 39.00
N ASP B 163 -26.22 30.78 38.47
CA ASP B 163 -27.15 29.99 39.26
C ASP B 163 -26.41 29.02 40.17
N HIS B 164 -27.02 28.70 41.30
CA HIS B 164 -26.43 27.79 42.26
C HIS B 164 -26.68 26.34 41.85
N PHE B 165 -25.64 25.51 41.98
CA PHE B 165 -25.75 24.10 41.65
C PHE B 165 -25.01 23.28 42.70
N ASP B 166 -25.42 22.02 42.84
CA ASP B 166 -24.84 21.14 43.86
C ASP B 166 -23.44 20.71 43.43
N LEU B 167 -22.50 20.76 44.37
CA LEU B 167 -21.12 20.38 44.12
C LEU B 167 -20.88 18.92 44.52
N ALA B 168 -19.71 18.41 44.15
CA ALA B 168 -19.28 17.07 44.51
C ALA B 168 -18.15 17.19 45.53
N ALA B 169 -18.29 16.49 46.66
CA ALA B 169 -17.30 16.57 47.72
C ALA B 169 -15.96 16.03 47.24
N ILE B 170 -14.90 16.78 47.56
CA ILE B 170 -13.53 16.40 47.24
C ILE B 170 -12.72 16.60 48.52
N SER B 171 -12.32 15.50 49.16
CA SER B 171 -11.53 15.57 50.37
C SER B 171 -10.21 16.30 50.13
N THR B 238 -7.42 10.95 48.58
CA THR B 238 -8.37 12.05 48.42
C THR B 238 -9.70 11.54 47.87
N ARG B 239 -10.43 10.81 48.70
CA ARG B 239 -11.71 10.25 48.27
C ARG B 239 -12.67 11.35 47.88
N ALA B 240 -13.34 11.17 46.74
CA ALA B 240 -14.32 12.13 46.24
C ALA B 240 -15.59 11.40 45.83
N THR B 241 -16.73 12.02 46.10
CA THR B 241 -18.02 11.45 45.77
C THR B 241 -18.39 11.78 44.33
N GLY B 242 -18.94 10.79 43.62
CA GLY B 242 -19.33 10.94 42.23
C GLY B 242 -20.84 10.87 42.09
N LEU B 243 -21.39 11.73 41.23
CA LEU B 243 -22.83 11.77 41.03
C LEU B 243 -23.29 10.58 40.21
N ASN B 244 -24.37 9.93 40.66
CA ASN B 244 -25.00 8.84 39.91
C ASN B 244 -24.04 7.68 39.68
N GLY B 245 -23.08 7.50 40.59
CA GLY B 245 -22.13 6.41 40.45
C GLY B 245 -21.06 6.60 39.41
N HIS B 246 -20.95 7.80 38.83
CA HIS B 246 -19.94 8.12 37.83
C HIS B 246 -18.88 9.01 38.45
N LEU B 247 -17.70 9.00 37.83
CA LEU B 247 -16.56 9.78 38.32
C LEU B 247 -16.78 11.23 37.95
N VAL B 248 -17.19 12.04 38.92
CA VAL B 248 -17.44 13.47 38.73
C VAL B 248 -16.70 14.23 39.82
N LEU B 249 -15.97 15.26 39.42
CA LEU B 249 -15.20 16.09 40.35
C LEU B 249 -15.45 17.55 40.05
N ASP B 250 -15.77 18.31 41.10
CA ASP B 250 -15.96 19.76 41.01
C ASP B 250 -14.78 20.42 41.72
N CYS B 251 -13.70 20.64 40.97
CA CYS B 251 -12.49 21.22 41.53
C CYS B 251 -12.54 22.73 41.44
N PRO B 252 -11.80 23.43 42.31
CA PRO B 252 -11.75 24.88 42.23
C PRO B 252 -10.77 25.37 41.19
N VAL B 253 -11.09 26.51 40.59
CA VAL B 253 -10.24 27.11 39.57
C VAL B 253 -9.14 27.92 40.24
N ALA B 254 -8.10 28.22 39.46
CA ALA B 254 -6.97 28.99 39.99
C ALA B 254 -7.46 30.33 40.53
N ASP B 255 -6.90 30.73 41.67
CA ASP B 255 -7.37 31.94 42.35
C ASP B 255 -7.17 33.18 41.50
N GLU B 256 -6.12 33.22 40.67
CA GLU B 256 -5.90 34.39 39.84
C GLU B 256 -7.03 34.60 38.84
N LEU B 257 -7.52 33.51 38.24
CA LEU B 257 -8.62 33.62 37.30
C LEU B 257 -9.86 34.21 37.98
N LEU B 258 -10.14 33.78 39.20
CA LEU B 258 -11.24 34.37 39.96
C LEU B 258 -10.96 35.84 40.26
N SER B 259 -9.71 36.18 40.60
CA SER B 259 -9.37 37.55 40.95
C SER B 259 -9.57 38.49 39.76
N LYS B 260 -9.31 38.01 38.55
CA LYS B 260 -9.48 38.87 37.38
C LYS B 260 -10.90 39.43 37.27
N PHE B 261 -11.89 38.67 37.71
CA PHE B 261 -13.27 39.07 37.50
C PHE B 261 -13.57 40.34 38.29
N PRO B 262 -14.29 41.32 37.70
CA PRO B 262 -14.60 42.54 38.47
C PRO B 262 -15.38 42.28 39.75
N ASP B 263 -16.31 41.32 39.73
CA ASP B 263 -17.12 41.04 40.91
C ASP B 263 -16.32 40.42 42.04
N TYR B 264 -15.08 40.00 41.79
CA TYR B 264 -14.27 39.39 42.83
C TYR B 264 -14.04 40.37 43.98
N ASN B 265 -14.12 39.87 45.21
CA ASN B 265 -13.89 40.65 46.41
C ASN B 265 -12.77 40.01 47.20
N PRO B 266 -11.70 40.73 47.55
CA PRO B 266 -10.62 40.08 48.31
C PRO B 266 -11.09 39.49 49.63
N ALA B 267 -12.03 40.15 50.31
CA ALA B 267 -12.51 39.64 51.59
C ALA B 267 -13.18 38.28 51.45
N GLU B 268 -14.00 38.12 50.41
CA GLU B 268 -14.67 36.85 50.19
C GLU B 268 -13.67 35.73 49.94
N LYS B 269 -13.95 34.55 50.48
CA LYS B 269 -13.06 33.42 50.28
C LYS B 269 -12.97 33.06 48.79
N SER B 270 -14.09 33.02 48.09
CA SER B 270 -14.14 32.76 46.67
C SER B 270 -14.36 34.02 45.84
N GLY B 271 -14.35 35.19 46.48
CA GLY B 271 -14.61 36.44 45.79
C GLY B 271 -16.08 36.77 45.61
N GLY B 272 -16.98 36.00 46.19
CA GLY B 272 -18.39 36.21 46.01
C GLY B 272 -18.95 35.66 44.72
N LEU B 273 -18.15 34.93 43.94
CA LEU B 273 -18.61 34.39 42.67
C LEU B 273 -19.62 33.26 42.90
N SER B 274 -20.44 33.04 41.88
CA SER B 274 -21.42 31.97 41.94
C SER B 274 -20.71 30.61 41.90
N ARG B 275 -21.48 29.56 42.18
CA ARG B 275 -20.92 28.21 42.20
C ARG B 275 -20.36 27.83 40.84
N GLU B 276 -21.10 28.15 39.76
CA GLU B 276 -20.65 27.76 38.42
C GLU B 276 -19.36 28.46 38.04
N PHE B 277 -19.23 29.74 38.37
CA PHE B 277 -18.03 30.49 38.02
C PHE B 277 -16.84 30.12 38.90
N ALA B 278 -17.08 29.50 40.05
CA ALA B 278 -16.00 29.23 41.00
C ALA B 278 -15.38 27.84 40.80
N PHE B 279 -16.18 26.86 40.42
CA PHE B 279 -15.72 25.47 40.34
C PHE B 279 -15.87 24.96 38.91
N MET B 280 -14.87 24.21 38.46
CA MET B 280 -14.89 23.55 37.16
C MET B 280 -15.17 22.06 37.36
N ARG B 281 -16.03 21.52 36.51
CA ARG B 281 -16.51 20.15 36.66
C ARG B 281 -15.84 19.24 35.64
N TYR B 282 -15.40 18.07 36.09
CA TYR B 282 -14.76 17.07 35.25
C TYR B 282 -15.53 15.77 35.36
N THR B 283 -15.80 15.15 34.21
CA THR B 283 -16.50 13.87 34.15
C THR B 283 -15.73 12.92 33.25
N ALA B 284 -15.65 11.66 33.66
CA ALA B 284 -15.01 10.60 32.88
C ALA B 284 -16.10 9.72 32.28
N VAL B 285 -16.09 9.59 30.96
CA VAL B 285 -17.10 8.84 30.23
C VAL B 285 -16.45 7.56 29.72
N THR B 286 -17.04 6.42 30.09
CA THR B 286 -16.53 5.11 29.71
C THR B 286 -17.40 4.39 28.69
N CYS B 287 -18.70 4.67 28.66
CA CYS B 287 -19.60 3.88 27.83
C CYS B 287 -19.40 4.17 26.34
N GLY B 288 -19.34 5.45 25.97
CA GLY B 288 -19.25 5.82 24.58
C GLY B 288 -20.52 6.48 24.08
N PRO B 289 -20.51 6.93 22.83
CA PRO B 289 -21.66 7.70 22.33
C PRO B 289 -22.99 6.97 22.41
N SER B 290 -23.01 5.67 22.12
CA SER B 290 -24.27 4.96 21.98
C SER B 290 -25.05 4.93 23.30
N ASN B 291 -24.35 4.65 24.41
CA ASN B 291 -25.00 4.46 25.70
C ASN B 291 -24.84 5.66 26.63
N PHE B 292 -24.39 6.80 26.11
CA PHE B 292 -24.20 7.97 26.97
C PHE B 292 -25.51 8.42 27.58
N TYR B 293 -26.58 8.47 26.79
CA TYR B 293 -27.88 8.89 27.32
C TYR B 293 -28.49 7.81 28.21
N ARG B 294 -28.32 6.54 27.84
CA ARG B 294 -28.89 5.46 28.65
C ARG B 294 -28.31 5.48 30.06
N ASP B 295 -26.99 5.65 30.16
CA ASP B 295 -26.37 5.78 31.47
C ASP B 295 -26.70 7.15 32.07
N ALA B 296 -26.58 7.23 33.40
CA ALA B 296 -26.95 8.44 34.13
C ALA B 296 -25.82 9.48 34.08
N TYR B 297 -25.45 9.85 32.86
CA TYR B 297 -24.50 10.93 32.63
C TYR B 297 -25.28 12.23 32.49
N ILE B 298 -25.10 13.13 33.45
CA ILE B 298 -25.84 14.38 33.52
C ILE B 298 -24.87 15.53 33.29
N LEU B 299 -25.18 16.38 32.32
CA LEU B 299 -24.40 17.58 32.06
C LEU B 299 -24.88 18.71 32.96
N ARG B 300 -23.95 19.62 33.28
CA ARG B 300 -24.27 20.68 34.23
C ARG B 300 -25.44 21.54 33.79
N PRO B 301 -25.57 21.93 32.52
CA PRO B 301 -26.71 22.80 32.15
C PRO B 301 -28.06 22.20 32.51
N VAL B 302 -28.22 20.88 32.40
CA VAL B 302 -29.47 20.22 32.76
C VAL B 302 -29.52 19.82 34.23
N HIS B 303 -28.45 20.03 34.97
CA HIS B 303 -28.38 19.62 36.37
C HIS B 303 -28.83 20.72 37.35
N TYR B 304 -29.11 21.92 36.86
CA TYR B 304 -29.51 23.00 37.74
C TYR B 304 -30.90 22.72 38.32
N PRO B 305 -31.21 23.31 39.49
CA PRO B 305 -32.56 23.12 40.04
C PRO B 305 -33.65 23.55 39.08
N ILE B 306 -33.43 24.63 38.33
CA ILE B 306 -34.33 25.06 37.27
C ILE B 306 -33.69 24.65 35.94
N PRO B 307 -34.25 23.67 35.22
CA PRO B 307 -33.58 23.20 33.99
C PRO B 307 -33.41 24.33 32.98
N ARG B 308 -32.30 24.27 32.26
CA ARG B 308 -31.99 25.24 31.21
C ARG B 308 -32.21 24.58 29.86
N GLN B 309 -32.95 25.25 28.99
CA GLN B 309 -33.25 24.76 27.65
C GLN B 309 -32.27 25.39 26.66
N THR B 310 -31.55 24.54 25.92
CA THR B 310 -30.56 25.02 24.97
C THR B 310 -31.23 25.46 23.68
N GLU B 311 -30.76 26.59 23.14
CA GLU B 311 -31.28 27.13 21.89
C GLU B 311 -30.30 27.06 20.73
N LEU B 312 -29.01 26.99 21.01
CA LEU B 312 -28.00 27.03 19.95
C LEU B 312 -26.74 26.34 20.47
N MET B 313 -26.44 25.16 19.94
CA MET B 313 -25.27 24.38 20.32
C MET B 313 -24.19 24.61 19.25
N ILE B 314 -23.10 25.25 19.64
CA ILE B 314 -22.02 25.59 18.73
C ILE B 314 -20.93 24.54 18.90
N VAL B 315 -20.85 23.62 17.94
CA VAL B 315 -19.88 22.53 17.99
C VAL B 315 -18.61 22.97 17.28
N ILE B 316 -17.46 22.66 17.89
CA ILE B 316 -16.16 22.96 17.31
C ILE B 316 -15.33 21.68 17.32
N THR B 317 -14.72 21.37 16.19
CA THR B 317 -13.91 20.16 16.03
C THR B 317 -12.45 20.55 15.90
N MET B 318 -11.59 19.90 16.68
CA MET B 318 -10.17 20.19 16.70
C MET B 318 -9.37 18.90 16.59
N TYR B 319 -8.22 19.00 15.91
CA TYR B 319 -7.32 17.86 15.74
C TYR B 319 -5.93 18.43 15.49
N ASN B 320 -5.08 18.39 16.52
CA ASN B 320 -3.69 18.86 16.45
C ASN B 320 -3.59 20.21 15.76
N GLU B 321 -4.58 21.08 15.99
CA GLU B 321 -4.59 22.40 15.40
C GLU B 321 -3.80 23.38 16.27
N ASP B 322 -3.16 24.35 15.62
CA ASP B 322 -2.40 25.35 16.35
C ASP B 322 -3.33 26.17 17.25
N ASP B 323 -2.73 26.80 18.26
CA ASP B 323 -3.50 27.65 19.17
C ASP B 323 -4.08 28.86 18.45
N ILE B 324 -3.46 29.29 17.35
CA ILE B 324 -3.92 30.48 16.65
C ILE B 324 -5.30 30.25 16.04
N LEU B 325 -5.48 29.09 15.39
CA LEU B 325 -6.76 28.79 14.76
C LEU B 325 -7.88 28.69 15.79
N LEU B 326 -7.61 27.98 16.89
CA LEU B 326 -8.62 27.88 17.95
C LEU B 326 -8.91 29.25 18.55
N GLY B 327 -7.89 30.07 18.73
CA GLY B 327 -8.12 31.42 19.24
C GLY B 327 -9.01 32.24 18.33
N ARG B 328 -8.77 32.16 17.01
CA ARG B 328 -9.61 32.90 16.07
C ARG B 328 -11.05 32.39 16.12
N THR B 329 -11.23 31.07 16.14
CA THR B 329 -12.58 30.50 16.18
C THR B 329 -13.31 30.95 17.45
N LEU B 330 -12.63 30.88 18.59
CA LEU B 330 -13.25 31.26 19.85
C LEU B 330 -13.54 32.75 19.90
N LYS B 331 -12.67 33.57 19.32
CA LYS B 331 -12.95 35.00 19.25
C LYS B 331 -14.20 35.27 18.44
N GLY B 332 -14.33 34.61 17.29
CA GLY B 332 -15.54 34.79 16.50
C GLY B 332 -16.79 34.37 17.25
N VAL B 333 -16.73 33.21 17.91
CA VAL B 333 -17.89 32.72 18.64
C VAL B 333 -18.25 33.67 19.77
N PHE B 334 -17.24 34.15 20.50
CA PHE B 334 -17.49 35.08 21.60
C PHE B 334 -18.10 36.38 21.10
N LYS B 335 -17.61 36.89 19.96
CA LYS B 335 -18.18 38.10 19.39
C LYS B 335 -19.65 37.88 19.01
N ASN B 336 -19.96 36.73 18.41
CA ASN B 336 -21.35 36.43 18.06
C ASN B 336 -22.22 36.36 19.31
N ILE B 337 -21.73 35.72 20.37
CA ILE B 337 -22.51 35.63 21.60
C ILE B 337 -22.71 37.00 22.21
N LYS B 338 -21.68 37.85 22.17
CA LYS B 338 -21.82 39.22 22.69
C LYS B 338 -22.87 39.98 21.90
N TYR B 339 -22.87 39.85 20.57
CA TYR B 339 -23.88 40.52 19.77
C TYR B 339 -25.28 40.03 20.13
N LEU B 340 -25.43 38.72 20.29
CA LEU B 340 -26.74 38.17 20.66
C LEU B 340 -27.19 38.72 22.02
N GLU B 341 -26.27 38.81 22.98
CA GLU B 341 -26.61 39.37 24.27
C GLU B 341 -27.02 40.84 24.15
N SER B 342 -26.32 41.61 23.32
CA SER B 342 -26.59 43.03 23.21
C SER B 342 -27.95 43.32 22.58
N LYS B 343 -28.47 42.39 21.77
CA LYS B 343 -29.74 42.61 21.10
C LYS B 343 -30.83 42.91 22.13
N ALA B 344 -31.57 43.99 21.90
CA ALA B 344 -32.57 44.46 22.86
C ALA B 344 -33.98 44.07 22.45
N ARG B 345 -34.42 44.48 21.26
CA ARG B 345 -35.79 44.22 20.81
C ARG B 345 -35.89 42.87 20.11
N SER B 346 -35.63 41.82 20.89
CA SER B 346 -35.72 40.45 20.41
C SER B 346 -36.49 39.61 21.42
N SER B 347 -37.47 38.85 20.93
CA SER B 347 -38.28 38.02 21.83
C SER B 347 -37.44 36.93 22.46
N THR B 348 -36.57 36.29 21.69
CA THR B 348 -35.80 35.15 22.19
C THR B 348 -34.45 35.54 22.75
N TRP B 349 -33.78 36.52 22.14
CA TRP B 349 -32.45 36.93 22.56
C TRP B 349 -32.53 38.19 23.42
N GLY B 350 -31.41 38.47 24.09
CA GLY B 350 -31.31 39.65 24.93
C GLY B 350 -30.66 39.35 26.27
N LYS B 351 -31.23 39.88 27.34
CA LYS B 351 -30.67 39.66 28.67
C LYS B 351 -30.66 38.16 28.98
N ASP B 352 -29.56 37.70 29.56
CA ASP B 352 -29.40 36.29 29.95
C ASP B 352 -29.54 35.36 28.75
N SER B 353 -29.08 35.80 27.57
CA SER B 353 -29.10 34.94 26.40
C SER B 353 -27.99 33.90 26.44
N TRP B 354 -26.88 34.20 27.12
CA TRP B 354 -25.77 33.27 27.19
C TRP B 354 -26.14 31.95 27.86
N LYS B 355 -27.23 31.92 28.60
CA LYS B 355 -27.66 30.67 29.24
C LYS B 355 -28.23 29.68 28.23
N LYS B 356 -28.64 30.15 27.06
CA LYS B 356 -29.23 29.29 26.04
C LYS B 356 -28.22 28.77 25.03
N ILE B 357 -26.95 29.16 25.15
CA ILE B 357 -25.93 28.83 24.17
C ILE B 357 -24.84 28.01 24.86
N VAL B 358 -24.49 26.88 24.25
CA VAL B 358 -23.45 25.99 24.77
C VAL B 358 -22.42 25.79 23.67
N VAL B 359 -21.15 25.95 24.01
CA VAL B 359 -20.05 25.77 23.08
C VAL B 359 -19.39 24.44 23.41
N CYS B 360 -19.39 23.52 22.44
CA CYS B 360 -18.81 22.19 22.60
C CYS B 360 -17.58 22.06 21.72
N ILE B 361 -16.46 21.70 22.34
CA ILE B 361 -15.20 21.50 21.64
C ILE B 361 -14.84 20.02 21.76
N VAL B 362 -14.80 19.33 20.63
CA VAL B 362 -14.49 17.91 20.57
C VAL B 362 -13.12 17.77 19.95
N SER B 363 -12.12 17.46 20.78
CA SER B 363 -10.75 17.25 20.31
C SER B 363 -10.54 15.77 20.02
N ASP B 364 -9.95 15.48 18.86
CA ASP B 364 -9.75 14.12 18.39
C ASP B 364 -8.34 13.67 18.77
N GLY B 365 -8.24 12.74 19.72
CA GLY B 365 -6.96 12.19 20.11
C GLY B 365 -6.34 12.88 21.31
N ARG B 366 -6.23 12.15 22.43
CA ARG B 366 -5.61 12.73 23.62
C ARG B 366 -4.14 13.01 23.40
N THR B 367 -3.43 12.11 22.71
CA THR B 367 -2.00 12.24 22.51
C THR B 367 -1.64 13.05 21.27
N LYS B 368 -2.62 13.41 20.44
CA LYS B 368 -2.37 14.19 19.23
C LYS B 368 -2.75 15.65 19.38
N ILE B 369 -3.49 16.02 20.42
CA ILE B 369 -3.87 17.41 20.61
C ILE B 369 -2.62 18.25 20.79
N ASN B 370 -2.59 19.40 20.11
CA ASN B 370 -1.45 20.30 20.23
C ASN B 370 -1.37 20.86 21.64
N GLU B 371 -0.13 21.01 22.13
CA GLU B 371 0.06 21.47 23.50
C GLU B 371 -0.32 22.94 23.67
N ARG B 372 -0.12 23.76 22.63
CA ARG B 372 -0.41 25.18 22.76
C ARG B 372 -1.92 25.44 22.80
N ALA B 373 -2.68 24.70 22.00
CA ALA B 373 -4.14 24.81 22.08
C ALA B 373 -4.65 24.35 23.44
N GLN B 374 -4.05 23.28 23.98
CA GLN B 374 -4.42 22.83 25.32
C GLN B 374 -4.10 23.90 26.36
N ALA B 375 -2.97 24.59 26.20
CA ALA B 375 -2.63 25.69 27.09
C ALA B 375 -3.64 26.81 26.97
N LEU B 376 -4.11 27.10 25.75
CA LEU B 376 -5.15 28.10 25.57
C LEU B 376 -6.42 27.71 26.32
N LEU B 377 -6.84 26.45 26.16
CA LEU B 377 -8.04 25.99 26.85
C LEU B 377 -7.87 26.07 28.36
N ALA B 378 -6.70 25.72 28.87
CA ALA B 378 -6.44 25.86 30.29
C ALA B 378 -6.50 27.32 30.73
N GLY B 379 -5.96 28.22 29.90
CA GLY B 379 -6.07 29.64 30.21
C GLY B 379 -7.50 30.10 30.30
N LEU B 380 -8.37 29.56 29.44
CA LEU B 380 -9.79 29.81 29.59
C LEU B 380 -10.31 29.28 30.93
N GLY B 381 -9.59 28.36 31.56
CA GLY B 381 -10.01 27.76 32.80
C GLY B 381 -10.78 26.46 32.64
N VAL B 382 -11.06 26.04 31.41
CA VAL B 382 -11.85 24.83 31.20
C VAL B 382 -11.04 23.59 31.58
N TYR B 383 -9.78 23.54 31.18
CA TYR B 383 -8.96 22.33 31.28
C TYR B 383 -7.96 22.42 32.43
N GLN B 384 -7.85 21.33 33.18
CA GLN B 384 -6.83 21.15 34.19
C GLN B 384 -6.19 19.79 34.02
N GLU B 385 -4.87 19.72 34.21
CA GLU B 385 -4.13 18.51 33.88
C GLU B 385 -4.35 17.38 34.87
N GLY B 386 -4.37 17.70 36.17
CA GLY B 386 -4.37 16.66 37.17
C GLY B 386 -5.62 15.79 37.20
N LEU B 387 -6.77 16.37 36.83
CA LEU B 387 -8.04 15.68 37.02
C LEU B 387 -8.12 14.40 36.19
N ALA B 388 -7.60 14.43 34.96
CA ALA B 388 -7.82 13.34 34.02
C ALA B 388 -7.36 12.01 34.60
N LYS B 389 -8.20 10.98 34.44
CA LYS B 389 -7.91 9.63 34.91
C LYS B 389 -8.06 8.65 33.75
N SER B 390 -7.12 7.71 33.66
CA SER B 390 -7.12 6.77 32.54
C SER B 390 -8.22 5.73 32.66
N ARG B 391 -8.42 5.17 33.86
CA ARG B 391 -9.36 4.08 34.06
C ARG B 391 -10.22 4.34 35.30
N VAL B 392 -11.42 3.79 35.28
CA VAL B 392 -12.34 3.85 36.41
C VAL B 392 -13.01 2.49 36.55
N ASP B 393 -12.93 1.91 37.75
CA ASP B 393 -13.59 0.64 38.05
C ASP B 393 -13.22 -0.42 37.02
N ASP B 394 -11.94 -0.47 36.65
CA ASP B 394 -11.43 -1.43 35.68
C ASP B 394 -12.09 -1.26 34.32
N LYS B 395 -12.55 -0.05 34.01
CA LYS B 395 -13.16 0.27 32.73
C LYS B 395 -12.42 1.44 32.11
N LYS B 396 -12.06 1.31 30.83
CA LYS B 396 -11.34 2.37 30.16
C LYS B 396 -12.22 3.60 29.98
N VAL B 397 -11.60 4.77 30.09
CA VAL B 397 -12.30 6.04 29.94
C VAL B 397 -12.21 6.46 28.48
N GLN B 398 -13.34 6.43 27.77
CA GLN B 398 -13.34 6.76 26.35
C GLN B 398 -13.09 8.24 26.14
N ALA B 399 -13.75 9.10 26.90
CA ALA B 399 -13.67 10.54 26.71
C ALA B 399 -13.57 11.25 28.05
N HIS B 400 -12.98 12.44 28.02
CA HIS B 400 -12.85 13.30 29.20
C HIS B 400 -13.60 14.60 28.91
N MET B 401 -14.57 14.93 29.76
CA MET B 401 -15.40 16.11 29.59
C MET B 401 -15.12 17.12 30.70
N PHE B 402 -14.81 18.35 30.31
CA PHE B 402 -14.61 19.45 31.23
C PHE B 402 -15.68 20.50 30.97
N GLU B 403 -16.36 20.92 32.04
CA GLU B 403 -17.45 21.89 31.95
C GLU B 403 -17.11 23.09 32.81
N TYR B 404 -17.24 24.29 32.24
CA TYR B 404 -16.93 25.51 32.96
C TYR B 404 -17.56 26.70 32.25
N THR B 405 -18.05 27.65 33.03
CA THR B 405 -18.62 28.89 32.50
C THR B 405 -17.52 29.96 32.55
N THR B 406 -16.76 30.06 31.47
CA THR B 406 -15.62 30.96 31.42
C THR B 406 -16.07 32.39 31.21
N ARG B 407 -15.41 33.31 31.90
CA ARG B 407 -15.60 34.75 31.71
C ARG B 407 -14.35 35.40 31.11
N VAL B 408 -13.55 34.62 30.40
CA VAL B 408 -12.30 35.08 29.80
C VAL B 408 -12.51 35.20 28.29
N GLY B 409 -12.20 36.36 27.74
CA GLY B 409 -12.40 36.64 26.33
C GLY B 409 -11.08 36.94 25.64
N ILE B 410 -10.96 36.49 24.40
CA ILE B 410 -9.75 36.72 23.61
C ILE B 410 -9.82 38.13 23.05
N SER B 411 -8.93 39.01 23.52
CA SER B 411 -8.93 40.39 23.05
C SER B 411 -8.48 40.47 21.59
N LYS B 412 -7.39 39.78 21.26
CA LYS B 412 -6.87 39.81 19.90
C LYS B 412 -6.06 38.54 19.67
N VAL B 413 -5.91 38.19 18.39
CA VAL B 413 -5.16 37.01 17.97
C VAL B 413 -4.18 37.46 16.90
N THR B 414 -2.94 37.71 17.31
CA THR B 414 -1.90 38.12 16.37
C THR B 414 -1.45 36.91 15.55
N ASP B 415 -0.45 37.11 14.69
CA ASP B 415 0.05 36.02 13.86
C ASP B 415 0.76 34.96 14.70
N ASP B 416 1.42 35.37 15.79
CA ASP B 416 2.26 34.48 16.57
C ASP B 416 1.74 34.21 17.97
N VAL B 417 1.05 35.15 18.60
CA VAL B 417 0.62 35.01 19.99
C VAL B 417 -0.87 35.33 20.11
N VAL B 418 -1.46 34.85 21.19
CA VAL B 418 -2.87 35.06 21.50
C VAL B 418 -2.95 35.80 22.83
N LYS B 419 -3.70 36.89 22.85
CA LYS B 419 -3.89 37.71 24.04
C LYS B 419 -5.34 37.61 24.49
N LEU B 420 -5.54 37.25 25.76
CA LEU B 420 -6.87 37.11 26.35
C LEU B 420 -6.98 38.02 27.56
N THR B 421 -8.15 38.64 27.71
CA THR B 421 -8.41 39.57 28.82
C THR B 421 -9.81 39.34 29.35
N THR B 422 -10.05 39.86 30.56
CA THR B 422 -11.32 39.70 31.24
C THR B 422 -12.20 40.93 31.16
N GLU B 423 -11.77 41.97 30.45
CA GLU B 423 -12.54 43.21 30.40
C GLU B 423 -13.62 43.12 29.33
N LYS B 424 -14.85 43.43 29.74
CA LYS B 424 -16.01 43.43 28.83
C LYS B 424 -16.15 42.08 28.13
N VAL B 425 -16.29 41.03 28.94
CA VAL B 425 -16.43 39.66 28.46
C VAL B 425 -17.74 39.10 29.00
N VAL B 426 -18.54 38.54 28.10
CA VAL B 426 -19.80 37.90 28.47
C VAL B 426 -19.51 36.46 28.86
N PRO B 427 -20.11 35.93 29.93
CA PRO B 427 -19.86 34.53 30.28
C PRO B 427 -20.30 33.59 29.16
N VAL B 428 -19.52 32.53 28.97
CA VAL B 428 -19.77 31.55 27.91
C VAL B 428 -19.68 30.15 28.52
N GLN B 429 -20.67 29.31 28.21
CA GLN B 429 -20.66 27.93 28.67
C GLN B 429 -19.78 27.09 27.76
N MET B 430 -18.78 26.43 28.35
CA MET B 430 -17.80 25.66 27.60
C MET B 430 -17.86 24.20 28.04
N LEU B 431 -17.91 23.29 27.06
CA LEU B 431 -17.85 21.86 27.30
C LEU B 431 -16.77 21.29 26.41
N PHE B 432 -15.66 20.87 27.01
CA PHE B 432 -14.48 20.40 26.29
C PHE B 432 -14.40 18.89 26.44
N CYS B 433 -14.70 18.17 25.35
CA CYS B 433 -14.70 16.72 25.33
C CYS B 433 -13.43 16.23 24.65
N LEU B 434 -12.49 15.73 25.44
CA LEU B 434 -11.23 15.21 24.92
C LEU B 434 -11.34 13.70 24.78
N LYS B 435 -11.21 13.21 23.56
CA LYS B 435 -11.32 11.78 23.28
C LYS B 435 -10.00 11.08 23.55
N GLU B 436 -10.09 9.88 24.12
CA GLU B 436 -8.89 9.13 24.48
C GLU B 436 -8.09 8.73 23.25
N THR B 437 -8.78 8.23 22.21
CA THR B 437 -8.14 7.79 20.99
C THR B 437 -8.87 8.39 19.79
N ASN B 438 -8.10 8.67 18.73
CA ASN B 438 -8.68 9.29 17.55
C ASN B 438 -9.50 8.28 16.76
N ALA B 439 -10.74 8.65 16.47
CA ALA B 439 -11.64 7.81 15.68
C ALA B 439 -12.31 8.64 14.58
N LYS B 440 -11.59 9.65 14.09
CA LYS B 440 -12.00 10.45 12.94
C LYS B 440 -13.20 11.37 13.21
N LYS B 441 -13.44 12.25 12.23
CA LYS B 441 -14.44 13.29 12.38
C LYS B 441 -15.85 12.72 12.47
N ILE B 442 -16.09 11.56 11.86
CA ILE B 442 -17.39 10.92 11.97
C ILE B 442 -17.64 10.49 13.40
N ASN B 443 -16.63 9.95 14.08
CA ASN B 443 -16.77 9.63 15.49
C ASN B 443 -16.95 10.88 16.34
N SER B 444 -16.24 11.95 16.00
CA SER B 444 -16.45 13.21 16.70
C SER B 444 -17.90 13.67 16.58
N HIS B 445 -18.45 13.61 15.36
CA HIS B 445 -19.83 14.00 15.12
C HIS B 445 -20.80 13.05 15.81
N ARG B 446 -20.45 11.76 15.91
CA ARG B 446 -21.28 10.85 16.69
C ARG B 446 -21.34 11.28 18.15
N TRP B 447 -20.20 11.67 18.71
CA TRP B 447 -20.19 12.21 20.07
C TRP B 447 -21.09 13.44 20.16
N CYS B 448 -20.99 14.33 19.18
CA CYS B 448 -21.76 15.57 19.25
C CYS B 448 -23.26 15.32 19.17
N PHE B 449 -23.70 14.49 18.22
CA PHE B 449 -25.12 14.30 17.98
C PHE B 449 -25.74 13.21 18.86
N GLN B 450 -25.21 12.00 18.77
CA GLN B 450 -25.87 10.85 19.36
C GLN B 450 -25.92 10.93 20.89
N ALA B 451 -24.91 11.55 21.51
CA ALA B 451 -24.75 11.50 22.96
C ALA B 451 -25.03 12.83 23.64
N ILE B 452 -24.31 13.89 23.27
CA ILE B 452 -24.50 15.18 23.93
C ILE B 452 -25.82 15.81 23.51
N GLY B 453 -26.16 15.68 22.23
CA GLY B 453 -27.39 16.30 21.74
C GLY B 453 -28.63 15.76 22.44
N GLN B 454 -28.67 14.45 22.65
CA GLN B 454 -29.85 13.85 23.30
C GLN B 454 -30.02 14.38 24.72
N VAL B 455 -28.92 14.50 25.46
CA VAL B 455 -29.01 15.01 26.83
C VAL B 455 -29.41 16.48 26.82
N LEU B 456 -28.75 17.28 25.99
CA LEU B 456 -29.07 18.71 25.93
C LEU B 456 -30.38 18.95 25.21
N ASP B 457 -30.67 18.17 24.17
CA ASP B 457 -31.85 18.35 23.34
C ASP B 457 -31.92 19.77 22.79
N PRO B 458 -30.90 20.21 22.05
CA PRO B 458 -30.90 21.59 21.55
C PRO B 458 -31.63 21.74 20.24
N LYS B 459 -31.64 22.96 19.70
CA LYS B 459 -32.14 23.24 18.37
C LYS B 459 -31.06 23.99 17.59
N ILE B 460 -31.05 23.80 16.28
CA ILE B 460 -30.12 24.50 15.40
C ILE B 460 -28.69 24.22 15.85
N VAL B 461 -28.23 22.99 15.67
CA VAL B 461 -26.85 22.65 15.98
C VAL B 461 -25.93 23.26 14.92
N VAL B 462 -24.95 24.02 15.36
CA VAL B 462 -24.01 24.70 14.47
C VAL B 462 -22.69 23.93 14.49
N LEU B 463 -22.16 23.65 13.32
CA LEU B 463 -20.92 22.91 13.16
C LEU B 463 -19.82 23.86 12.69
N LEU B 464 -18.68 23.83 13.38
CA LEU B 464 -17.54 24.67 13.06
C LEU B 464 -16.26 23.85 13.08
N ASP B 465 -15.24 24.36 12.41
CA ASP B 465 -13.93 23.75 12.38
C ASP B 465 -12.89 24.78 12.78
N CYS B 466 -11.79 24.30 13.37
CA CYS B 466 -10.73 25.19 13.80
C CYS B 466 -10.17 25.96 12.60
N GLY B 467 -9.91 27.24 12.82
CA GLY B 467 -9.43 28.11 11.77
C GLY B 467 -10.52 28.84 11.02
N THR B 468 -11.78 28.53 11.28
CA THR B 468 -12.91 29.21 10.66
C THR B 468 -13.42 30.27 11.62
N GLN B 469 -13.34 31.54 11.21
CA GLN B 469 -13.71 32.67 12.07
C GLN B 469 -15.00 33.29 11.56
N PRO B 470 -16.14 33.02 12.18
CA PRO B 470 -17.41 33.62 11.73
C PRO B 470 -17.43 35.12 11.99
N SER B 471 -18.34 35.79 11.28
CA SER B 471 -18.46 37.24 11.40
C SER B 471 -19.10 37.62 12.73
N GLY B 472 -19.34 38.93 12.91
CA GLY B 472 -19.90 39.42 14.14
C GLY B 472 -21.37 39.16 14.34
N ARG B 473 -22.11 38.86 13.25
CA ARG B 473 -23.54 38.63 13.32
C ARG B 473 -23.97 37.41 12.52
N SER B 474 -23.02 36.55 12.16
CA SER B 474 -23.33 35.43 11.26
C SER B 474 -24.25 34.42 11.92
N LEU B 475 -23.97 34.05 13.17
CA LEU B 475 -24.79 33.05 13.85
C LEU B 475 -26.22 33.54 14.01
N TYR B 476 -26.40 34.83 14.28
CA TYR B 476 -27.74 35.39 14.33
C TYR B 476 -28.45 35.26 12.99
N GLU B 477 -27.72 35.48 11.90
CA GLU B 477 -28.32 35.33 10.57
C GLU B 477 -28.77 33.89 10.33
N LEU B 478 -27.93 32.92 10.71
CA LEU B 478 -28.33 31.52 10.55
C LEU B 478 -29.57 31.20 11.39
N TRP B 479 -29.58 31.66 12.64
CA TRP B 479 -30.73 31.40 13.50
C TRP B 479 -31.99 32.04 12.94
N LYS B 480 -31.87 33.25 12.38
CA LYS B 480 -33.03 33.92 11.79
C LYS B 480 -33.51 33.17 10.56
N GLU B 481 -32.58 32.64 9.76
CA GLU B 481 -32.96 31.80 8.63
C GLU B 481 -33.78 30.61 9.09
N PHE B 482 -33.34 29.96 10.17
CA PHE B 482 -34.09 28.82 10.71
C PHE B 482 -35.44 29.26 11.26
N ASP B 483 -35.49 30.44 11.89
CA ASP B 483 -36.71 30.86 12.59
C ASP B 483 -37.79 31.31 11.62
N ARG B 484 -37.42 32.05 10.57
CA ARG B 484 -38.42 32.61 9.67
C ARG B 484 -39.29 31.51 9.06
N ASP B 485 -38.66 30.50 8.48
CA ASP B 485 -39.36 29.40 7.81
C ASP B 485 -39.15 28.13 8.61
N HIS B 486 -40.25 27.49 9.01
CA HIS B 486 -40.17 26.28 9.82
C HIS B 486 -39.81 25.05 9.00
N ARG B 487 -39.94 25.11 7.67
CA ARG B 487 -39.61 23.97 6.83
C ARG B 487 -38.10 23.80 6.65
N VAL B 488 -37.31 24.83 6.91
CA VAL B 488 -35.87 24.75 6.71
C VAL B 488 -35.27 23.82 7.76
N ALA B 489 -34.45 22.88 7.30
CA ALA B 489 -33.79 21.92 8.18
C ALA B 489 -32.28 22.05 8.22
N GLY B 490 -31.69 22.73 7.24
CA GLY B 490 -30.25 22.91 7.22
C GLY B 490 -29.91 24.22 6.55
N ALA B 491 -28.77 24.78 6.91
CA ALA B 491 -28.34 26.06 6.38
C ALA B 491 -26.83 26.11 6.30
N CYS B 492 -26.33 26.95 5.40
CA CYS B 492 -24.91 27.17 5.22
C CYS B 492 -24.65 28.64 4.96
N GLY B 493 -23.43 29.07 5.24
CA GLY B 493 -23.04 30.45 5.03
C GLY B 493 -21.86 30.60 4.10
N GLU B 494 -21.69 31.79 3.53
CA GLU B 494 -20.58 32.04 2.62
C GLU B 494 -19.26 31.85 3.34
N ILE B 495 -18.33 31.14 2.69
CA ILE B 495 -16.99 30.92 3.21
C ILE B 495 -16.01 31.67 2.32
N THR B 496 -15.08 32.37 2.96
CA THR B 496 -14.13 33.24 2.28
C THR B 496 -12.71 32.81 2.60
N THR B 497 -11.79 33.19 1.70
CA THR B 497 -10.38 32.88 1.85
C THR B 497 -9.62 34.15 2.22
N SER B 498 -8.76 34.05 3.23
CA SER B 498 -8.00 35.19 3.71
C SER B 498 -6.86 35.50 2.74
N LEU B 499 -6.70 36.78 2.41
CA LEU B 499 -5.65 37.24 1.51
C LEU B 499 -4.88 38.40 2.13
N LYS B 500 -4.69 38.37 3.46
CA LYS B 500 -4.11 39.51 4.14
C LYS B 500 -2.64 39.69 3.78
N LYS B 501 -1.82 38.66 4.02
CA LYS B 501 -0.38 38.73 3.81
C LYS B 501 0.06 37.75 2.73
N ARG B 502 -0.71 37.66 1.65
CA ARG B 502 -0.41 36.78 0.54
C ARG B 502 -0.49 37.57 -0.76
N GLN B 503 0.57 37.51 -1.55
CA GLN B 503 0.69 38.30 -2.77
C GLN B 503 0.00 37.62 -3.95
N MET B 504 -0.36 38.44 -4.94
CA MET B 504 -1.03 37.92 -6.12
C MET B 504 -0.13 36.98 -6.91
N ILE B 505 1.14 37.34 -7.07
CA ILE B 505 2.04 36.54 -7.90
C ILE B 505 2.77 35.47 -7.10
N THR B 506 3.03 35.71 -5.81
CA THR B 506 3.80 34.76 -5.02
C THR B 506 2.99 33.53 -4.66
N ASN B 507 1.67 33.65 -4.57
CA ASN B 507 0.79 32.56 -4.17
C ASN B 507 -0.35 32.39 -5.17
N PRO B 508 -0.06 31.88 -6.36
CA PRO B 508 -1.14 31.65 -7.34
C PRO B 508 -2.22 30.70 -6.85
N LEU B 509 -1.83 29.68 -6.09
CA LEU B 509 -2.80 28.66 -5.66
C LEU B 509 -3.86 29.26 -4.75
N VAL B 510 -3.45 30.14 -3.84
CA VAL B 510 -4.40 30.75 -2.92
C VAL B 510 -5.44 31.56 -3.68
N TYR B 511 -5.00 32.33 -4.68
CA TYR B 511 -5.94 33.15 -5.45
C TYR B 511 -6.83 32.29 -6.33
N GLY B 512 -6.30 31.21 -6.88
CA GLY B 512 -7.15 30.27 -7.60
C GLY B 512 -8.25 29.71 -6.72
N GLN B 513 -7.90 29.30 -5.50
CA GLN B 513 -8.91 28.81 -4.56
C GLN B 513 -9.90 29.90 -4.20
N ASN B 514 -9.42 31.15 -4.06
CA ASN B 514 -10.32 32.26 -3.77
C ASN B 514 -11.35 32.43 -4.87
N PHE B 515 -10.90 32.42 -6.14
CA PHE B 515 -11.82 32.55 -7.25
C PHE B 515 -12.81 31.39 -7.27
N GLU B 516 -12.33 30.16 -7.02
CA GLU B 516 -13.23 29.02 -6.99
C GLU B 516 -14.31 29.19 -5.93
N TYR B 517 -13.90 29.61 -4.72
CA TYR B 517 -14.87 29.79 -3.64
C TYR B 517 -15.88 30.88 -3.98
N LYS B 518 -15.40 31.99 -4.52
CA LYS B 518 -16.32 33.08 -4.86
C LYS B 518 -17.32 32.65 -5.92
N ILE B 519 -16.85 31.98 -6.97
CA ILE B 519 -17.76 31.53 -8.02
C ILE B 519 -18.76 30.54 -7.46
N SER B 520 -18.30 29.61 -6.61
CA SER B 520 -19.21 28.66 -5.99
C SER B 520 -20.31 29.39 -5.23
N ASN B 521 -19.92 30.29 -4.31
CA ASN B 521 -20.90 30.98 -3.49
C ASN B 521 -21.83 31.85 -4.31
N ILE B 522 -21.37 32.33 -5.46
CA ILE B 522 -22.18 33.25 -6.24
C ILE B 522 -23.13 32.52 -7.20
N LEU B 523 -22.76 31.35 -7.70
CA LEU B 523 -23.57 30.66 -8.70
C LEU B 523 -24.17 29.34 -8.20
N ASP B 524 -23.38 28.47 -7.59
CA ASP B 524 -23.85 27.13 -7.30
C ASP B 524 -24.82 27.12 -6.11
N LYS B 525 -24.41 27.70 -4.99
CA LYS B 525 -25.25 27.68 -3.80
C LYS B 525 -26.60 28.38 -4.03
N PRO B 526 -26.65 29.58 -4.60
CA PRO B 526 -27.96 30.24 -4.76
C PRO B 526 -28.96 29.43 -5.58
N THR B 527 -28.51 28.79 -6.66
CA THR B 527 -29.44 28.03 -7.50
C THR B 527 -29.99 26.83 -6.75
N GLU B 528 -29.12 26.07 -6.09
CA GLU B 528 -29.57 24.92 -5.32
C GLU B 528 -30.50 25.34 -4.20
N SER B 529 -30.20 26.46 -3.55
CA SER B 529 -31.09 26.98 -2.52
C SER B 529 -32.45 27.35 -3.10
N SER B 530 -32.46 27.95 -4.28
CA SER B 530 -33.72 28.27 -4.93
C SER B 530 -34.53 27.01 -5.20
N PHE B 531 -33.88 25.96 -5.68
CA PHE B 531 -34.59 24.71 -5.90
C PHE B 531 -34.95 24.00 -4.61
N GLY B 532 -34.31 24.34 -3.49
CA GLY B 532 -34.62 23.74 -2.22
C GLY B 532 -33.77 22.55 -1.83
N PHE B 533 -32.80 22.16 -2.65
CA PHE B 533 -31.94 21.02 -2.37
C PHE B 533 -30.50 21.40 -2.66
N ILE B 534 -29.66 21.39 -1.63
CA ILE B 534 -28.25 21.71 -1.74
C ILE B 534 -27.46 20.42 -1.71
N SER B 535 -26.58 20.24 -2.69
CA SER B 535 -25.80 19.00 -2.79
C SER B 535 -24.91 18.81 -1.58
N VAL B 536 -24.21 19.86 -1.15
CA VAL B 536 -23.26 19.79 -0.05
C VAL B 536 -23.42 21.02 0.83
N LEU B 537 -23.48 20.79 2.14
CA LEU B 537 -23.42 21.87 3.12
C LEU B 537 -22.03 21.89 3.74
N PRO B 538 -21.24 22.96 3.57
CA PRO B 538 -19.88 22.96 4.12
C PRO B 538 -19.83 22.60 5.58
N GLY B 539 -19.10 21.52 5.91
CA GLY B 539 -18.94 21.14 7.30
C GLY B 539 -18.22 22.20 8.11
N ALA B 540 -17.32 22.96 7.49
CA ALA B 540 -16.61 24.01 8.19
C ALA B 540 -17.57 25.04 8.78
N PHE B 541 -18.70 25.28 8.11
CA PHE B 541 -19.64 26.30 8.58
C PHE B 541 -21.03 25.94 8.05
N SER B 542 -21.87 25.40 8.92
CA SER B 542 -23.24 25.05 8.57
C SER B 542 -24.03 24.88 9.87
N ALA B 543 -25.33 24.62 9.72
CA ALA B 543 -26.22 24.44 10.85
C ALA B 543 -27.34 23.50 10.46
N TYR B 544 -27.82 22.73 11.44
CA TYR B 544 -28.88 21.76 11.23
C TYR B 544 -29.91 21.86 12.34
N ARG B 545 -31.17 21.62 11.98
CA ARG B 545 -32.24 21.53 12.96
C ARG B 545 -32.26 20.14 13.58
N PHE B 546 -32.18 20.08 14.91
CA PHE B 546 -31.95 18.80 15.58
C PHE B 546 -33.09 17.82 15.34
N ILE B 547 -34.33 18.29 15.41
CA ILE B 547 -35.47 17.38 15.29
C ILE B 547 -35.51 16.74 13.92
N ALA B 548 -35.12 17.49 12.88
CA ALA B 548 -35.16 16.94 11.52
C ALA B 548 -34.24 15.75 11.37
N LEU B 549 -33.12 15.73 12.10
CA LEU B 549 -32.13 14.67 11.96
C LEU B 549 -32.52 13.40 12.72
N GLN B 550 -33.52 13.45 13.59
CA GLN B 550 -33.84 12.28 14.40
C GLN B 550 -34.35 11.14 13.53
N ASN B 551 -33.97 9.92 13.91
CA ASN B 551 -34.39 8.74 13.18
C ASN B 551 -35.86 8.43 13.45
N ASP B 552 -36.42 7.59 12.60
CA ASP B 552 -37.80 7.13 12.78
C ASP B 552 -37.87 6.05 13.85
N ILE B 553 -39.10 5.67 14.20
CA ILE B 553 -39.30 4.61 15.19
C ILE B 553 -38.71 3.31 14.67
N ASN B 554 -38.83 3.06 13.37
CA ASN B 554 -38.27 1.83 12.79
C ASN B 554 -36.76 1.76 12.92
N GLY B 555 -36.09 2.88 13.17
CA GLY B 555 -34.65 2.91 13.31
C GLY B 555 -33.90 3.38 12.09
N VAL B 556 -34.59 3.82 11.04
CA VAL B 556 -33.97 4.30 9.81
C VAL B 556 -34.14 5.81 9.74
N GLY B 557 -33.04 6.51 9.49
CA GLY B 557 -33.05 7.95 9.40
C GLY B 557 -31.72 8.51 8.93
N PRO B 558 -31.66 9.82 8.73
CA PRO B 558 -30.41 10.41 8.22
C PRO B 558 -29.21 10.14 9.10
N LEU B 559 -29.38 10.20 10.43
CA LEU B 559 -28.24 9.97 11.31
C LEU B 559 -27.74 8.53 11.22
N GLU B 560 -28.66 7.57 11.11
CA GLU B 560 -28.26 6.18 10.96
C GLU B 560 -27.44 5.98 9.69
N LYS B 561 -27.90 6.54 8.58
CA LYS B 561 -27.15 6.45 7.33
C LYS B 561 -25.77 7.08 7.48
N TYR B 562 -25.71 8.27 8.10
CA TYR B 562 -24.45 8.96 8.24
C TYR B 562 -23.46 8.17 9.10
N PHE B 563 -23.94 7.58 10.20
CA PHE B 563 -23.07 6.89 11.12
C PHE B 563 -22.65 5.51 10.62
N LYS B 564 -23.48 4.85 9.81
CA LYS B 564 -23.15 3.50 9.35
C LYS B 564 -21.80 3.46 8.64
N GLY B 565 -21.41 4.56 7.99
CA GLY B 565 -20.15 4.56 7.27
C GLY B 565 -18.96 4.34 8.17
N GLU B 566 -18.97 4.93 9.36
CA GLU B 566 -17.86 4.75 10.29
C GLU B 566 -17.70 3.29 10.68
N PHE B 567 -18.81 2.62 10.97
CA PHE B 567 -18.74 1.22 11.40
C PHE B 567 -18.34 0.30 10.26
N LEU B 568 -18.94 0.50 9.07
CA LEU B 568 -18.66 -0.42 7.97
C LEU B 568 -17.24 -0.25 7.44
N HIS B 569 -16.76 0.99 7.34
CA HIS B 569 -15.44 1.26 6.78
C HIS B 569 -14.41 1.26 7.91
N SER B 570 -14.06 0.05 8.34
CA SER B 570 -13.04 -0.14 9.37
C SER B 570 -12.65 -1.60 9.41
N SER B 571 -11.53 -1.88 10.06
CA SER B 571 -11.08 -3.26 10.22
C SER B 571 -12.10 -4.06 11.01
N GLY B 572 -12.35 -5.29 10.56
CA GLY B 572 -13.31 -6.14 11.23
C GLY B 572 -12.74 -6.84 12.45
N GLU B 573 -12.18 -6.05 13.36
CA GLU B 573 -11.59 -6.57 14.60
C GLU B 573 -12.23 -5.82 15.76
N LEU B 574 -13.26 -6.41 16.36
CA LEU B 574 -13.99 -5.81 17.45
C LEU B 574 -13.48 -6.36 18.78
N ASP B 575 -13.14 -5.47 19.70
CA ASP B 575 -12.70 -5.89 21.02
C ASP B 575 -13.91 -6.36 21.84
N PRO B 576 -13.90 -7.58 22.37
CA PRO B 576 -15.07 -8.04 23.13
C PRO B 576 -15.33 -7.23 24.40
N ASN B 577 -14.34 -6.50 24.89
CA ASN B 577 -14.49 -5.73 26.13
C ASN B 577 -15.23 -4.42 25.93
N ASP B 578 -15.38 -3.96 24.69
CA ASP B 578 -16.13 -2.73 24.45
C ASP B 578 -17.60 -2.94 24.78
N ASP B 579 -18.20 -1.92 25.41
CA ASP B 579 -19.62 -1.99 25.74
C ASP B 579 -20.50 -1.81 24.51
N GLU B 580 -19.97 -1.27 23.42
CA GLU B 580 -20.68 -1.17 22.16
C GLU B 580 -20.44 -2.37 21.26
N PHE B 581 -19.92 -3.47 21.82
CA PHE B 581 -19.62 -4.64 21.01
C PHE B 581 -20.87 -5.19 20.33
N GLN B 582 -21.99 -5.22 21.06
CA GLN B 582 -23.23 -5.77 20.49
C GLN B 582 -23.67 -4.97 19.28
N MET B 583 -23.65 -3.64 19.38
CA MET B 583 -24.12 -2.81 18.27
C MET B 583 -23.24 -3.00 17.05
N LYS B 584 -21.92 -2.92 17.23
CA LYS B 584 -21.01 -3.08 16.10
C LYS B 584 -21.13 -4.46 15.48
N HIS B 585 -21.22 -5.49 16.32
CA HIS B 585 -21.36 -6.85 15.81
C HIS B 585 -22.64 -7.02 15.00
N LEU B 586 -23.74 -6.47 15.51
CA LEU B 586 -25.00 -6.55 14.77
C LEU B 586 -24.91 -5.81 13.44
N MET B 587 -24.33 -4.60 13.46
CA MET B 587 -24.26 -3.81 12.23
C MET B 587 -23.39 -4.49 11.18
N LEU B 588 -22.24 -5.03 11.60
CA LEU B 588 -21.36 -5.71 10.65
C LEU B 588 -21.97 -7.02 10.17
N LYS B 589 -22.69 -7.72 11.05
CA LYS B 589 -23.31 -8.98 10.67
C LYS B 589 -24.41 -8.78 9.63
N GLU B 590 -25.02 -7.60 9.60
CA GLU B 590 -26.09 -7.34 8.66
C GLU B 590 -25.56 -7.32 7.23
N GLU B 591 -26.40 -7.75 6.30
CA GLU B 591 -26.03 -7.76 4.89
C GLU B 591 -26.04 -6.33 4.35
N ALA B 592 -24.91 -5.90 3.80
CA ALA B 592 -24.74 -4.54 3.30
C ALA B 592 -24.49 -4.57 1.80
N GLY B 593 -25.21 -3.74 1.06
CA GLY B 593 -25.03 -3.64 -0.37
C GLY B 593 -23.88 -2.71 -0.73
N ILE B 594 -23.80 -2.40 -2.03
CA ILE B 594 -22.72 -1.55 -2.51
C ILE B 594 -22.83 -0.15 -1.89
N PHE B 595 -24.03 0.43 -1.93
CA PHE B 595 -24.20 1.79 -1.45
C PHE B 595 -24.01 1.90 0.05
N THR B 596 -24.59 0.98 0.81
CA THR B 596 -24.49 1.05 2.27
C THR B 596 -23.04 0.92 2.73
N SER B 597 -22.29 -0.01 2.12
CA SER B 597 -20.92 -0.25 2.53
C SER B 597 -19.97 0.84 2.05
N ASN B 598 -20.39 1.70 1.13
CA ASN B 598 -19.56 2.78 0.61
C ASN B 598 -20.05 4.16 1.04
N MET B 599 -20.91 4.23 2.05
CA MET B 599 -21.40 5.52 2.54
C MET B 599 -20.27 6.41 3.04
N TYR B 600 -19.13 5.83 3.43
CA TYR B 600 -18.05 6.63 3.99
C TYR B 600 -17.56 7.70 3.03
N LEU B 601 -17.76 7.51 1.73
CA LEU B 601 -17.33 8.51 0.76
C LEU B 601 -18.17 9.78 0.87
N ALA B 602 -19.50 9.62 1.02
CA ALA B 602 -20.38 10.78 1.03
C ALA B 602 -20.12 11.68 2.23
N GLU B 603 -19.97 11.09 3.40
CA GLU B 603 -19.77 11.86 4.65
C GLU B 603 -21.03 12.72 4.85
N ASP B 604 -20.88 13.99 5.24
CA ASP B 604 -22.05 14.81 5.56
C ASP B 604 -22.99 14.95 4.37
N ARG B 605 -22.49 14.81 3.15
CA ARG B 605 -23.32 15.06 1.97
C ARG B 605 -24.57 14.20 1.95
N ILE B 606 -24.51 13.00 2.51
CA ILE B 606 -25.67 12.11 2.50
C ILE B 606 -26.82 12.71 3.28
N LEU B 607 -26.50 13.47 4.34
CA LEU B 607 -27.53 14.04 5.20
C LEU B 607 -28.47 14.94 4.43
N CYS B 608 -27.94 15.72 3.49
CA CYS B 608 -28.78 16.65 2.73
C CYS B 608 -29.88 15.90 1.99
N PHE B 609 -29.50 14.89 1.21
CA PHE B 609 -30.49 14.13 0.46
C PHE B 609 -31.44 13.38 1.39
N GLU B 610 -30.91 12.80 2.46
CA GLU B 610 -31.78 12.08 3.39
C GLU B 610 -32.79 13.02 4.04
N LEU B 611 -32.42 14.28 4.27
CA LEU B 611 -33.33 15.25 4.83
C LEU B 611 -34.39 15.67 3.82
N VAL B 612 -33.98 15.97 2.59
CA VAL B 612 -34.94 16.49 1.62
C VAL B 612 -35.97 15.42 1.26
N ALA B 613 -35.52 14.22 0.94
CA ALA B 613 -36.40 13.14 0.49
C ALA B 613 -36.77 12.23 1.65
N LYS B 614 -37.46 12.79 2.64
CA LYS B 614 -37.96 11.99 3.73
C LYS B 614 -39.29 11.33 3.38
N ARG B 615 -39.64 10.30 4.15
CA ARG B 615 -40.81 9.49 3.83
C ARG B 615 -42.09 10.31 3.88
N GLY B 616 -42.26 11.11 4.93
CA GLY B 616 -43.48 11.87 5.10
C GLY B 616 -43.27 13.25 5.69
N CYS B 617 -42.06 13.77 5.59
CA CYS B 617 -41.70 15.07 6.13
C CYS B 617 -41.49 16.08 5.01
N ASN B 618 -41.59 17.36 5.38
CA ASN B 618 -41.44 18.48 4.46
C ASN B 618 -40.27 19.34 4.97
N TRP B 619 -39.08 19.07 4.44
CA TRP B 619 -37.87 19.77 4.84
C TRP B 619 -37.20 20.40 3.63
N LEU B 620 -36.46 21.48 3.87
CA LEU B 620 -35.75 22.18 2.82
C LEU B 620 -34.38 22.60 3.33
N LEU B 621 -33.47 22.81 2.38
CA LEU B 621 -32.12 23.29 2.67
C LEU B 621 -31.96 24.66 2.03
N ARG B 622 -31.40 25.61 2.78
CA ARG B 622 -31.33 27.00 2.35
C ARG B 622 -29.93 27.54 2.56
N TYR B 623 -29.55 28.49 1.70
CA TYR B 623 -28.26 29.16 1.76
C TYR B 623 -28.49 30.66 1.95
N CYS B 624 -27.83 31.23 2.96
CA CYS B 624 -27.94 32.64 3.27
C CYS B 624 -26.59 33.31 3.06
N LYS B 625 -26.57 34.38 2.27
CA LYS B 625 -25.35 35.12 2.00
C LYS B 625 -25.02 36.14 3.07
N SER B 626 -25.94 36.42 3.99
CA SER B 626 -25.64 37.35 5.07
C SER B 626 -24.61 36.77 6.03
N ALA B 627 -24.63 35.45 6.24
CA ALA B 627 -23.66 34.80 7.09
C ALA B 627 -22.34 34.59 6.34
N ARG B 628 -21.25 35.05 6.93
CA ARG B 628 -19.93 34.95 6.33
C ARG B 628 -18.94 34.39 7.35
N ALA B 629 -18.02 33.56 6.85
CA ALA B 629 -16.98 32.97 7.69
C ALA B 629 -15.68 32.92 6.89
N GLU B 630 -14.57 33.20 7.57
CA GLU B 630 -13.25 33.23 6.96
C GLU B 630 -12.44 32.04 7.44
N THR B 631 -11.78 31.36 6.50
CA THR B 631 -11.01 30.16 6.79
C THR B 631 -9.67 30.25 6.09
N ASP B 632 -8.76 29.35 6.47
CA ASP B 632 -7.43 29.28 5.90
C ASP B 632 -7.36 28.13 4.91
N VAL B 633 -6.95 28.43 3.68
CA VAL B 633 -6.84 27.43 2.62
C VAL B 633 -5.44 26.83 2.66
N PRO B 634 -5.25 25.60 2.18
CA PRO B 634 -3.91 25.00 2.16
C PRO B 634 -3.02 25.68 1.13
N GLU B 635 -1.92 26.26 1.59
CA GLU B 635 -0.99 26.93 0.69
C GLU B 635 -0.16 25.93 -0.11
N GLY B 636 0.26 24.83 0.53
CA GLY B 636 1.05 23.85 -0.16
C GLY B 636 0.25 23.03 -1.16
N LEU B 637 0.97 22.48 -2.14
CA LEU B 637 0.31 21.70 -3.18
C LEU B 637 -0.10 20.32 -2.65
N ALA B 638 0.76 19.68 -1.86
CA ALA B 638 0.44 18.36 -1.33
C ALA B 638 -0.80 18.41 -0.43
N GLU B 639 -0.86 19.42 0.45
CA GLU B 639 -2.05 19.58 1.29
C GLU B 639 -3.28 19.83 0.44
N PHE B 640 -3.13 20.61 -0.63
CA PHE B 640 -4.26 20.88 -1.51
C PHE B 640 -4.77 19.60 -2.15
N ILE B 641 -3.87 18.75 -2.63
CA ILE B 641 -4.27 17.49 -3.25
C ILE B 641 -4.96 16.59 -2.23
N LEU B 642 -4.37 16.49 -1.03
CA LEU B 642 -4.95 15.65 0.00
C LEU B 642 -6.35 16.12 0.38
N GLN B 643 -6.53 17.43 0.48
CA GLN B 643 -7.85 17.97 0.78
C GLN B 643 -8.84 17.67 -0.34
N ARG B 644 -8.42 17.84 -1.60
CA ARG B 644 -9.34 17.69 -2.72
C ARG B 644 -9.71 16.24 -2.99
N ARG B 645 -8.88 15.28 -2.56
CA ARG B 645 -9.23 13.87 -2.74
C ARG B 645 -10.63 13.58 -2.20
N ARG B 646 -10.84 13.85 -0.91
CA ARG B 646 -12.10 13.53 -0.27
C ARG B 646 -13.25 14.37 -0.82
N TRP B 647 -13.00 15.63 -1.16
CA TRP B 647 -14.04 16.45 -1.76
C TRP B 647 -14.56 15.82 -3.04
N LEU B 648 -13.63 15.45 -3.94
CA LEU B 648 -14.04 14.88 -5.22
C LEU B 648 -14.77 13.55 -5.02
N ASN B 649 -14.21 12.67 -4.18
CA ASN B 649 -14.84 11.38 -3.98
C ASN B 649 -16.24 11.54 -3.40
N GLY B 650 -16.39 12.40 -2.39
CA GLY B 650 -17.69 12.61 -1.80
C GLY B 650 -18.69 13.20 -2.76
N SER B 651 -18.28 14.19 -3.55
CA SER B 651 -19.19 14.78 -4.53
C SER B 651 -19.66 13.74 -5.53
N PHE B 652 -18.74 12.94 -6.06
CA PHE B 652 -19.12 11.94 -7.05
C PHE B 652 -20.08 10.92 -6.45
N PHE B 653 -19.75 10.37 -5.27
CA PHE B 653 -20.60 9.35 -4.69
C PHE B 653 -21.97 9.91 -4.32
N ALA B 654 -22.01 11.12 -3.77
CA ALA B 654 -23.29 11.73 -3.40
C ALA B 654 -24.15 11.95 -4.63
N ALA B 655 -23.56 12.43 -5.73
CA ALA B 655 -24.33 12.62 -6.95
C ALA B 655 -24.88 11.30 -7.45
N ILE B 656 -24.06 10.25 -7.47
CA ILE B 656 -24.53 8.96 -7.95
C ILE B 656 -25.66 8.44 -7.08
N TYR B 657 -25.49 8.51 -5.76
CA TYR B 657 -26.51 7.99 -4.84
C TYR B 657 -27.81 8.76 -4.99
N SER B 658 -27.74 10.09 -5.07
CA SER B 658 -28.96 10.88 -5.20
C SER B 658 -29.66 10.59 -6.52
N LEU B 659 -28.90 10.47 -7.61
CA LEU B 659 -29.53 10.22 -8.91
C LEU B 659 -30.17 8.84 -8.95
N VAL B 660 -29.51 7.83 -8.39
CA VAL B 660 -30.07 6.48 -8.43
C VAL B 660 -31.35 6.40 -7.62
N HIS B 661 -31.38 7.04 -6.45
CA HIS B 661 -32.53 6.98 -5.55
C HIS B 661 -33.42 8.21 -5.66
N PHE B 662 -33.56 8.76 -6.87
CA PHE B 662 -34.39 9.94 -7.06
C PHE B 662 -35.87 9.67 -6.78
N TYR B 663 -36.30 8.42 -6.90
CA TYR B 663 -37.72 8.10 -6.71
C TYR B 663 -38.17 8.23 -5.26
N LYS B 664 -37.24 8.31 -4.31
CA LYS B 664 -37.63 8.43 -2.91
C LYS B 664 -38.38 9.73 -2.62
N VAL B 665 -38.20 10.76 -3.45
CA VAL B 665 -38.84 12.04 -3.21
C VAL B 665 -40.34 11.98 -3.52
N TRP B 666 -40.80 10.95 -4.23
CA TRP B 666 -42.22 10.86 -4.55
C TRP B 666 -43.06 10.75 -3.29
N THR B 667 -42.62 9.93 -2.33
CA THR B 667 -43.38 9.72 -1.10
C THR B 667 -43.29 10.89 -0.14
N SER B 668 -42.32 11.78 -0.32
CA SER B 668 -42.20 12.93 0.56
C SER B 668 -43.40 13.86 0.39
N SER B 669 -43.82 14.49 1.48
CA SER B 669 -44.99 15.35 1.48
C SER B 669 -44.59 16.77 1.07
N HIS B 670 -44.33 16.91 -0.23
CA HIS B 670 -44.04 18.20 -0.84
C HIS B 670 -45.14 18.56 -1.82
N SER B 671 -45.22 19.85 -2.15
CA SER B 671 -46.15 20.30 -3.17
C SER B 671 -45.74 19.73 -4.52
N PHE B 672 -46.72 19.53 -5.39
CA PHE B 672 -46.46 18.90 -6.68
C PHE B 672 -45.45 19.71 -7.49
N GLY B 673 -45.62 21.03 -7.53
CA GLY B 673 -44.65 21.86 -8.22
C GLY B 673 -43.26 21.75 -7.64
N ARG B 674 -43.17 21.63 -6.32
CA ARG B 674 -41.88 21.44 -5.68
C ARG B 674 -41.22 20.16 -6.17
N LYS B 675 -42.00 19.08 -6.30
CA LYS B 675 -41.44 17.83 -6.81
C LYS B 675 -40.99 17.99 -8.27
N ILE B 676 -41.77 18.72 -9.07
CA ILE B 676 -41.38 18.93 -10.47
C ILE B 676 -40.06 19.67 -10.55
N PHE B 677 -39.91 20.73 -9.74
CA PHE B 677 -38.67 21.50 -9.78
C PHE B 677 -37.50 20.71 -9.21
N LEU B 678 -37.74 19.87 -8.20
CA LEU B 678 -36.69 19.00 -7.70
C LEU B 678 -36.24 18.02 -8.79
N HIS B 679 -37.18 17.52 -9.59
CA HIS B 679 -36.82 16.66 -10.70
C HIS B 679 -36.00 17.40 -11.75
N ILE B 680 -36.35 18.66 -12.01
CA ILE B 680 -35.54 19.48 -12.91
C ILE B 680 -34.12 19.60 -12.38
N GLU B 681 -33.98 19.85 -11.09
CA GLU B 681 -32.65 19.94 -10.49
C GLU B 681 -31.90 18.62 -10.60
N PHE B 682 -32.62 17.51 -10.42
CA PHE B 682 -31.99 16.19 -10.57
C PHE B 682 -31.47 16.00 -11.99
N PHE B 683 -32.24 16.43 -12.99
CA PHE B 683 -31.79 16.33 -14.37
C PHE B 683 -30.54 17.18 -14.59
N TYR B 684 -30.52 18.39 -14.04
CA TYR B 684 -29.33 19.23 -14.16
C TYR B 684 -28.12 18.57 -13.51
N GLN B 685 -28.30 17.98 -12.33
CA GLN B 685 -27.21 17.31 -11.66
C GLN B 685 -26.73 16.09 -12.45
N LEU B 686 -27.65 15.39 -13.12
CA LEU B 686 -27.24 14.28 -13.98
C LEU B 686 -26.37 14.78 -15.12
N ILE B 687 -26.76 15.90 -15.74
CA ILE B 687 -25.93 16.46 -16.82
C ILE B 687 -24.57 16.86 -16.28
N ASN B 688 -24.54 17.49 -15.11
CA ASN B 688 -23.26 17.90 -14.53
C ASN B 688 -22.37 16.70 -14.23
N LEU B 689 -22.96 15.62 -13.71
CA LEU B 689 -22.20 14.41 -13.45
C LEU B 689 -21.63 13.82 -14.73
N ILE B 690 -22.44 13.78 -15.78
CA ILE B 690 -21.96 13.25 -17.05
C ILE B 690 -20.80 14.09 -17.57
N VAL B 691 -20.91 15.42 -17.48
CA VAL B 691 -19.84 16.29 -17.95
C VAL B 691 -18.58 16.08 -17.13
N SER B 692 -18.74 15.92 -15.81
CA SER B 692 -17.57 15.80 -14.94
C SER B 692 -16.88 14.45 -15.10
N TRP B 693 -17.64 13.41 -15.44
CA TRP B 693 -17.05 12.08 -15.62
C TRP B 693 -16.09 12.06 -16.81
N PHE B 694 -16.44 12.79 -17.88
CA PHE B 694 -15.63 12.84 -19.10
C PHE B 694 -14.75 14.09 -19.17
N SER B 695 -14.32 14.61 -18.02
CA SER B 695 -13.54 15.84 -18.03
C SER B 695 -12.18 15.64 -18.65
N ILE B 696 -11.46 14.60 -18.23
CA ILE B 696 -10.10 14.38 -18.71
C ILE B 696 -10.08 14.11 -20.20
N GLY B 697 -10.99 13.25 -20.67
CA GLY B 697 -11.04 12.97 -22.10
C GLY B 697 -11.39 14.20 -22.92
N SER B 698 -12.35 14.99 -22.44
CA SER B 698 -12.73 16.20 -23.15
C SER B 698 -11.55 17.18 -23.22
N TYR B 699 -10.83 17.32 -22.10
CA TYR B 699 -9.68 18.22 -22.09
C TYR B 699 -8.63 17.76 -23.10
N PHE B 700 -8.34 16.45 -23.11
CA PHE B 700 -7.34 15.96 -24.05
C PHE B 700 -7.80 16.16 -25.49
N LEU B 701 -9.08 15.90 -25.78
CA LEU B 701 -9.57 16.07 -27.14
C LEU B 701 -9.47 17.53 -27.57
N VAL B 702 -9.86 18.46 -26.70
CA VAL B 702 -9.78 19.87 -27.05
C VAL B 702 -8.33 20.28 -27.31
N PHE B 703 -7.42 19.84 -26.43
CA PHE B 703 -6.02 20.17 -26.59
C PHE B 703 -5.49 19.64 -27.92
N ARG B 704 -5.78 18.37 -28.22
CA ARG B 704 -5.28 17.76 -29.45
C ARG B 704 -5.82 18.48 -30.67
N ILE B 705 -7.12 18.77 -30.68
CA ILE B 705 -7.73 19.41 -31.84
C ILE B 705 -7.12 20.79 -32.05
N LEU B 706 -7.02 21.58 -30.99
CA LEU B 706 -6.49 22.94 -31.13
C LEU B 706 -5.04 22.92 -31.56
N THR B 707 -4.23 22.02 -31.01
CA THR B 707 -2.82 21.97 -31.37
C THR B 707 -2.62 21.48 -32.80
N THR B 708 -3.41 20.50 -33.24
CA THR B 708 -3.28 20.00 -34.60
C THR B 708 -3.79 21.00 -35.62
N SER B 709 -4.79 21.81 -35.25
CA SER B 709 -5.29 22.81 -36.19
C SER B 709 -4.20 23.78 -36.62
N LEU B 710 -3.27 24.10 -35.72
CA LEU B 710 -2.16 24.97 -36.08
C LEU B 710 -1.20 24.31 -37.07
N GLY B 711 -1.23 22.97 -37.18
CA GLY B 711 -0.35 22.29 -38.10
C GLY B 711 -0.77 22.41 -39.55
N ASP B 712 -2.02 22.78 -39.81
CA ASP B 712 -2.48 22.92 -41.18
C ASP B 712 -1.66 23.98 -41.91
N LYS B 713 -1.30 23.66 -43.16
CA LYS B 713 -0.51 24.58 -43.97
C LYS B 713 -1.30 25.81 -44.40
N ALA B 714 -2.63 25.79 -44.26
CA ALA B 714 -3.43 26.94 -44.70
C ALA B 714 -3.04 28.20 -43.94
N LEU B 715 -2.89 28.09 -42.62
CA LEU B 715 -2.47 29.21 -41.80
C LEU B 715 -0.95 29.24 -41.69
N GLY B 716 -0.38 30.44 -41.67
CA GLY B 716 1.06 30.61 -41.71
C GLY B 716 1.72 30.54 -40.35
N PHE B 717 1.81 29.35 -39.78
CA PHE B 717 2.52 29.13 -38.52
C PHE B 717 3.46 27.94 -38.71
N ALA B 718 4.77 28.21 -38.70
CA ALA B 718 5.74 27.15 -39.01
C ALA B 718 5.90 26.18 -37.87
N PRO B 719 6.23 26.61 -36.63
CA PRO B 719 6.54 25.65 -35.56
C PRO B 719 5.34 24.86 -35.05
N GLY B 720 4.19 24.98 -35.72
CA GLY B 720 2.99 24.33 -35.20
C GLY B 720 3.14 22.84 -35.03
N LYS B 721 3.68 22.15 -36.04
CA LYS B 721 3.74 20.70 -36.01
C LYS B 721 4.67 20.20 -34.91
N ILE B 722 5.89 20.75 -34.85
CA ILE B 722 6.85 20.31 -33.85
C ILE B 722 6.34 20.59 -32.45
N LEU B 723 5.76 21.77 -32.24
CA LEU B 723 5.19 22.09 -30.94
C LEU B 723 4.07 21.13 -30.58
N SER B 724 3.20 20.81 -31.53
CA SER B 724 2.11 19.88 -31.24
C SER B 724 2.66 18.52 -30.83
N VAL B 725 3.67 18.02 -31.55
CA VAL B 725 4.23 16.71 -31.23
C VAL B 725 4.86 16.73 -29.83
N ILE B 726 5.64 17.77 -29.54
CA ILE B 726 6.31 17.85 -28.24
C ILE B 726 5.28 17.92 -27.12
N PHE B 727 4.23 18.73 -27.32
CA PHE B 727 3.21 18.85 -26.29
C PHE B 727 2.45 17.54 -26.09
N LEU B 728 2.19 16.81 -27.17
CA LEU B 728 1.55 15.51 -27.04
C LEU B 728 2.41 14.57 -26.19
N TRP B 729 3.70 14.51 -26.49
CA TRP B 729 4.58 13.62 -25.73
C TRP B 729 4.63 14.04 -24.26
N LEU B 730 4.75 15.34 -23.98
CA LEU B 730 4.80 15.80 -22.60
C LEU B 730 3.49 15.52 -21.87
N TYR B 731 2.36 15.69 -22.56
CA TYR B 731 1.06 15.40 -21.96
C TYR B 731 0.96 13.93 -21.57
N LEU B 732 1.33 13.03 -22.48
CA LEU B 732 1.28 11.61 -22.17
C LEU B 732 2.20 11.27 -21.00
N ALA B 733 3.41 11.81 -21.01
CA ALA B 733 4.34 11.54 -19.93
C ALA B 733 3.79 12.03 -18.60
N SER B 734 3.21 13.23 -18.58
CA SER B 734 2.67 13.76 -17.34
C SER B 734 1.52 12.91 -16.83
N ILE B 735 0.63 12.47 -17.73
CA ILE B 735 -0.49 11.64 -17.30
C ILE B 735 0.01 10.33 -16.70
N VAL B 736 0.96 9.68 -17.39
CA VAL B 736 1.46 8.39 -16.90
C VAL B 736 2.15 8.56 -15.56
N THR B 737 2.99 9.59 -15.43
CA THR B 737 3.68 9.83 -14.17
C THR B 737 2.70 10.13 -13.05
N THR B 738 1.64 10.89 -13.36
CA THR B 738 0.63 11.18 -12.34
C THR B 738 -0.05 9.91 -11.87
N PHE B 739 -0.42 9.02 -12.80
CA PHE B 739 -1.04 7.76 -12.40
C PHE B 739 -0.09 6.95 -11.52
N VAL B 740 1.17 6.83 -11.94
CA VAL B 740 2.13 6.00 -11.20
C VAL B 740 2.34 6.56 -9.80
N LEU B 741 2.50 7.88 -9.68
CA LEU B 741 2.72 8.48 -8.37
C LEU B 741 1.48 8.37 -7.50
N SER B 742 0.29 8.51 -8.09
CA SER B 742 -0.94 8.37 -7.31
C SER B 742 -1.06 6.97 -6.74
N PHE B 743 -0.74 5.95 -7.53
CA PHE B 743 -0.84 4.58 -7.03
C PHE B 743 0.27 4.25 -6.03
N GLY B 744 1.48 4.75 -6.27
CA GLY B 744 2.64 4.29 -5.50
C GLY B 744 3.04 5.12 -4.30
N ASN B 745 3.28 6.41 -4.52
CA ASN B 745 3.93 7.27 -3.53
C ASN B 745 2.90 8.17 -2.84
N LYS B 746 3.41 8.94 -1.87
CA LYS B 746 2.60 9.89 -1.12
C LYS B 746 2.85 11.31 -1.61
N PRO B 747 1.82 12.18 -1.62
CA PRO B 747 2.03 13.53 -2.17
C PRO B 747 3.12 14.32 -1.47
N LYS B 748 3.23 14.18 -0.14
CA LYS B 748 4.20 14.98 0.60
C LYS B 748 5.63 14.65 0.16
N GLY B 749 5.91 13.39 -0.14
CA GLY B 749 7.23 13.00 -0.60
C GLY B 749 7.57 13.58 -1.95
N THR B 750 6.81 13.21 -2.97
CA THR B 750 7.08 13.61 -4.36
C THR B 750 6.23 14.83 -4.73
N GLU B 751 6.48 15.94 -4.06
CA GLU B 751 5.77 17.17 -4.37
C GLU B 751 6.31 17.87 -5.62
N LYS B 752 7.62 17.76 -5.86
CA LYS B 752 8.22 18.47 -6.99
C LYS B 752 7.70 17.95 -8.32
N PHE B 753 7.45 16.65 -8.43
CA PHE B 753 6.85 16.11 -9.65
C PHE B 753 5.50 16.77 -9.92
N TYR B 754 4.66 16.89 -8.90
CA TYR B 754 3.36 17.52 -9.07
C TYR B 754 3.51 18.98 -9.44
N VAL B 755 4.46 19.69 -8.82
CA VAL B 755 4.69 21.09 -9.14
C VAL B 755 5.06 21.24 -10.61
N THR B 756 5.98 20.40 -11.09
CA THR B 756 6.39 20.46 -12.47
C THR B 756 5.23 20.17 -13.41
N ILE B 757 4.42 19.17 -13.07
CA ILE B 757 3.27 18.82 -13.91
C ILE B 757 2.29 19.98 -13.98
N VAL B 758 2.03 20.63 -12.84
CA VAL B 758 1.11 21.76 -12.81
C VAL B 758 1.64 22.91 -13.66
N ILE B 759 2.94 23.19 -13.56
CA ILE B 759 3.52 24.26 -14.36
C ILE B 759 3.39 23.95 -15.85
N PHE B 760 3.68 22.70 -16.23
CA PHE B 760 3.55 22.32 -17.63
C PHE B 760 2.12 22.48 -18.12
N PHE B 761 1.14 22.07 -17.30
CA PHE B 761 -0.24 22.21 -17.72
C PHE B 761 -0.66 23.66 -17.84
N ALA B 762 -0.16 24.54 -16.96
CA ALA B 762 -0.43 25.96 -17.10
C ALA B 762 0.11 26.50 -18.42
N ILE B 763 1.35 26.13 -18.75
CA ILE B 763 1.93 26.57 -20.02
C ILE B 763 1.11 26.05 -21.19
N LEU B 764 0.67 24.79 -21.10
CA LEU B 764 -0.12 24.20 -22.17
C LEU B 764 -1.45 24.91 -22.34
N MET B 765 -2.09 25.29 -21.23
CA MET B 765 -3.34 26.04 -21.31
C MET B 765 -3.12 27.39 -21.98
N ALA B 766 -2.02 28.06 -21.63
CA ALA B 766 -1.72 29.33 -22.30
C ALA B 766 -1.57 29.12 -23.81
N TYR B 767 -0.85 28.07 -24.20
CA TYR B 767 -0.66 27.80 -25.63
C TYR B 767 -1.98 27.48 -26.31
N MET B 768 -2.86 26.74 -25.63
CA MET B 768 -4.17 26.41 -26.20
C MET B 768 -4.99 27.67 -26.42
N ILE B 769 -4.97 28.59 -25.45
CA ILE B 769 -5.70 29.85 -25.61
C ILE B 769 -5.15 30.63 -26.80
N PHE B 770 -3.81 30.69 -26.92
CA PHE B 770 -3.21 31.38 -28.06
C PHE B 770 -3.64 30.74 -29.37
N ALA B 771 -3.66 29.41 -29.43
CA ALA B 771 -4.04 28.74 -30.66
C ALA B 771 -5.49 29.03 -31.02
N ALA B 772 -6.39 29.02 -30.02
CA ALA B 772 -7.79 29.33 -30.30
C ALA B 772 -7.94 30.75 -30.83
N ILE B 773 -7.24 31.71 -30.21
CA ILE B 773 -7.33 33.09 -30.68
C ILE B 773 -6.80 33.20 -32.11
N PHE B 774 -5.68 32.54 -32.40
CA PHE B 774 -5.11 32.59 -33.74
C PHE B 774 -6.08 32.01 -34.75
N MET B 775 -6.70 30.89 -34.43
CA MET B 775 -7.65 30.26 -35.36
C MET B 775 -8.84 31.17 -35.61
N ALA B 776 -9.38 31.80 -34.56
CA ALA B 776 -10.52 32.69 -34.73
C ALA B 776 -10.14 33.89 -35.60
N VAL B 777 -8.96 34.47 -35.37
CA VAL B 777 -8.53 35.61 -36.17
C VAL B 777 -8.37 35.20 -37.63
N HIS B 778 -7.78 34.03 -37.87
CA HIS B 778 -7.62 33.56 -39.25
C HIS B 778 -8.97 33.35 -39.91
N SER B 779 -9.94 32.79 -39.18
CA SER B 779 -11.26 32.59 -39.76
C SER B 779 -11.92 33.92 -40.11
N ILE B 780 -11.78 34.93 -39.24
CA ILE B 780 -12.35 36.24 -39.55
C ILE B 780 -11.67 36.84 -40.78
N GLN B 781 -10.35 36.71 -40.86
CA GLN B 781 -9.64 37.25 -42.01
C GLN B 781 -10.07 36.55 -43.30
N ASP B 782 -10.28 35.24 -43.25
CA ASP B 782 -10.78 34.53 -44.42
C ASP B 782 -12.19 34.97 -44.78
N ILE B 783 -13.02 35.24 -43.77
CA ILE B 783 -14.36 35.77 -44.03
C ILE B 783 -14.26 37.07 -44.81
N TYR B 784 -13.39 37.97 -44.36
CA TYR B 784 -13.21 39.23 -45.07
C TYR B 784 -12.65 39.01 -46.48
N ARG B 785 -11.72 38.07 -46.61
CA ARG B 785 -11.12 37.79 -47.92
C ARG B 785 -12.16 37.30 -48.91
N SER B 786 -13.12 36.47 -48.45
CA SER B 786 -14.10 35.90 -49.36
C SER B 786 -14.86 36.97 -50.13
N GLY B 787 -15.05 38.14 -49.52
CA GLY B 787 -15.75 39.23 -50.19
C GLY B 787 -17.26 39.08 -50.12
N THR B 788 -17.93 39.80 -51.00
CA THR B 788 -19.39 39.82 -51.08
C THR B 788 -20.02 40.49 -49.86
N ARG B 789 -19.28 41.37 -49.18
CA ARG B 789 -19.77 42.06 -48.00
C ARG B 789 -19.76 41.14 -46.79
N ILE B 790 -20.12 41.66 -45.63
CA ILE B 790 -20.14 40.89 -44.39
C ILE B 790 -21.44 41.19 -43.65
N THR B 791 -22.02 40.17 -43.04
CA THR B 791 -23.21 40.32 -42.21
C THR B 791 -23.02 39.51 -40.94
N VAL B 792 -23.78 39.90 -39.90
CA VAL B 792 -23.73 39.16 -38.65
C VAL B 792 -24.11 37.71 -38.85
N SER B 793 -25.01 37.44 -39.82
CA SER B 793 -25.38 36.06 -40.11
C SER B 793 -24.18 35.25 -40.56
N LEU B 794 -23.33 35.82 -41.43
CA LEU B 794 -22.14 35.11 -41.86
C LEU B 794 -21.20 34.85 -40.69
N PHE B 795 -21.03 35.83 -39.80
CA PHE B 795 -20.18 35.63 -38.64
C PHE B 795 -20.69 34.51 -37.76
N PHE B 796 -22.00 34.46 -37.53
CA PHE B 796 -22.58 33.39 -36.72
C PHE B 796 -22.71 32.07 -37.47
N GLN B 797 -22.45 32.06 -38.79
CA GLN B 797 -22.48 30.84 -39.56
C GLN B 797 -21.14 30.12 -39.58
N ASN B 798 -20.04 30.81 -39.28
CA ASN B 798 -18.72 30.20 -39.28
C ASN B 798 -18.54 29.40 -38.00
N SER B 799 -18.36 28.09 -38.14
CA SER B 799 -18.25 27.23 -36.96
C SER B 799 -17.04 27.59 -36.10
N GLU B 800 -15.90 27.84 -36.74
CA GLU B 800 -14.69 28.16 -35.99
C GLU B 800 -14.90 29.37 -35.09
N PHE B 801 -15.19 30.53 -35.69
CA PHE B 801 -15.36 31.75 -34.92
C PHE B 801 -16.45 31.58 -33.87
N ARG B 802 -17.62 31.08 -34.28
CA ARG B 802 -18.74 30.93 -33.36
C ARG B 802 -18.31 30.12 -32.15
N ASP B 803 -17.96 28.85 -32.38
CA ASP B 803 -17.64 27.95 -31.28
C ASP B 803 -16.54 28.51 -30.39
N LEU B 804 -15.45 28.99 -31.01
CA LEU B 804 -14.27 29.34 -30.22
C LEU B 804 -14.49 30.62 -29.42
N VAL B 805 -15.17 31.61 -30.00
CA VAL B 805 -15.23 32.94 -29.41
C VAL B 805 -16.55 33.19 -28.70
N VAL B 806 -17.68 32.97 -29.39
CA VAL B 806 -18.97 33.41 -28.87
C VAL B 806 -19.29 32.70 -27.56
N ALA B 807 -19.09 31.37 -27.52
CA ALA B 807 -19.44 30.61 -26.34
C ALA B 807 -18.60 31.03 -25.13
N THR B 808 -17.29 31.11 -25.32
CA THR B 808 -16.42 31.50 -24.21
C THR B 808 -16.72 32.91 -23.74
N SER B 809 -16.94 33.83 -24.68
CA SER B 809 -17.25 35.21 -24.30
C SER B 809 -18.56 35.29 -23.55
N SER B 810 -19.56 34.51 -23.98
CA SER B 810 -20.84 34.48 -23.28
C SER B 810 -20.68 33.95 -21.86
N THR B 811 -19.91 32.88 -21.70
CA THR B 811 -19.68 32.34 -20.35
C THR B 811 -18.98 33.37 -19.47
N TYR B 812 -17.95 34.03 -20.00
CA TYR B 812 -17.24 35.04 -19.21
C TYR B 812 -18.16 36.20 -18.87
N ALA B 813 -19.00 36.62 -19.80
CA ALA B 813 -19.92 37.72 -19.54
C ALA B 813 -20.94 37.34 -18.46
N LEU B 814 -21.44 36.10 -18.51
CA LEU B 814 -22.36 35.66 -17.46
C LEU B 814 -21.68 35.67 -16.10
N TYR B 815 -20.44 35.17 -16.03
CA TYR B 815 -19.71 35.20 -14.77
C TYR B 815 -19.51 36.62 -14.28
N PHE B 816 -19.14 37.53 -15.20
CA PHE B 816 -18.89 38.91 -14.83
C PHE B 816 -20.15 39.58 -14.30
N LEU B 817 -21.28 39.37 -14.98
CA LEU B 817 -22.54 39.94 -14.52
C LEU B 817 -22.94 39.38 -13.16
N ALA B 818 -22.78 38.06 -12.98
CA ALA B 818 -23.12 37.46 -11.69
C ALA B 818 -22.27 38.04 -10.58
N SER B 819 -20.97 38.22 -10.84
CA SER B 819 -20.10 38.82 -9.83
C SER B 819 -20.52 40.25 -9.52
N PHE B 820 -20.83 41.04 -10.56
CA PHE B 820 -21.19 42.44 -10.32
C PHE B 820 -22.49 42.56 -9.53
N LEU B 821 -23.50 41.75 -9.87
CA LEU B 821 -24.79 41.88 -9.19
C LEU B 821 -24.71 41.53 -7.71
N TYR B 822 -23.71 40.77 -7.30
CA TYR B 822 -23.50 40.44 -5.89
C TYR B 822 -22.54 41.40 -5.20
N PHE B 823 -22.10 42.45 -5.88
CA PHE B 823 -21.22 43.46 -5.29
C PHE B 823 -19.92 42.84 -4.80
N GLU B 824 -19.41 41.86 -5.55
CA GLU B 824 -18.12 41.22 -5.28
C GLU B 824 -17.36 41.09 -6.59
N PRO B 825 -16.91 42.21 -7.17
CA PRO B 825 -16.33 42.17 -8.50
C PRO B 825 -14.83 41.91 -8.54
N TRP B 826 -14.15 42.08 -7.41
CA TRP B 826 -12.68 42.06 -7.42
C TRP B 826 -12.13 40.71 -7.86
N HIS B 827 -12.76 39.63 -7.43
CA HIS B 827 -12.24 38.29 -7.75
C HIS B 827 -12.24 38.02 -9.24
N MET B 828 -13.02 38.77 -10.02
CA MET B 828 -13.01 38.60 -11.47
C MET B 828 -11.75 39.20 -12.11
N PHE B 829 -11.02 40.03 -11.37
CA PHE B 829 -9.78 40.63 -11.86
C PHE B 829 -8.56 40.07 -11.17
N THR B 830 -8.55 40.05 -9.84
CA THR B 830 -7.34 39.66 -9.11
C THR B 830 -7.00 38.19 -9.30
N SER B 831 -8.01 37.31 -9.27
CA SER B 831 -7.77 35.88 -9.16
C SER B 831 -8.30 35.08 -10.34
N PHE B 832 -8.69 35.73 -11.44
CA PHE B 832 -9.23 35.01 -12.58
C PHE B 832 -8.13 34.25 -13.33
N VAL B 833 -7.01 34.91 -13.59
CA VAL B 833 -5.96 34.33 -14.42
C VAL B 833 -5.41 33.06 -13.77
N GLN B 834 -5.18 33.09 -12.47
CA GLN B 834 -4.64 31.93 -11.78
C GLN B 834 -5.58 30.73 -11.92
N TYR B 835 -6.89 30.95 -11.72
CA TYR B 835 -7.84 29.86 -11.85
C TYR B 835 -7.88 29.33 -13.27
N ILE B 836 -7.84 30.23 -14.26
CA ILE B 836 -7.87 29.77 -15.65
C ILE B 836 -6.64 28.91 -15.95
N LEU B 837 -5.47 29.33 -15.47
CA LEU B 837 -4.26 28.57 -15.73
C LEU B 837 -4.23 27.26 -14.97
N LEU B 838 -4.86 27.20 -13.80
CA LEU B 838 -4.84 25.99 -12.97
C LEU B 838 -5.94 25.00 -13.31
N SER B 839 -6.96 25.41 -14.05
CA SER B 839 -8.07 24.51 -14.37
C SER B 839 -7.63 23.17 -14.93
N PRO B 840 -6.72 23.09 -15.91
CA PRO B 840 -6.30 21.76 -16.39
C PRO B 840 -5.69 20.92 -15.29
N SER B 841 -4.96 21.55 -14.37
CA SER B 841 -4.44 20.81 -13.21
C SER B 841 -5.59 20.28 -12.37
N TYR B 842 -6.60 21.12 -12.10
CA TYR B 842 -7.77 20.67 -11.36
C TYR B 842 -8.36 19.42 -12.00
N VAL B 843 -8.52 19.43 -13.32
CA VAL B 843 -9.17 18.30 -13.99
C VAL B 843 -8.28 17.06 -13.95
N ASN B 844 -6.99 17.22 -14.23
CA ASN B 844 -6.12 16.06 -14.40
C ASN B 844 -5.60 15.54 -13.05
N VAL B 845 -4.79 16.35 -12.37
CA VAL B 845 -4.03 15.83 -11.24
C VAL B 845 -4.95 15.47 -10.07
N LEU B 846 -5.83 16.40 -9.70
CA LEU B 846 -6.72 16.16 -8.57
C LEU B 846 -7.63 14.98 -8.83
N ASN B 847 -8.21 14.92 -10.04
CA ASN B 847 -9.14 13.84 -10.36
C ASN B 847 -8.44 12.49 -10.38
N ILE B 848 -7.24 12.43 -10.97
CA ILE B 848 -6.50 11.18 -11.02
C ILE B 848 -6.16 10.71 -9.62
N TYR B 849 -5.65 11.62 -8.78
CA TYR B 849 -5.30 11.24 -7.42
C TYR B 849 -6.52 10.79 -6.63
N ALA B 850 -7.65 11.50 -6.80
CA ALA B 850 -8.86 11.15 -6.08
C ALA B 850 -9.36 9.76 -6.48
N PHE B 851 -9.37 9.46 -7.79
CA PHE B 851 -9.90 8.17 -8.23
C PHE B 851 -8.94 7.03 -7.90
N CYS B 852 -7.63 7.28 -7.96
CA CYS B 852 -6.68 6.23 -7.63
C CYS B 852 -6.68 5.88 -6.15
N ASN B 853 -7.12 6.80 -5.30
CA ASN B 853 -7.12 6.61 -3.85
C ASN B 853 -8.54 6.67 -3.28
N ILE B 854 -9.49 6.01 -3.95
CA ILE B 854 -10.86 5.95 -3.44
C ILE B 854 -10.87 5.27 -2.08
N ASP B 855 -10.17 4.14 -1.96
CA ASP B 855 -10.07 3.44 -0.69
C ASP B 855 -9.11 4.17 0.23
N ASP B 856 -9.56 4.42 1.45
CA ASP B 856 -8.75 5.09 2.47
C ASP B 856 -8.45 4.05 3.56
N ILE B 857 -7.38 3.28 3.35
CA ILE B 857 -7.01 2.19 4.26
C ILE B 857 -6.14 2.80 5.34
N SER B 858 -6.78 3.38 6.36
CA SER B 858 -6.04 3.94 7.49
C SER B 858 -5.52 2.83 8.40
N TRP B 859 -6.30 1.78 8.60
CA TRP B 859 -5.92 0.70 9.50
C TRP B 859 -4.80 -0.15 8.88
N GLY B 860 -4.05 -0.81 9.75
CA GLY B 860 -2.92 -1.62 9.35
C GLY B 860 -3.33 -3.04 8.97
N THR B 861 -2.37 -3.94 9.08
CA THR B 861 -2.57 -5.35 8.73
C THR B 861 -2.63 -6.19 9.99
N LYS B 862 -3.67 -7.01 10.10
CA LYS B 862 -3.87 -7.91 11.26
C LYS B 862 -3.84 -7.04 12.51
N GLY B 863 -3.07 -7.39 13.53
CA GLY B 863 -3.01 -6.60 14.75
C GLY B 863 -1.80 -6.93 15.60
N LYS B 868 2.09 -16.81 24.86
CA LYS B 868 2.43 -17.49 26.11
C LYS B 868 3.91 -17.87 26.13
N SER B 869 4.67 -17.17 26.97
CA SER B 869 6.09 -17.46 27.09
C SER B 869 6.31 -18.89 27.56
N LEU B 870 7.24 -19.59 26.90
CA LEU B 870 7.47 -20.99 27.23
C LEU B 870 7.99 -21.14 28.65
N GLY B 871 8.89 -20.27 29.08
CA GLY B 871 9.44 -20.36 30.42
C GLY B 871 10.43 -19.25 30.66
N GLU B 872 10.98 -19.23 31.87
CA GLU B 872 11.95 -18.24 32.28
C GLU B 872 12.97 -18.90 33.19
N ALA B 873 14.24 -18.88 32.77
CA ALA B 873 15.34 -19.44 33.55
C ALA B 873 16.12 -18.29 34.17
N LYS B 874 16.27 -18.32 35.50
CA LYS B 874 16.97 -17.29 36.24
C LYS B 874 18.18 -17.90 36.93
N LEU B 875 19.36 -17.31 36.69
CA LEU B 875 20.57 -17.81 37.34
C LEU B 875 20.51 -17.54 38.83
N ARG B 876 20.86 -18.55 39.62
CA ARG B 876 20.84 -18.45 41.07
C ARG B 876 22.21 -17.97 41.56
N GLU B 877 22.42 -18.02 42.88
CA GLU B 877 23.72 -17.63 43.43
C GLU B 877 24.82 -18.52 42.89
N ASP B 878 24.57 -19.83 42.84
CA ASP B 878 25.52 -20.77 42.25
C ASP B 878 25.44 -20.72 40.73
N GLY B 879 26.35 -21.45 40.09
CA GLY B 879 26.39 -21.48 38.64
C GLY B 879 25.21 -22.18 37.99
N THR B 880 24.50 -23.00 38.76
CA THR B 880 23.36 -23.72 38.22
C THR B 880 22.24 -22.75 37.82
N PHE B 881 21.52 -23.12 36.76
CA PHE B 881 20.38 -22.35 36.27
C PHE B 881 19.09 -23.04 36.68
N ASP B 882 18.15 -22.27 37.23
CA ASP B 882 16.88 -22.81 37.67
C ASP B 882 15.98 -23.03 36.45
N VAL B 883 15.64 -24.30 36.19
CA VAL B 883 14.84 -24.66 35.04
C VAL B 883 13.76 -25.65 35.48
N SER B 884 12.72 -25.76 34.66
CA SER B 884 11.63 -26.71 34.88
C SER B 884 11.44 -27.50 33.59
N VAL B 885 12.01 -28.71 33.55
CA VAL B 885 11.92 -29.57 32.37
C VAL B 885 11.45 -30.95 32.80
N PRO B 886 10.86 -31.70 31.88
CA PRO B 886 10.36 -33.04 32.25
C PRO B 886 11.50 -33.94 32.74
N ILE B 887 11.20 -34.73 33.76
CA ILE B 887 12.17 -35.63 34.36
C ILE B 887 11.68 -37.08 34.35
N SER B 888 10.41 -37.29 34.70
CA SER B 888 9.89 -38.65 34.80
C SER B 888 9.88 -39.34 33.44
N LYS B 889 10.14 -40.65 33.46
CA LYS B 889 10.10 -41.43 32.23
C LYS B 889 8.69 -41.44 31.64
N GLU B 890 7.68 -41.52 32.51
CA GLU B 890 6.30 -41.67 32.04
C GLU B 890 5.87 -40.49 31.17
N GLN B 891 6.16 -39.27 31.61
CA GLN B 891 5.72 -38.10 30.86
C GLN B 891 6.47 -37.98 29.54
N ILE B 892 7.76 -38.33 29.52
CA ILE B 892 8.51 -38.30 28.27
C ILE B 892 7.93 -39.29 27.28
N ASN B 893 7.63 -40.50 27.74
CA ASN B 893 7.03 -41.51 26.86
C ASN B 893 5.66 -41.04 26.37
N GLN B 894 4.87 -40.44 27.25
CA GLN B 894 3.56 -39.95 26.86
C GLN B 894 3.67 -38.86 25.79
N SER B 895 4.62 -37.95 25.94
CA SER B 895 4.81 -36.89 24.95
C SER B 895 5.25 -37.49 23.62
N TYR B 896 6.17 -38.46 23.65
CA TYR B 896 6.60 -39.08 22.41
C TYR B 896 5.44 -39.78 21.71
N LEU B 897 4.61 -40.50 22.47
CA LEU B 897 3.45 -41.15 21.88
C LEU B 897 2.47 -40.13 21.33
N ASP B 898 2.29 -39.02 22.03
CA ASP B 898 1.40 -37.97 21.53
C ASP B 898 1.89 -37.42 20.20
N GLN B 899 3.20 -37.18 20.08
CA GLN B 899 3.74 -36.71 18.82
C GLN B 899 3.54 -37.75 17.71
N LEU B 900 3.77 -39.02 18.03
CA LEU B 900 3.58 -40.08 17.04
C LEU B 900 2.13 -40.10 16.55
N GLU B 901 1.18 -40.01 17.48
CA GLU B 901 -0.23 -39.99 17.10
C GLU B 901 -0.56 -38.75 16.28
N LYS B 902 0.02 -37.60 16.66
CA LYS B 902 -0.25 -36.36 15.93
C LYS B 902 0.18 -36.49 14.48
N ILE B 903 1.36 -37.07 14.24
CA ILE B 903 1.84 -37.16 12.86
C ILE B 903 1.28 -38.38 12.12
N ARG B 904 0.76 -39.37 12.84
CA ARG B 904 0.37 -40.64 12.22
C ARG B 904 -0.99 -40.60 11.53
N ASP B 905 -1.54 -39.41 11.27
CA ASP B 905 -2.84 -39.29 10.65
C ASP B 905 -2.76 -38.42 9.41
N PRO B 906 -3.67 -38.61 8.45
CA PRO B 906 -3.66 -37.79 7.24
C PRO B 906 -4.11 -36.37 7.53
N ALA B 907 -3.75 -35.47 6.61
CA ALA B 907 -4.08 -34.06 6.76
C ALA B 907 -5.52 -33.82 6.34
N PRO B 908 -6.37 -33.27 7.20
CA PRO B 908 -7.75 -32.96 6.80
C PRO B 908 -7.79 -31.68 5.98
N PRO B 909 -8.80 -31.54 5.10
CA PRO B 909 -8.90 -30.30 4.32
C PRO B 909 -9.18 -29.10 5.21
N GLU B 910 -8.58 -27.96 4.85
CA GLU B 910 -8.79 -26.74 5.62
C GLU B 910 -10.24 -26.29 5.56
N GLU B 911 -10.72 -25.93 4.36
CA GLU B 911 -12.09 -25.48 4.17
C GLU B 911 -12.42 -24.33 5.13
N LYS B 912 -11.50 -23.37 5.23
CA LYS B 912 -11.69 -22.25 6.15
C LYS B 912 -12.93 -21.45 5.78
N VAL B 913 -13.04 -21.03 4.52
CA VAL B 913 -14.17 -20.23 4.05
C VAL B 913 -14.30 -18.98 4.90
N LEU B 914 -13.17 -18.39 5.27
CA LEU B 914 -13.18 -17.21 6.13
C LEU B 914 -13.73 -16.00 5.37
N VAL B 915 -14.32 -15.07 6.13
CA VAL B 915 -14.86 -13.85 5.55
C VAL B 915 -13.74 -12.98 4.98
N THR B 916 -12.55 -13.05 5.58
CA THR B 916 -11.40 -12.28 5.12
C THR B 916 -11.50 -10.83 5.56
N ASN B 917 -10.56 -9.99 5.14
CA ASN B 917 -10.49 -8.61 5.58
C ASN B 917 -11.19 -7.69 4.59
N THR B 918 -11.60 -6.53 5.08
CA THR B 918 -12.35 -5.57 4.28
C THR B 918 -11.49 -4.74 3.36
N GLU B 919 -10.19 -4.59 3.66
CA GLU B 919 -9.33 -3.75 2.84
C GLU B 919 -9.28 -4.26 1.40
N ASP B 920 -9.29 -5.58 1.23
CA ASP B 920 -9.31 -6.15 -0.12
C ASP B 920 -10.55 -5.71 -0.87
N TYR B 921 -11.70 -5.68 -0.19
CA TYR B 921 -12.94 -5.29 -0.84
C TYR B 921 -12.86 -3.86 -1.38
N TYR B 922 -12.37 -2.93 -0.55
CA TYR B 922 -12.31 -1.53 -0.97
C TYR B 922 -11.26 -1.34 -2.07
N ALA B 923 -10.13 -2.06 -1.97
CA ALA B 923 -9.14 -2.00 -3.05
C ALA B 923 -9.75 -2.49 -4.36
N PHE B 924 -10.51 -3.58 -4.32
CA PHE B 924 -11.17 -4.08 -5.51
C PHE B 924 -12.15 -3.06 -6.06
N ILE B 925 -12.93 -2.42 -5.19
CA ILE B 925 -13.89 -1.42 -5.65
C ILE B 925 -13.18 -0.28 -6.36
N ARG B 926 -12.09 0.22 -5.76
CA ARG B 926 -11.35 1.31 -6.36
C ARG B 926 -10.75 0.90 -7.71
N SER B 927 -10.20 -0.31 -7.79
CA SER B 927 -9.63 -0.77 -9.05
C SER B 927 -10.71 -0.84 -10.14
N MET B 928 -11.87 -1.40 -9.81
CA MET B 928 -12.95 -1.48 -10.80
C MET B 928 -13.37 -0.08 -11.24
N THR B 929 -13.49 0.85 -10.30
CA THR B 929 -13.91 2.20 -10.65
C THR B 929 -12.93 2.85 -11.61
N VAL B 930 -11.63 2.78 -11.30
CA VAL B 930 -10.65 3.43 -12.16
C VAL B 930 -10.63 2.76 -13.53
N LEU B 931 -10.76 1.44 -13.58
CA LEU B 931 -10.76 0.75 -14.86
C LEU B 931 -11.95 1.18 -15.72
N VAL B 932 -13.14 1.27 -15.13
CA VAL B 932 -14.31 1.68 -15.90
C VAL B 932 -14.13 3.11 -16.40
N TRP B 933 -13.61 3.99 -15.53
CA TRP B 933 -13.37 5.37 -15.92
C TRP B 933 -12.44 5.44 -17.13
N MET B 934 -11.32 4.73 -17.07
CA MET B 934 -10.38 4.69 -18.18
C MET B 934 -11.05 4.19 -19.44
N PHE B 935 -11.80 3.09 -19.34
CA PHE B 935 -12.40 2.49 -20.52
C PHE B 935 -13.36 3.46 -21.20
N THR B 936 -14.24 4.10 -20.42
CA THR B 936 -15.21 5.02 -21.02
C THR B 936 -14.50 6.21 -21.67
N ASN B 937 -13.53 6.80 -20.96
CA ASN B 937 -12.84 7.95 -21.54
C ASN B 937 -12.13 7.58 -22.83
N PHE B 938 -11.46 6.42 -22.86
CA PHE B 938 -10.77 6.03 -24.07
C PHE B 938 -11.74 5.71 -25.21
N VAL B 939 -12.90 5.14 -24.89
CA VAL B 939 -13.89 4.89 -25.93
C VAL B 939 -14.33 6.21 -26.56
N VAL B 940 -14.60 7.21 -25.73
CA VAL B 940 -15.00 8.52 -26.26
C VAL B 940 -13.89 9.09 -27.14
N ILE B 941 -12.64 9.03 -26.66
CA ILE B 941 -11.54 9.60 -27.41
C ILE B 941 -11.37 8.90 -28.75
N ALA B 942 -11.45 7.56 -28.75
CA ALA B 942 -11.30 6.81 -29.99
C ALA B 942 -12.41 7.16 -30.96
N LEU B 943 -13.65 7.29 -30.47
CA LEU B 943 -14.75 7.67 -31.34
C LEU B 943 -14.50 9.03 -31.98
N VAL B 944 -14.00 10.00 -31.22
CA VAL B 944 -13.84 11.40 -31.72
C VAL B 944 -12.66 11.54 -32.70
N LEU B 945 -11.45 11.16 -32.31
CA LEU B 945 -10.22 11.36 -33.13
C LEU B 945 -9.87 10.15 -34.00
N GLU B 946 -10.65 9.07 -33.98
CA GLU B 946 -10.34 7.82 -34.74
C GLU B 946 -8.91 7.40 -34.37
N THR B 947 -8.63 7.32 -33.06
CA THR B 947 -7.30 7.04 -32.46
C THR B 947 -6.95 5.56 -32.50
N GLY B 948 -7.86 4.58 -32.16
CA GLY B 948 -7.68 3.14 -32.11
C GLY B 948 -7.66 2.50 -33.48
N GLY B 949 -8.33 1.37 -33.62
CA GLY B 949 -8.40 0.67 -34.89
C GLY B 949 -9.40 1.21 -35.86
N PHE B 950 -10.15 2.26 -35.48
CA PHE B 950 -11.17 2.80 -36.37
C PHE B 950 -10.55 3.37 -37.64
N ASN B 951 -9.31 3.86 -37.57
CA ASN B 951 -8.66 4.40 -38.76
C ASN B 951 -8.50 3.35 -39.86
N GLN B 952 -8.51 2.07 -39.50
CA GLN B 952 -8.39 1.02 -40.51
C GLN B 952 -9.62 0.94 -41.40
N PHE B 953 -10.79 1.31 -40.88
CA PHE B 953 -12.03 1.22 -41.64
C PHE B 953 -12.22 2.37 -42.61
N VAL B 954 -11.29 3.32 -42.68
CA VAL B 954 -11.38 4.43 -43.62
C VAL B 954 -10.17 4.40 -44.54
N GLU B 955 -10.10 5.34 -45.47
CA GLU B 955 -9.06 5.39 -46.47
C GLU B 955 -8.06 6.51 -46.16
N ALA B 956 -7.09 6.67 -47.06
CA ALA B 956 -6.02 7.64 -46.82
C ALA B 956 -6.57 9.06 -46.77
N THR B 957 -7.50 9.40 -47.64
CA THR B 957 -7.98 10.77 -47.76
C THR B 957 -9.22 11.04 -46.92
N ASP B 958 -10.15 10.09 -46.83
CA ASP B 958 -11.37 10.32 -46.09
C ASP B 958 -11.13 10.48 -44.59
N LEU B 959 -10.05 9.88 -44.08
CA LEU B 959 -9.80 9.93 -42.64
C LEU B 959 -9.64 11.36 -42.16
N ALA B 960 -8.88 12.18 -42.90
CA ALA B 960 -8.64 13.55 -42.47
C ALA B 960 -9.95 14.34 -42.38
N ASN B 961 -10.76 14.29 -43.44
CA ASN B 961 -12.01 15.06 -43.44
C ASN B 961 -12.96 14.56 -42.36
N LEU B 962 -13.09 13.25 -42.22
CA LEU B 962 -13.98 12.70 -41.19
C LEU B 962 -13.53 13.12 -39.80
N LYS B 963 -12.22 13.05 -39.54
CA LYS B 963 -11.69 13.45 -38.25
C LYS B 963 -11.96 14.93 -37.99
N SER B 964 -11.76 15.77 -39.01
CA SER B 964 -12.02 17.20 -38.85
C SER B 964 -13.48 17.46 -38.52
N ASN B 965 -14.40 16.80 -39.23
CA ASN B 965 -15.82 16.99 -38.97
C ASN B 965 -16.18 16.57 -37.54
N ARG B 966 -15.70 15.39 -37.13
CA ARG B 966 -16.00 14.90 -35.79
C ARG B 966 -15.43 15.84 -34.73
N ALA B 967 -14.22 16.34 -34.95
CA ALA B 967 -13.61 17.27 -33.99
C ALA B 967 -14.42 18.55 -33.87
N ALA B 968 -14.87 19.10 -35.01
CA ALA B 968 -15.68 20.30 -34.96
C ALA B 968 -16.98 20.07 -34.20
N VAL B 969 -17.64 18.94 -34.46
CA VAL B 969 -18.88 18.63 -33.76
C VAL B 969 -18.63 18.52 -32.25
N PHE B 970 -17.56 17.82 -31.88
CA PHE B 970 -17.25 17.67 -30.46
C PHE B 970 -16.98 19.03 -29.80
N LEU B 971 -16.21 19.89 -30.47
CA LEU B 971 -15.90 21.20 -29.91
C LEU B 971 -17.17 22.00 -29.68
N THR B 972 -18.03 22.09 -30.69
CA THR B 972 -19.25 22.87 -30.52
C THR B 972 -20.11 22.29 -29.41
N VAL B 973 -20.23 20.95 -29.36
CA VAL B 973 -21.06 20.33 -28.34
C VAL B 973 -20.56 20.70 -26.95
N ILE B 974 -19.26 20.51 -26.70
CA ILE B 974 -18.75 20.71 -25.34
C ILE B 974 -18.84 22.18 -24.96
N LEU B 975 -18.44 23.09 -25.86
CA LEU B 975 -18.46 24.50 -25.52
C LEU B 975 -19.88 24.98 -25.24
N TRP B 976 -20.85 24.56 -26.06
CA TRP B 976 -22.21 25.02 -25.84
C TRP B 976 -22.84 24.37 -24.62
N THR B 977 -22.44 23.14 -24.29
CA THR B 977 -22.90 22.54 -23.03
C THR B 977 -22.43 23.37 -21.85
N VAL B 978 -21.15 23.76 -21.85
CA VAL B 978 -20.63 24.59 -20.77
C VAL B 978 -21.39 25.91 -20.71
N ALA B 979 -21.60 26.54 -21.86
CA ALA B 979 -22.28 27.83 -21.88
C ALA B 979 -23.71 27.71 -21.35
N PHE B 980 -24.42 26.65 -21.74
CA PHE B 980 -25.79 26.48 -21.28
C PHE B 980 -25.85 26.20 -19.79
N MET B 981 -24.90 25.44 -19.25
CA MET B 981 -24.87 25.24 -17.81
C MET B 981 -24.62 26.57 -17.08
N ALA B 982 -23.71 27.39 -17.63
CA ALA B 982 -23.46 28.69 -17.03
C ALA B 982 -24.73 29.55 -17.04
N LEU B 983 -25.47 29.53 -18.15
CA LEU B 983 -26.71 30.30 -18.24
C LEU B 983 -27.73 29.80 -17.22
N PHE B 984 -27.85 28.48 -17.07
CA PHE B 984 -28.77 27.91 -16.09
C PHE B 984 -28.45 28.42 -14.69
N ARG B 985 -27.17 28.34 -14.31
CA ARG B 985 -26.77 28.80 -12.98
C ARG B 985 -27.01 30.30 -12.80
N PHE B 986 -26.75 31.09 -13.86
CA PHE B 986 -26.97 32.53 -13.79
C PHE B 986 -28.43 32.86 -13.53
N ILE B 987 -29.34 32.20 -14.26
CA ILE B 987 -30.76 32.43 -14.06
C ILE B 987 -31.16 32.03 -12.64
N GLY B 988 -30.61 30.91 -12.15
CA GLY B 988 -30.92 30.48 -10.80
C GLY B 988 -30.51 31.50 -9.76
N CYS B 989 -29.30 32.05 -9.90
CA CYS B 989 -28.85 33.04 -8.92
C CYS B 989 -29.64 34.34 -9.02
N ILE B 990 -30.04 34.72 -10.25
CA ILE B 990 -30.89 35.89 -10.40
C ILE B 990 -32.19 35.70 -9.63
N TYR B 991 -32.80 34.52 -9.78
CA TYR B 991 -34.01 34.24 -9.04
C TYR B 991 -33.77 34.25 -7.54
N TYR B 992 -32.62 33.73 -7.10
CA TYR B 992 -32.31 33.73 -5.67
C TYR B 992 -32.24 35.15 -5.13
N LEU B 993 -31.56 36.03 -5.86
CA LEU B 993 -31.45 37.42 -5.44
C LEU B 993 -32.83 38.07 -5.37
N ILE B 994 -33.65 37.87 -6.40
CA ILE B 994 -34.96 38.51 -6.43
C ILE B 994 -35.82 38.04 -5.26
N THR B 995 -35.85 36.72 -5.03
CA THR B 995 -36.70 36.19 -3.97
C THR B 995 -36.18 36.61 -2.59
N ARG B 996 -34.87 36.65 -2.40
CA ARG B 996 -34.32 37.11 -1.12
C ARG B 996 -34.67 38.57 -0.87
N LEU B 997 -34.56 39.42 -1.90
CA LEU B 997 -34.93 40.82 -1.73
C LEU B 997 -36.41 40.94 -1.39
N GLY B 998 -37.27 40.22 -2.10
CA GLY B 998 -38.68 40.26 -1.80
C GLY B 998 -39.00 39.81 -0.39
N ARG B 999 -38.33 38.74 0.07
CA ARG B 999 -38.54 38.27 1.44
C ARG B 999 -38.07 39.31 2.45
N GLU B 1000 -36.94 39.97 2.16
CA GLU B 1000 -36.46 41.00 3.07
C GLU B 1000 -37.46 42.15 3.18
N ILE B 1001 -38.07 42.54 2.05
CA ILE B 1001 -39.08 43.59 2.10
C ILE B 1001 -40.23 43.16 2.99
N LYS B 1002 -40.68 41.91 2.84
CA LYS B 1002 -41.77 41.38 3.67
C LYS B 1002 -41.38 41.41 5.14
P 3PE C . 13.61 -16.90 -23.43
N 3PE C . 12.76 -17.53 -18.56
O11 3PE C . 13.76 -15.35 -23.98
O12 3PE C . 14.95 -17.45 -23.04
O13 3PE C . 12.60 -16.87 -22.12
O14 3PE C . 13.00 -17.75 -24.50
C11 3PE C . 13.15 -16.75 -20.84
C12 3PE C . 12.10 -17.19 -19.82
C1 3PE C . 12.58 -14.62 -24.11
C2 3PE C . 12.75 -13.48 -25.11
C3 3PE C . 13.23 -14.04 -26.45
O31 3PE C . 12.17 -14.19 -27.35
O32 3PE C . 11.87 -16.32 -26.64
C31 3PE C . 11.51 -15.44 -27.34
C32 3PE C . 10.32 -15.63 -28.28
C33 3PE C . 9.81 -17.07 -28.20
C34 3PE C . 8.60 -17.22 -29.11
C35 3PE C . 8.33 -18.70 -29.39
C36 3PE C . 7.89 -18.88 -30.85
C37 3PE C . 7.88 -20.36 -31.20
C38 3PE C . 7.00 -20.60 -32.43
C39 3PE C . 7.05 -22.07 -32.82
C3A 3PE C . 5.94 -22.37 -33.83
O21 3PE C . 11.50 -12.85 -25.25
O22 3PE C . 12.31 -11.05 -26.32
C21 3PE C . 11.43 -11.83 -26.20
C22 3PE C . 10.18 -11.72 -27.06
C23 3PE C . 10.54 -11.29 -28.48
C24 3PE C . 9.28 -11.14 -29.32
C25 3PE C . 8.60 -12.51 -29.48
C26 3PE C . 7.72 -12.52 -30.74
C27 3PE C . 7.11 -13.90 -30.91
C28 3PE C . 6.55 -14.04 -32.33
C29 3PE C . 6.05 -15.46 -32.57
C2A 3PE C . 6.01 -15.74 -34.07
C2B 3PE C . 5.63 -17.20 -34.31
C2C 3PE C . 5.86 -17.54 -35.78
C2D 3PE C . 5.64 -19.03 -36.00
C2E 3PE C . 6.04 -19.40 -37.43
C2F 3PE C . 5.97 -20.92 -37.61
C2G 3PE C . 6.27 -21.28 -39.06
HN2 3PE C . 13.28 -18.37 -18.68
H111 3PE C . 13.43 -15.72 -20.65
H112 3PE C . 14.02 -17.39 -20.76
H121 3PE C . 11.41 -16.38 -19.65
H122 3PE C . 11.57 -18.06 -20.20
H11 3PE C . 12.32 -14.21 -23.15
H12 3PE C . 11.79 -15.27 -24.45
H2 3PE C . 13.47 -12.76 -24.73
H31 3PE C . 13.73 -14.99 -26.30
H32 3PE C . 13.96 -13.35 -26.88
H321 3PE C . 10.63 -15.42 -29.29
H322 3PE C . 9.53 -14.95 -28.00
H331 3PE C . 9.53 -17.30 -27.17
H332 3PE C . 10.60 -17.75 -28.51
H341 3PE C . 8.80 -16.71 -30.04
H342 3PE C . 7.73 -16.78 -28.64
H351 3PE C . 7.54 -19.05 -28.74
H352 3PE C . 9.22 -19.29 -29.21
H361 3PE C . 8.59 -18.37 -31.50
H362 3PE C . 6.90 -18.46 -30.98
H371 3PE C . 7.49 -20.94 -30.37
H372 3PE C . 8.89 -20.69 -31.42
H381 3PE C . 7.35 -19.99 -33.26
H382 3PE C . 5.97 -20.32 -32.21
H391 3PE C . 6.90 -22.69 -31.94
H392 3PE C . 8.01 -22.29 -33.26
H221 3PE C . 9.49 -11.01 -26.63
H222 3PE C . 9.70 -12.70 -27.09
H231 3PE C . 11.19 -12.05 -28.94
H232 3PE C . 11.07 -10.35 -28.44
H241 3PE C . 9.53 -10.75 -30.29
H242 3PE C . 8.59 -10.46 -28.82
H251 3PE C . 7.98 -12.71 -28.62
H252 3PE C . 9.36 -13.27 -29.56
H261 3PE C . 8.33 -12.26 -31.60
H262 3PE C . 6.94 -11.78 -30.62
H271 3PE C . 6.31 -14.04 -30.20
H272 3PE C . 7.87 -14.65 -30.76
H281 3PE C . 7.32 -13.80 -33.05
H282 3PE C . 5.73 -13.34 -32.46
H291 3PE C . 5.05 -15.57 -32.15
H292 3PE C . 6.72 -16.16 -32.08
H2A1 3PE C . 6.99 -15.55 -34.50
H2A2 3PE C . 5.28 -15.10 -34.55
H2B1 3PE C . 4.59 -17.35 -34.06
H2B2 3PE C . 6.25 -17.84 -33.68
H2C1 3PE C . 6.87 -17.28 -36.07
H2C2 3PE C . 5.16 -16.98 -36.40
H2D1 3PE C . 4.60 -19.28 -35.83
H2D2 3PE C . 6.26 -19.60 -35.31
H2E1 3PE C . 7.07 -19.07 -37.61
H2E2 3PE C . 5.37 -18.92 -38.12
H2F1 3PE C . 4.97 -21.26 -37.35
H2F2 3PE C . 6.68 -21.40 -36.95
C13 BGI D . 10.97 -22.72 -2.34
C17 BGI D . 12.29 -21.43 0.60
C20 BGI D . 11.82 -20.65 2.70
C24 BGI D . 9.41 -17.79 3.53
C28 BGI D . 12.03 -18.86 4.51
C01 BGI D . 11.81 -21.68 -4.69
C02 BGI D . 12.19 -23.13 -4.49
C03 BGI D . 12.04 -23.86 -5.82
C04 BGI D . 13.12 -23.43 -6.83
C06 BGI D . 14.03 -23.69 -8.93
C07 BGI D . 15.00 -22.74 -8.67
C08 BGI D . 15.04 -22.10 -7.44
C09 BGI D . 14.07 -22.47 -6.51
C12 BGI D . 11.26 -23.75 -3.45
C16 BGI D . 11.77 -20.97 -0.63
C18 BGI D . 11.31 -22.49 1.21
C19 BGI D . 10.61 -21.69 2.26
C23 BGI D . 10.00 -18.96 2.90
C25 BGI D . 10.09 -17.16 4.63
C32 BGI D . 12.39 -19.60 -1.02
N05 BGI D . 13.13 -24.01 -8.02
N15 BGI D . 12.07 -21.97 -1.71
N22 BGI D . 11.27 -19.49 3.36
N27 BGI D . 11.35 -17.65 5.12
N35 BGI D . 10.03 -24.14 -4.08
O10 BGI D . 15.95 -22.42 -9.67
O11 BGI D . 12.14 -25.22 -5.60
O14 BGI D . 9.86 -22.53 -1.99
O21 BGI D . 12.39 -20.30 1.62
O26 BGI D . 9.61 -16.20 5.15
O29 BGI D . 13.06 -19.27 4.90
O30 BGI D . 10.20 -22.56 3.38
O31 BGI D . 12.07 -23.62 1.84
O33 BGI D . 13.05 -19.49 -2.09
O34 BGI D . 12.25 -18.59 -0.27
H171 BGI D . 13.27 -21.87 0.44
H201 BGI D . 12.53 -21.16 3.35
H241 BGI D . 8.46 -17.40 3.18
H011 BGI D . 12.39 -21.06 -4.00
H013 BGI D . 10.76 -21.55 -4.49
H012 BGI D . 12.03 -21.38 -5.71
H021 BGI D . 13.22 -23.19 -4.16
H031 BGI D . 11.06 -23.64 -6.24
H061 BGI D . 14.01 -24.19 -9.90
H081 BGI D . 15.79 -21.36 -7.22
H091 BGI D . 14.08 -21.99 -5.54
H121 BGI D . 11.74 -24.62 -3.01
H161 BGI D . 10.69 -20.85 -0.54
H181 BGI D . 10.60 -22.85 0.46
H191 BGI D . 9.76 -21.15 1.84
H231 BGI D . 9.48 -19.44 2.08
H151 BGI D . 13.01 -22.12 -2.00
H271 BGI D . 11.80 -17.18 5.88
H351 BGI D . 9.30 -23.50 -3.81
H352 BGI D . 9.79 -25.07 -3.79
H101 BGI D . 16.24 -23.20 -10.10
H111 BGI D . 12.98 -25.41 -5.22
H301 BGI D . 10.96 -22.83 3.86
H311 BGI D . 11.70 -24.44 1.57
P 3PE E . 42.83 -21.51 -17.30
O11 3PE E . 43.14 -21.47 -18.91
O12 3PE E . 42.53 -22.94 -16.88
O13 3PE E . 44.16 -20.98 -16.48
O14 3PE E . 41.65 -20.63 -16.98
C11 3PE E . 45.37 -21.66 -16.64
C1 3PE E . 42.26 -22.12 -19.78
C2 3PE E . 41.06 -21.22 -20.08
C3 3PE E . 41.52 -19.90 -20.70
O31 3PE E . 41.37 -19.95 -22.09
O32 3PE E . 43.48 -20.72 -22.29
C31 3PE E . 42.42 -20.55 -22.80
C32 3PE E . 42.19 -21.03 -24.24
C33 3PE E . 40.95 -21.92 -24.29
C34 3PE E . 40.66 -22.31 -25.73
C35 3PE E . 39.29 -23.01 -25.81
C36 3PE E . 38.70 -22.86 -27.21
C37 3PE E . 37.26 -23.38 -27.20
C38 3PE E . 36.52 -23.05 -28.49
C39 3PE E . 36.16 -21.57 -28.59
C3A 3PE E . 35.80 -21.21 -30.03
C3B 3PE E . 34.49 -21.89 -30.44
C3C 3PE E . 34.10 -21.41 -31.83
C3D 3PE E . 32.80 -22.10 -32.25
C3E 3PE E . 32.24 -21.42 -33.51
O21 3PE E . 40.23 -21.87 -21.00
O22 3PE E . 38.50 -20.63 -20.24
C21 3PE E . 38.88 -21.50 -20.97
C22 3PE E . 37.89 -22.23 -21.87
C23 3PE E . 36.64 -21.38 -22.13
C24 3PE E . 35.81 -22.09 -23.19
C25 3PE E . 34.42 -21.48 -23.31
C26 3PE E . 34.04 -21.40 -24.78
C27 3PE E . 32.53 -21.27 -24.95
C28 3PE E . 32.25 -20.84 -26.39
C29 3PE E . 30.76 -20.98 -26.72
C2A 3PE E . 30.26 -19.68 -27.34
C2B 3PE E . 30.83 -19.52 -28.74
C2C 3PE E . 30.28 -18.24 -29.38
H11 3PE E . 41.91 -23.03 -19.31
H12 3PE E . 42.77 -22.36 -20.71
H2 3PE E . 40.52 -21.03 -19.16
H31 3PE E . 42.56 -19.72 -20.43
H32 3PE E . 40.91 -19.10 -20.31
H321 3PE E . 43.06 -21.58 -24.57
H322 3PE E . 42.05 -20.16 -24.88
H331 3PE E . 40.10 -21.38 -23.87
H332 3PE E . 41.12 -22.81 -23.70
H341 3PE E . 41.42 -23.00 -26.08
H342 3PE E . 40.65 -21.43 -26.35
H351 3PE E . 38.62 -22.57 -25.08
H352 3PE E . 39.40 -24.06 -25.58
H361 3PE E . 39.29 -23.44 -27.90
H362 3PE E . 38.72 -21.82 -27.49
H371 3PE E . 36.73 -22.95 -26.35
H372 3PE E . 37.29 -24.46 -27.08
H381 3PE E . 35.60 -23.63 -28.53
H382 3PE E . 37.13 -23.33 -29.34
H391 3PE E . 37.02 -20.97 -28.29
H392 3PE E . 35.33 -21.35 -27.94
H3A1 3PE E . 36.59 -21.52 -30.70
H3A2 3PE E . 35.68 -20.14 -30.11
H3B1 3PE E . 33.71 -21.62 -29.73
H3B2 3PE E . 34.63 -22.97 -30.45
H3C1 3PE E . 34.88 -21.67 -32.54
H3C2 3PE E . 33.94 -20.34 -31.83
H3D1 3PE E . 32.07 -22.01 -31.46
H3D2 3PE E . 32.99 -23.15 -32.46
H221 3PE E . 37.59 -23.16 -21.40
H222 3PE E . 38.38 -22.44 -22.81
H231 3PE E . 36.93 -20.41 -22.49
H232 3PE E . 36.08 -21.28 -21.22
H241 3PE E . 35.72 -23.16 -22.94
H242 3PE E . 36.31 -22.00 -24.14
H251 3PE E . 34.41 -20.49 -22.86
H252 3PE E . 33.69 -22.11 -22.79
H261 3PE E . 34.39 -22.28 -25.30
H262 3PE E . 34.52 -20.52 -25.21
H271 3PE E . 32.14 -20.53 -24.26
H272 3PE E . 32.06 -22.23 -24.76
H281 3PE E . 32.83 -21.46 -27.06
H282 3PE E . 32.55 -19.81 -26.52
H291 3PE E . 30.20 -21.22 -25.83
H292 3PE E . 30.65 -21.78 -27.44
H2A1 3PE E . 30.55 -18.84 -26.72
H2A2 3PE E . 29.18 -19.72 -27.40
H2B1 3PE E . 30.55 -20.38 -29.35
H2B2 3PE E . 31.91 -19.45 -28.68
P 3PE F . -1.10 1.76 -34.92
N 3PE F . -1.12 6.08 -37.52
O11 3PE F . -2.53 1.90 -34.11
O12 3PE F . -1.30 0.93 -36.17
O13 3PE F . -0.57 3.26 -35.34
O14 3PE F . -0.08 1.09 -34.03
C11 3PE F . -1.21 3.93 -36.39
C12 3PE F . -0.31 5.02 -36.93
C1 3PE F . -2.62 1.44 -32.81
C2 3PE F . -1.86 2.34 -31.83
C3 3PE F . -2.54 3.71 -31.77
O31 3PE F . -2.92 4.02 -30.45
O32 3PE F . -4.63 2.59 -30.67
C31 3PE F . -4.13 3.45 -30.03
C32 3PE F . -4.84 3.95 -28.77
C33 3PE F . -3.88 3.87 -27.58
C34 3PE F . -4.59 4.28 -26.29
C35 3PE F . -3.52 4.64 -25.25
C36 3PE F . -4.12 5.03 -23.90
C37 3PE F . -3.10 5.88 -23.15
C38 3PE F . -3.48 6.02 -21.67
C39 3PE F . -2.29 6.59 -20.90
C3A 3PE F . -2.65 6.78 -19.41
C3B 3PE F . -3.04 5.44 -18.78
O21 3PE F . -1.85 1.75 -30.57
O22 3PE F . -0.28 3.20 -29.91
C21 3PE F . -0.75 2.12 -29.79
C22 3PE F . -0.14 1.14 -28.78
C23 3PE F . 0.25 1.86 -27.50
C24 3PE F . 1.51 1.25 -26.90
C25 3PE F . 1.23 -0.04 -26.13
C26 3PE F . 2.50 -0.41 -25.37
C27 3PE F . 2.26 -1.49 -24.33
C28 3PE F . 3.55 -1.85 -23.56
C29 3PE F . 4.43 -0.65 -23.19
C2A 3PE F . 3.69 0.29 -22.23
C2B 3PE F . 4.06 1.74 -22.53
C2C 3PE F . 3.37 2.64 -21.50
C2D 3PE F . 3.11 4.04 -22.06
C2E 3PE F . 4.34 4.93 -21.88
C2F 3PE F . 4.06 6.29 -22.52
C2G 3PE F . 5.18 7.27 -22.14
HN2 3PE F . -1.49 5.77 -38.39
H111 3PE F . -2.13 4.37 -36.01
H112 3PE F . -1.45 3.22 -37.18
H121 3PE F . 0.29 5.43 -36.13
H122 3PE F . 0.35 4.61 -37.69
H11 3PE F . -2.20 0.43 -32.75
H12 3PE F . -3.67 1.40 -32.51
H2 3PE F . -0.84 2.47 -32.18
H31 3PE F . -3.42 3.71 -32.40
H32 3PE F . -1.86 4.48 -32.12
H321 3PE F . -5.71 3.33 -28.58
H322 3PE F . -5.16 4.98 -28.91
H331 3PE F . -3.03 4.53 -27.75
H332 3PE F . -3.52 2.85 -27.48
H341 3PE F . -5.18 3.45 -25.92
H342 3PE F . -5.22 5.14 -26.46
H351 3PE F . -2.92 5.45 -25.63
H352 3PE F . -2.89 3.76 -25.11
H361 3PE F . -4.33 4.13 -23.34
H362 3PE F . -5.03 5.59 -24.06
H371 3PE F . -3.05 6.87 -23.58
H372 3PE F . -2.12 5.43 -23.19
H381 3PE F . -3.74 5.04 -21.28
H382 3PE F . -4.33 6.68 -21.57
H391 3PE F . -2.03 7.55 -21.33
H392 3PE F . -1.45 5.91 -20.98
H3A1 3PE F . -3.49 7.47 -19.33
H3A2 3PE F . -1.79 7.19 -18.89
H221 3PE F . 0.72 0.67 -29.22
H222 3PE F . -0.88 0.37 -28.55
H231 3PE F . -0.55 1.80 -26.79
H232 3PE F . 0.44 2.91 -27.72
H241 3PE F . 1.97 1.97 -26.23
H242 3PE F . 2.22 1.04 -27.70
H251 3PE F . 0.96 -0.83 -26.82
H252 3PE F . 0.42 0.13 -25.43
H261 3PE F . 2.89 0.49 -24.91
H262 3PE F . 3.23 -0.78 -26.09
H271 3PE F . 1.91 -2.38 -24.84
H272 3PE F . 1.50 -1.16 -23.64
H281 3PE F . 4.13 -2.50 -24.19
H282 3PE F . 3.28 -2.39 -22.66
H291 3PE F . 4.72 -0.11 -24.08
H292 3PE F . 5.33 -1.01 -22.69
H2A1 3PE F . 3.98 0.06 -21.21
H2A2 3PE F . 2.63 0.17 -22.33
H2B1 3PE F . 3.70 2.00 -23.53
H2B2 3PE F . 5.13 1.88 -22.48
H2C1 3PE F . 3.99 2.71 -20.62
H2C2 3PE F . 2.42 2.19 -21.23
H2D1 3PE F . 2.28 4.49 -21.54
H2D2 3PE F . 2.88 3.97 -23.12
H2E1 3PE F . 5.21 4.46 -22.35
H2E2 3PE F . 4.54 5.07 -20.82
H2F1 3PE F . 3.12 6.67 -22.15
H2F2 3PE F . 4.03 6.18 -23.60
P 3PE G . 14.23 13.04 -3.87
N 3PE G . 11.61 10.28 -0.84
O11 3PE G . 13.88 13.15 -5.47
O12 3PE G . 15.71 13.23 -3.66
O13 3PE G . 13.79 11.55 -3.32
O14 3PE G . 13.46 14.09 -3.12
C11 3PE G . 13.45 11.41 -1.96
C12 3PE G . 12.72 10.08 -1.76
C1 3PE G . 13.85 14.42 -6.06
C2 3PE G . 13.10 14.36 -7.38
C3 3PE G . 13.49 15.54 -8.28
O31 3PE G . 12.59 15.60 -9.34
O32 3PE G . 13.48 17.60 -9.84
C31 3PE G . 12.65 16.79 -10.09
C32 3PE G . 11.65 17.02 -11.22
C33 3PE G . 11.68 15.81 -12.15
C34 3PE G . 10.62 15.94 -13.24
C35 3PE G . 10.62 14.65 -14.06
C36 3PE G . 9.73 14.74 -15.30
C37 3PE G . 8.25 14.92 -14.92
C38 3PE G . 7.44 15.17 -16.19
C39 3PE G . 5.97 15.41 -15.82
O21 3PE G . 13.32 13.13 -8.04
O22 3PE G . 15.57 13.26 -7.89
C21 3PE G . 14.62 12.78 -8.42
C22 3PE G . 14.81 11.75 -9.53
C23 3PE G . 15.38 12.43 -10.78
C24 3PE G . 14.56 12.04 -12.00
C25 3PE G . 14.61 10.53 -12.24
C26 3PE G . 14.14 10.24 -13.66
C27 3PE G . 12.67 10.62 -13.81
C28 3PE G . 12.11 10.09 -15.13
C29 3PE G . 10.59 10.08 -15.06
C2A 3PE G . 9.97 10.52 -16.39
C2B 3PE G . 9.78 9.29 -17.29
C2C 3PE G . 8.94 9.67 -18.52
C2D 3PE G . 7.87 8.61 -18.73
HN2 3PE G . 11.05 11.05 -1.16
H111 3PE G . 12.80 12.23 -1.68
H112 3PE G . 14.35 11.44 -1.36
H121 3PE G . 12.35 9.72 -2.71
H122 3PE G . 13.41 9.36 -1.33
H11 3PE G . 14.87 14.78 -6.22
H12 3PE G . 13.34 15.11 -5.39
H2 3PE G . 12.04 14.45 -7.17
H31 3PE G . 14.50 15.40 -8.65
H32 3PE G . 13.44 16.45 -7.70
H321 3PE G . 11.93 17.91 -11.77
H322 3PE G . 10.66 17.14 -10.80
H331 3PE G . 11.49 14.91 -11.57
H332 3PE G . 12.66 15.73 -12.61
H341 3PE G . 10.87 16.79 -13.89
H342 3PE G . 9.65 16.10 -12.79
H351 3PE G . 10.30 13.83 -13.44
H352 3PE G . 11.64 14.47 -14.40
H361 3PE G . 9.82 13.82 -15.86
H362 3PE G . 10.04 15.57 -15.91
H371 3PE G . 8.12 15.76 -14.25
H372 3PE G . 7.88 14.02 -14.43
H381 3PE G . 7.50 14.30 -16.84
H382 3PE G . 7.82 16.04 -16.71
H221 3PE G . 13.85 11.31 -9.75
H222 3PE G . 15.50 10.98 -9.19
H231 3PE G . 16.42 12.12 -10.91
H232 3PE G . 15.35 13.50 -10.64
H241 3PE G . 14.96 12.55 -12.88
H242 3PE G . 13.53 12.35 -11.85
H251 3PE G . 13.95 10.02 -11.55
H252 3PE G . 15.62 10.17 -12.10
H261 3PE G . 14.27 9.18 -13.88
H262 3PE G . 14.73 10.82 -14.36
H271 3PE G . 12.56 11.69 -13.78
H272 3PE G . 12.10 10.19 -12.99
H281 3PE G . 12.47 9.09 -15.30
H282 3PE G . 12.45 10.73 -15.94
H291 3PE G . 10.24 10.75 -14.27
H292 3PE G . 10.27 9.07 -14.83
H2A1 3PE G . 10.60 11.25 -16.88
H2A2 3PE G . 8.99 10.95 -16.19
H2B1 3PE G . 9.26 8.52 -16.75
H2B2 3PE G . 10.75 8.93 -17.62
H2C1 3PE G . 9.58 9.71 -19.39
H2C2 3PE G . 8.47 10.64 -18.36
P 3PE H . -14.99 -11.11 -6.26
N 3PE H . -11.88 -9.58 -2.85
O11 3PE H . -14.87 -10.62 -7.83
O12 3PE H . -16.42 -11.41 -5.93
O13 3PE H . -14.43 -9.90 -5.28
O14 3PE H . -14.14 -12.35 -6.07
C11 3PE H . -13.89 -10.27 -4.03
C12 3PE H . -13.11 -9.09 -3.46
C1 3PE H . -14.97 -11.58 -8.84
C2 3PE H . -14.40 -11.03 -10.14
C3 3PE H . -14.97 -11.80 -11.34
O31 3PE H . -14.22 -11.46 -12.47
O32 3PE H . -15.22 -13.16 -13.54
C31 3PE H . -14.43 -12.28 -13.58
C32 3PE H . -13.61 -12.06 -14.85
C33 3PE H . -13.73 -10.59 -15.26
C34 3PE H . -12.84 -10.28 -16.46
C35 3PE H . -12.93 -8.78 -16.75
C36 3PE H . -12.22 -8.39 -18.05
C37 3PE H . -10.71 -8.65 -17.98
C38 3PE H . -10.10 -8.39 -19.35
C39 3PE H . -8.60 -8.72 -19.31
O21 3PE H . -14.68 -9.65 -10.26
O22 3PE H . -16.90 -9.88 -9.85
C21 3PE H . -16.02 -9.22 -10.30
C22 3PE H . -16.34 -7.86 -10.91
C23 3PE H . -17.10 -8.05 -12.22
C24 3PE H . -16.46 -7.22 -13.33
C25 3PE H . -16.50 -5.72 -12.99
C26 3PE H . -16.23 -4.92 -14.27
C27 3PE H . -14.81 -5.18 -14.74
C28 3PE H . -14.44 -4.20 -15.85
C29 3PE H . -12.91 -4.17 -16.00
C2A 3PE H . -12.50 -4.07 -17.48
C2B 3PE H . -12.42 -2.60 -17.89
C2C 3PE H . -11.77 -2.47 -19.26
C2D 3PE H . -10.71 -1.37 -19.22
HN2 3PE H . -11.40 -10.17 -3.50
H111 3PE H . -13.23 -11.11 -4.16
H112 3PE H . -14.70 -10.53 -3.36
H121 3PE H . -12.87 -8.39 -4.25
H122 3PE H . -13.71 -8.59 -2.70
H11 3PE H . -16.00 -11.88 -8.97
H12 3PE H . -14.39 -12.46 -8.54
H2 3PE H . -13.33 -11.15 -10.13
H31 3PE H . -16.01 -11.56 -11.49
H32 3PE H . -14.86 -12.86 -11.15
H321 3PE H . -13.97 -12.70 -15.64
H322 3PE H . -12.56 -12.29 -14.65
H331 3PE H . -13.43 -9.96 -14.43
H332 3PE H . -14.76 -10.37 -15.51
H341 3PE H . -13.21 -10.84 -17.33
H342 3PE H . -11.82 -10.56 -16.25
H351 3PE H . -12.50 -8.24 -15.92
H352 3PE H . -13.98 -8.51 -16.84
H361 3PE H . -12.37 -7.33 -18.22
H362 3PE H . -12.65 -8.95 -18.87
H371 3PE H . -10.52 -9.69 -17.69
H372 3PE H . -10.25 -7.99 -17.25
H381 3PE H . -10.23 -7.35 -19.62
H382 3PE H . -10.58 -9.02 -20.10
H221 3PE H . -15.41 -7.34 -11.10
H222 3PE H . -16.95 -7.28 -10.22
H231 3PE H . -18.14 -7.74 -12.09
H232 3PE H . -17.07 -9.10 -12.50
H241 3PE H . -17.00 -7.39 -14.26
H242 3PE H . -15.43 -7.53 -13.45
H251 3PE H . -15.73 -5.49 -12.26
H252 3PE H . -17.47 -5.47 -12.59
H261 3PE H . -16.36 -3.86 -14.06
H262 3PE H . -16.94 -5.22 -15.04
H271 3PE H . -14.73 -6.19 -15.12
H272 3PE H . -14.12 -5.07 -13.91
H281 3PE H . -14.78 -3.21 -15.58
H282 3PE H . -14.90 -4.50 -16.78
H291 3PE H . -12.48 -5.07 -15.57
H292 3PE H . -12.53 -3.30 -15.47
H2A1 3PE H . -13.21 -4.60 -18.10
H2A2 3PE H . -11.52 -4.52 -17.59
H2B1 3PE H . -11.81 -2.06 -17.17
H2B2 3PE H . -13.41 -2.16 -17.90
H2C1 3PE H . -12.53 -2.21 -19.99
H2C2 3PE H . -11.31 -3.41 -19.55
P 3PE I . -16.37 23.91 -13.40
N 3PE I . -14.81 22.74 -8.82
O11 3PE I . -16.65 22.68 -14.45
O12 3PE I . -17.63 24.25 -12.64
O13 3PE I . -15.19 23.43 -12.35
O14 3PE I . -15.90 25.12 -14.16
C11 3PE I . -15.55 22.83 -11.13
C12 3PE I . -14.35 22.90 -10.19
C1 3PE I . -15.51 22.07 -15.01
C2 3PE I . -15.86 21.37 -16.32
C3 3PE I . -16.52 22.37 -17.28
O31 3PE I . -15.58 22.87 -18.20
O32 3PE I . -15.13 24.59 -16.81
C31 3PE I . -14.91 24.03 -17.83
C32 3PE I . -13.85 24.60 -18.80
C33 3PE I . -13.30 25.92 -18.26
C34 3PE I . -12.23 26.43 -19.22
C35 3PE I . -11.96 27.92 -18.98
C36 3PE I . -11.73 28.62 -20.32
C37 3PE I . -11.73 30.13 -20.10
C38 3PE I . -11.03 30.82 -21.27
C39 3PE I . -11.10 32.33 -21.09
C3A 3PE I . -10.14 33.02 -22.06
O21 3PE I . -14.67 20.87 -16.85
O22 3PE I . -15.67 19.57 -18.38
C21 3PE I . -14.75 20.26 -18.11
C22 3PE I . -13.64 20.52 -19.13
C23 3PE I . -14.23 20.64 -20.53
C24 3PE I . -13.09 20.83 -21.54
C25 3PE I . -12.41 22.17 -21.28
C26 3PE I . -11.73 22.66 -22.57
C27 3PE I . -11.11 24.03 -22.31
C28 3PE I . -10.75 24.69 -23.65
C29 3PE I . -10.25 26.12 -23.42
C2A 3PE I . -10.43 26.92 -24.70
C2B 3PE I . -10.05 28.39 -24.44
C2C 3PE I . -10.47 29.23 -25.64
C2D 3PE I . -10.25 30.71 -25.32
C2E 3PE I . -10.84 31.57 -26.44
C2F 3PE I . -10.75 33.05 -26.06
C2G 3PE I . -11.25 33.91 -27.22
HN2 3PE I . -15.32 23.55 -8.54
H111 3PE I . -15.83 21.81 -11.30
H112 3PE I . -16.38 23.38 -10.71
H121 3PE I . -13.66 22.11 -10.43
H122 3PE I . -13.86 23.86 -10.30
H11 3PE I . -15.13 21.34 -14.30
H12 3PE I . -14.77 22.83 -15.19
H2 3PE I . -16.54 20.55 -16.12
H31 3PE I . -16.96 23.18 -16.71
H32 3PE I . -17.31 21.86 -17.82
H321 3PE I . -14.31 24.77 -19.76
H322 3PE I . -13.05 23.88 -18.90
H331 3PE I . -12.87 25.77 -17.28
H332 3PE I . -14.10 26.65 -18.19
H341 3PE I . -12.58 26.29 -20.23
H342 3PE I . -11.31 25.86 -19.07
H351 3PE I . -11.07 28.03 -18.37
H352 3PE I . -12.80 28.37 -18.47
H361 3PE I . -12.53 28.36 -21.00
H362 3PE I . -10.78 28.31 -20.74
H371 3PE I . -11.21 30.37 -19.19
H372 3PE I . -12.75 30.50 -20.04
H381 3PE I . -11.52 30.55 -22.20
H382 3PE I . -9.99 30.51 -21.32
H391 3PE I . -10.81 32.59 -20.07
H392 3PE I . -12.11 32.68 -21.27
H221 3PE I . -12.92 19.71 -19.09
H222 3PE I . -13.14 21.45 -18.87
H231 3PE I . -14.90 21.47 -20.58
H232 3PE I . -14.76 19.72 -20.77
H241 3PE I . -13.49 20.81 -22.54
H242 3PE I . -12.37 20.03 -21.42
H251 3PE I . -11.67 22.06 -20.50
H252 3PE I . -13.15 22.90 -20.98
H261 3PE I . -12.46 22.73 -23.36
H262 3PE I . -10.94 21.96 -22.84
H271 3PE I . -10.21 23.94 -21.72
H272 3PE I . -11.82 24.66 -21.78
H281 3PE I . -11.63 24.72 -24.29
H282 3PE I . -9.97 24.12 -24.14
H291 3PE I . -9.20 26.09 -23.15
H292 3PE I . -10.83 26.58 -22.63
H2A1 3PE I . -11.46 26.88 -25.02
H2A2 3PE I . -9.79 26.52 -25.48
H2B1 3PE I . -8.97 28.46 -24.30
H2B2 3PE I . -10.56 28.74 -23.55
H2C1 3PE I . -11.53 29.07 -25.85
H2C2 3PE I . -9.89 28.96 -26.51
H2D1 3PE I . -9.20 30.91 -25.23
H2D2 3PE I . -10.75 30.96 -24.39
H2E1 3PE I . -11.88 31.30 -26.60
H2E2 3PE I . -10.29 31.39 -27.36
H2F1 3PE I . -9.72 33.30 -25.85
H2F2 3PE I . -11.36 33.23 -25.19
C13 BGI J . -10.57 21.65 7.73
C17 BGI J . -11.58 19.34 10.12
C20 BGI J . -10.81 17.86 11.70
C24 BGI J . -8.35 15.02 10.98
C28 BGI J . -10.74 15.53 12.72
C01 BGI J . -11.70 21.54 5.28
C02 BGI J . -12.04 22.78 6.07
C03 BGI J . -12.09 23.98 5.12
C04 BGI J . -13.33 23.91 4.20
C06 BGI J . -14.51 24.87 2.47
C07 BGI J . -15.46 23.87 2.52
C08 BGI J . -15.36 22.85 3.45
C09 BGI J . -14.26 22.87 4.30
C12 BGI J . -10.96 23.01 7.13
C16 BGI J . -11.20 19.37 8.76
C18 BGI J . -10.52 20.14 10.96
C19 BGI J . -9.67 19.04 11.52
C23 BGI J . -9.02 16.31 10.94
C25 BGI J . -8.84 13.99 11.86
C32 BGI J . -11.89 18.24 7.96
N05 BGI J . -13.48 24.86 3.29
N15 BGI J . -11.60 20.70 8.17
N22 BGI J . -10.17 16.57 11.78
N27 BGI J . -9.98 14.20 12.71
N35 BGI J . -9.82 23.64 6.53
O10 BGI J . -16.56 23.90 1.62
O11 BGI J . -12.15 25.15 5.86
O14 BGI J . -9.43 21.36 7.84
O21 BGI J . -11.55 17.91 10.66
O26 BGI J . -8.29 12.94 11.89
O29 BGI J . -11.67 15.72 13.40
O30 BGI J . -9.09 19.45 12.81
O31 BGI J . -11.19 20.89 12.08
O33 BGI J . -12.66 18.51 7.01
O34 BGI J . -11.69 17.03 8.26
H171 BGI J . -12.57 19.77 10.26
H201 BGI J . -11.41 18.05 12.59
H241 BGI J . -7.48 14.84 10.35
H011 BGI J . -12.04 20.67 5.81
H013 BGI J . -10.62 21.49 5.15
H012 BGI J . -12.17 21.59 4.31
H021 BGI J . -13.01 22.66 6.54
H031 BGI J . -11.19 23.99 4.51
H061 BGI J . -14.61 25.66 1.74
H081 BGI J . -16.10 22.05 3.51
H091 BGI J . -14.14 22.10 5.03
H121 BGI J . -11.36 23.65 7.92
H161 BGI J . -10.13 19.26 8.68
H181 BGI J . -9.93 20.80 10.33
H191 BGI J . -8.90 18.74 10.80
H231 BGI J . -8.65 17.08 10.27
H151 BGI J . -12.57 20.94 8.08
H271 BGI J . -10.29 13.47 13.31
H351 BGI J . -9.04 22.99 6.55
H352 BGI J . -9.57 24.46 7.04
H101 BGI J . -16.90 24.77 1.56
H111 BGI J . -12.63 24.98 6.65
H301 BGI J . -9.78 19.65 13.42
H311 BGI J . -10.59 21.54 12.43
P 3PE K . -44.28 25.15 -1.86
O11 3PE K . -44.81 25.70 -3.32
O12 3PE K . -43.87 26.33 -1.00
O13 3PE K . -45.48 24.31 -1.11
O14 3PE K . -43.08 24.25 -2.06
C11 3PE K . -46.68 24.98 -0.83
C1 3PE K . -44.05 26.64 -4.01
C2 3PE K . -42.93 25.96 -4.79
C3 3PE K . -43.51 24.93 -5.77
O31 3PE K . -43.56 25.49 -7.05
O32 3PE K . -45.65 26.23 -6.65
C31 3PE K . -44.68 26.29 -7.33
C32 3PE K . -44.65 27.25 -8.51
C33 3PE K . -43.41 28.14 -8.42
C34 3PE K . -43.31 29.05 -9.64
C35 3PE K . -41.96 29.76 -9.65
C36 3PE K . -41.58 30.14 -11.07
C37 3PE K . -40.14 30.67 -11.08
C38 3PE K . -39.60 30.85 -12.50
C39 3PE K . -39.30 29.51 -13.19
C3A 3PE K . -39.15 29.72 -14.69
C3B 3PE K . -37.91 30.54 -15.01
C3C 3PE K . -37.72 30.62 -16.53
C3D 3PE K . -36.49 31.44 -16.85
C3E 3PE K . -36.14 31.29 -18.33
O21 3PE K . -42.21 26.91 -5.52
O22 3PE K . -40.43 25.53 -5.52
C21 3PE K . -40.88 26.59 -5.81
C22 3PE K . -40.02 27.64 -6.52
C23 3PE K . -38.85 26.97 -7.25
C24 3PE K . -38.15 28.04 -8.07
C25 3PE K . -36.81 27.55 -8.60
C26 3PE K . -36.66 28.03 -10.06
C27 3PE K . -35.19 28.01 -10.48
C28 3PE K . -35.13 28.14 -11.99
C29 3PE K . -33.71 28.43 -12.46
C2A 3PE K . -33.33 27.46 -13.58
C2B 3PE K . -34.10 27.81 -14.84
C2C 3PE K . -33.68 26.88 -15.98
H11 3PE K . -43.61 27.33 -3.29
H12 3PE K . -44.68 27.19 -4.70
H2 3PE K . -42.27 25.45 -4.09
H31 3PE K . -44.49 24.63 -5.44
H32 3PE K . -42.87 24.06 -5.78
H321 3PE K . -45.54 27.87 -8.49
H322 3PE K . -44.62 26.69 -9.44
H331 3PE K . -42.52 27.51 -8.35
H332 3PE K . -43.47 28.76 -7.52
H341 3PE K . -44.11 29.79 -9.60
H342 3PE K . -43.42 28.46 -10.54
H351 3PE K . -41.20 29.09 -9.24
H352 3PE K . -42.01 30.64 -9.04
H361 3PE K . -42.25 30.92 -11.43
H362 3PE K . -41.67 29.28 -11.72
H371 3PE K . -39.49 29.98 -10.54
H372 3PE K . -40.12 31.63 -10.58
H381 3PE K . -38.68 31.42 -12.45
H382 3PE K . -40.32 31.40 -13.09
H391 3PE K . -40.12 28.83 -13.00
H392 3PE K . -38.39 29.10 -12.78
H3A1 3PE K . -40.04 30.24 -15.09
H3A2 3PE K . -39.08 28.76 -15.19
H3B1 3PE K . -37.03 30.06 -14.57
H3B2 3PE K . -38.01 31.54 -14.60
H3C1 3PE K . -38.59 31.09 -16.96
H3C2 3PE K . -37.61 29.62 -16.93
H3D1 3PE K . -35.65 31.10 -16.25
H3D2 3PE K . -36.67 32.49 -16.63
H221 3PE K . -39.63 28.34 -5.79
H222 3PE K . -40.63 28.16 -7.23
H231 3PE K . -39.21 26.19 -7.90
H232 3PE K . -38.16 26.55 -6.52
H241 3PE K . -38.00 28.94 -7.47
H242 3PE K . -38.79 28.29 -8.92
H251 3PE K . -36.77 26.47 -8.57
H252 3PE K . -36.01 27.97 -8.01
H261 3PE K . -37.05 29.03 -10.15
H262 3PE K . -37.21 27.35 -10.69
H271 3PE K . -34.72 27.09 -10.17
H272 3PE K . -34.67 28.85 -10.01
H281 3PE K . -35.78 28.95 -12.30
H282 3PE K . -35.47 27.23 -12.45
H291 3PE K . -33.02 28.35 -11.64
H292 3PE K . -33.68 29.45 -12.85
H2A1 3PE K . -33.55 26.45 -13.27
H2A2 3PE K . -32.26 27.55 -13.77
H2B1 3PE K . -33.89 28.84 -15.12
H2B2 3PE K . -35.16 27.70 -14.66
P 3PE L . -3.99 11.16 -32.90
N 3PE L . -4.45 8.09 -36.87
O11 3PE L . -2.46 10.76 -32.42
O12 3PE L . -3.95 12.39 -33.77
O13 3PE L . -4.63 9.90 -33.76
O14 3PE L . -4.86 11.43 -31.69
C11 3PE L . -4.14 9.68 -35.06
C12 3PE L . -5.15 8.84 -35.83
C1 3PE L . -2.17 10.73 -31.06
C2 3PE L . -2.80 9.51 -30.39
C3 3PE L . -2.16 8.23 -30.92
O31 3PE L . -1.61 7.48 -29.87
O32 3PE L . 0.09 8.94 -29.80
C31 3PE L . -0.33 7.88 -29.46
C32 3PE L . 0.54 6.97 -28.59
C33 3PE L . -0.23 6.58 -27.33
C34 3PE L . 0.64 5.75 -26.39
C35 3PE L . -0.28 5.02 -25.41
C36 3PE L . 0.49 4.17 -24.40
C37 3PE L . -0.43 3.07 -23.87
C38 3PE L . 0.16 2.42 -22.62
C39 3PE L . -0.91 1.57 -21.95
C3A 3PE L . -0.36 0.86 -20.71
C3B 3PE L . 0.15 1.89 -19.69
O21 3PE L . -2.63 9.59 -29.01
O22 3PE L . -4.12 7.97 -28.70
C21 3PE L . -3.61 8.93 -28.26
C22 3PE L . -4.03 9.47 -26.89
C23 3PE L . -4.26 8.31 -25.92
C24 3PE L . -5.41 8.64 -24.97
C25 3PE L . -4.97 9.55 -23.83
C26 3PE L . -6.12 9.59 -22.81
C27 3PE L . -5.71 10.22 -21.49
C28 3PE L . -6.85 10.23 -20.47
C29 3PE L . -7.70 8.96 -20.44
C2A 3PE L . -6.86 7.75 -20.01
C2B 3PE L . -7.30 6.50 -20.76
C2C 3PE L . -6.49 5.31 -20.24
C2D 3PE L . -6.37 4.22 -21.31
C2E 3PE L . -7.58 3.29 -21.29
C2F 3PE L . -7.43 2.27 -22.41
C2G 3PE L . -8.51 1.19 -22.27
HN2 3PE L . -4.22 8.72 -37.62
H111 3PE L . -3.20 9.15 -35.01
H112 3PE L . -4.01 10.63 -35.57
H121 3PE L . -5.64 8.14 -35.16
H122 3PE L . -5.90 9.48 -36.29
H11 3PE L . -2.54 11.63 -30.58
H12 3PE L . -1.09 10.69 -30.93
H2 3PE L . -3.86 9.49 -30.61
H31 3PE L . -1.38 8.48 -31.63
H32 3PE L . -2.91 7.63 -31.43
H321 3PE L . 1.44 7.51 -28.31
H322 3PE L . 0.80 6.08 -29.14
H331 3PE L . -1.12 6.01 -27.61
H332 3PE L . -0.54 7.48 -26.81
H341 3PE L . 1.30 6.42 -25.83
H342 3PE L . 1.22 5.04 -26.95
H351 3PE L . -0.95 4.38 -25.97
H352 3PE L . -0.86 5.75 -24.87
H361 3PE L . 0.82 4.80 -23.58
H362 3PE L . 1.36 3.72 -24.88
H371 3PE L . -0.57 2.31 -24.63
H372 3PE L . -1.39 3.48 -23.61
H381 3PE L . 0.50 3.20 -21.94
H382 3PE L . 1.00 1.79 -22.89
H391 3PE L . -1.27 0.83 -22.65
H392 3PE L . -1.74 2.21 -21.65
H3A1 3PE L . 0.46 0.22 -21.00
H3A2 3PE L . -1.14 0.27 -20.26
H221 3PE L . -4.95 10.04 -27.01
H222 3PE L . -3.25 10.12 -26.50
H231 3PE L . -3.35 8.14 -25.36
H232 3PE L . -4.51 7.42 -26.48
H241 3PE L . -5.78 7.70 -24.55
H242 3PE L . -6.21 9.10 -25.52
H251 3PE L . -4.79 10.55 -24.21
H252 3PE L . -4.08 9.16 -23.37
H261 3PE L . -6.45 8.57 -22.66
H262 3PE L . -6.93 10.17 -23.24
H271 3PE L . -5.40 11.24 -21.69
H272 3PE L . -4.86 9.68 -21.09
H281 3PE L . -7.51 11.07 -20.73
H282 3PE L . -6.44 10.41 -19.48
H291 3PE L . -8.13 8.78 -21.41
H292 3PE L . -8.50 9.09 -19.72
H2A1 3PE L . -6.99 7.59 -18.95
H2A2 3PE L . -5.81 7.94 -20.21
H2B1 3PE L . -7.11 6.64 -21.82
H2B2 3PE L . -8.36 6.32 -20.62
H2C1 3PE L . -6.98 4.91 -19.37
H2C2 3PE L . -5.51 5.66 -19.97
H2D1 3PE L . -5.48 3.63 -21.11
H2D2 3PE L . -6.28 4.67 -22.29
H2E1 3PE L . -8.50 3.87 -21.43
H2E2 3PE L . -7.62 2.77 -20.34
H2F1 3PE L . -6.46 1.81 -22.35
H2F2 3PE L . -7.55 2.77 -23.37
#